data_5QS5
# 
_entry.id   5QS5 
# 
_audit_conform.dict_name       mmcif_pdbx.dic 
_audit_conform.dict_version    5.387 
_audit_conform.dict_location   http://mmcif.pdb.org/dictionaries/ascii/mmcif_pdbx.dic 
# 
loop_
_database_2.database_id 
_database_2.database_code 
_database_2.pdbx_database_accession 
_database_2.pdbx_DOI 
PDB   5QS5         pdb_00005qs5 10.2210/pdb5qs5/pdb 
WWPDB D_1001402338 ?            ?                   
# 
loop_
_pdbx_audit_revision_history.ordinal 
_pdbx_audit_revision_history.data_content_type 
_pdbx_audit_revision_history.major_revision 
_pdbx_audit_revision_history.minor_revision 
_pdbx_audit_revision_history.revision_date 
1 'Structure model' 1 0 2019-07-10 
2 'Structure model' 1 1 2019-08-07 
3 'Structure model' 1 2 2024-03-06 
# 
_pdbx_audit_revision_details.ordinal             1 
_pdbx_audit_revision_details.revision_ordinal    1 
_pdbx_audit_revision_details.data_content_type   'Structure model' 
_pdbx_audit_revision_details.provider            repository 
_pdbx_audit_revision_details.type                'Initial release' 
_pdbx_audit_revision_details.description         ? 
_pdbx_audit_revision_details.details             ? 
# 
loop_
_pdbx_audit_revision_group.ordinal 
_pdbx_audit_revision_group.revision_ordinal 
_pdbx_audit_revision_group.data_content_type 
_pdbx_audit_revision_group.group 
1 2 'Structure model' 'Author supporting evidence' 
2 2 'Structure model' 'Data collection'            
3 2 'Structure model' 'Structure summary'          
4 3 'Structure model' 'Data collection'            
5 3 'Structure model' 'Database references'        
6 3 'Structure model' 'Derived calculations'       
# 
loop_
_pdbx_audit_revision_category.ordinal 
_pdbx_audit_revision_category.revision_ordinal 
_pdbx_audit_revision_category.data_content_type 
_pdbx_audit_revision_category.category 
1 2 'Structure model' pdbx_entity_instance_feature 
2 2 'Structure model' pdbx_entry_details           
3 3 'Structure model' chem_comp_atom               
4 3 'Structure model' chem_comp_bond               
5 3 'Structure model' database_2                   
6 3 'Structure model' pdbx_struct_conn_angle       
7 3 'Structure model' struct_conn                  
# 
loop_
_pdbx_audit_revision_item.ordinal 
_pdbx_audit_revision_item.revision_ordinal 
_pdbx_audit_revision_item.data_content_type 
_pdbx_audit_revision_item.item 
1  3 'Structure model' '_database_2.pdbx_DOI'                        
2  3 'Structure model' '_database_2.pdbx_database_accession'         
3  3 'Structure model' '_pdbx_struct_conn_angle.ptnr1_auth_comp_id'  
4  3 'Structure model' '_pdbx_struct_conn_angle.ptnr1_auth_seq_id'   
5  3 'Structure model' '_pdbx_struct_conn_angle.ptnr1_label_alt_id'  
6  3 'Structure model' '_pdbx_struct_conn_angle.ptnr1_label_asym_id' 
7  3 'Structure model' '_pdbx_struct_conn_angle.ptnr1_label_atom_id' 
8  3 'Structure model' '_pdbx_struct_conn_angle.ptnr1_label_comp_id' 
9  3 'Structure model' '_pdbx_struct_conn_angle.ptnr1_label_seq_id'  
10 3 'Structure model' '_pdbx_struct_conn_angle.ptnr1_symmetry'      
11 3 'Structure model' '_pdbx_struct_conn_angle.ptnr2_auth_seq_id'   
12 3 'Structure model' '_pdbx_struct_conn_angle.ptnr2_label_asym_id' 
13 3 'Structure model' '_pdbx_struct_conn_angle.ptnr3_auth_comp_id'  
14 3 'Structure model' '_pdbx_struct_conn_angle.ptnr3_auth_seq_id'   
15 3 'Structure model' '_pdbx_struct_conn_angle.ptnr3_label_alt_id'  
16 3 'Structure model' '_pdbx_struct_conn_angle.ptnr3_label_asym_id' 
17 3 'Structure model' '_pdbx_struct_conn_angle.ptnr3_label_atom_id' 
18 3 'Structure model' '_pdbx_struct_conn_angle.ptnr3_label_comp_id' 
19 3 'Structure model' '_pdbx_struct_conn_angle.ptnr3_label_seq_id'  
20 3 'Structure model' '_pdbx_struct_conn_angle.ptnr3_symmetry'      
21 3 'Structure model' '_pdbx_struct_conn_angle.value'               
22 3 'Structure model' '_struct_conn.pdbx_dist_value'                
23 3 'Structure model' '_struct_conn.pdbx_ptnr1_label_alt_id'        
24 3 'Structure model' '_struct_conn.ptnr1_auth_comp_id'             
25 3 'Structure model' '_struct_conn.ptnr1_auth_seq_id'              
26 3 'Structure model' '_struct_conn.ptnr1_label_asym_id'            
27 3 'Structure model' '_struct_conn.ptnr1_label_atom_id'            
28 3 'Structure model' '_struct_conn.ptnr1_label_comp_id'            
29 3 'Structure model' '_struct_conn.ptnr1_label_seq_id'             
30 3 'Structure model' '_struct_conn.ptnr2_auth_comp_id'             
31 3 'Structure model' '_struct_conn.ptnr2_auth_seq_id'              
32 3 'Structure model' '_struct_conn.ptnr2_label_asym_id'            
33 3 'Structure model' '_struct_conn.ptnr2_label_atom_id'            
34 3 'Structure model' '_struct_conn.ptnr2_label_comp_id'            
35 3 'Structure model' '_struct_conn.ptnr2_symmetry'                 
# 
_pdbx_database_status.entry_id                        5QS5 
_pdbx_database_status.status_code                     REL 
_pdbx_database_status.status_code_sf                  REL 
_pdbx_database_status.status_code_mr                  ? 
_pdbx_database_status.status_code_cs                  ? 
_pdbx_database_status.recvd_initial_deposition_date   2019-05-25 
_pdbx_database_status.deposit_site                    RCSB 
_pdbx_database_status.process_site                    RCSB 
_pdbx_database_status.SG_entry                        ? 
_pdbx_database_status.pdb_format_compatible           Y 
_pdbx_database_status.methods_development_category    ? 
_pdbx_database_status.status_code_nmr_data            ? 
# 
loop_
_audit_author.name 
_audit_author.pdbx_ordinal 
'Newman, J.A.'        1  
'Gavard, A.E.'        2  
'Fernandez-Cid, A.'   3  
'Sherestha, L.'       4  
'Burgess-Brown, N.A.' 5  
'von Delft, F.'       6  
'Arrowsmith, C.H.'    7  
'Edwards, A.'         8  
'Bountra, C.'         9  
'Gileadi, O.'         10 
# 
_citation.id                        primary 
_citation.title                     'PanDDA analysis group deposition' 
_citation.journal_abbrev            'To Be Published' 
_citation.journal_volume            ? 
_citation.page_first                ? 
_citation.page_last                 ? 
_citation.year                      ? 
_citation.journal_id_ASTM           ? 
_citation.country                   ? 
_citation.journal_id_ISSN           ? 
_citation.journal_id_CSD            0353 
_citation.book_publisher            ? 
_citation.pdbx_database_id_PubMed   ? 
_citation.pdbx_database_id_DOI      ? 
# 
loop_
_citation_author.citation_id 
_citation_author.name 
_citation_author.identifier_ORCID 
_citation_author.ordinal 
primary 'Newman, J.A.'        ? 1  
primary 'Gavard, A.E.'        ? 2  
primary 'Fernandez-Cid, A.'   ? 3  
primary 'Sherestha, L.'       ? 4  
primary 'Burgess-Brown, N.A.' ? 5  
primary 'von Delft, F.'       ? 6  
primary 'Arrowsmith, C.H.'    ? 7  
primary 'Edwards, A.'         ? 8  
primary 'Bountra, C.'         ? 9  
primary 'Gileadi, O.'         ? 10 
# 
loop_
_entity.id 
_entity.type 
_entity.src_method 
_entity.pdbx_description 
_entity.formula_weight 
_entity.pdbx_number_of_molecules 
_entity.pdbx_ec 
_entity.pdbx_mutation 
_entity.pdbx_fragment 
_entity.details 
1 polymer     man 'T-box transcription factor T'                           19597.586 1  ? ? ? ? 
2 non-polymer syn 'CADMIUM ION'                                            112.411   5  ? ? ? ? 
3 non-polymer syn '1-(3-methylbenzene-1-carbonyl)piperidine-4-carboxamide' 246.305   1  ? ? ? ? 
4 water       nat water                                                    18.015    73 ? ? ? ? 
# 
_entity_name_com.entity_id   1 
_entity_name_com.name        'Brachyury protein,Protein T' 
# 
_entity_poly.entity_id                      1 
_entity_poly.type                           'polypeptide(L)' 
_entity_poly.nstd_linkage                   no 
_entity_poly.nstd_monomer                   no 
_entity_poly.pdbx_seq_one_letter_code       
;GELRVGLEESELWLRFKELTNEMIVTKNGRRMFPVLKVNVSGLDPNAMYSFLLDFVAADNHRWKYVNGEWVPGGKPEPQA
PSCVYIHPDSPNFGAHWMKAPVSFSKVKLTNKLNGGGQIMLNSLHKYEPRIHIVRVGGPQRMITSHCFPETQFIAVTAYQ
NEEITALKIKYN
;
_entity_poly.pdbx_seq_one_letter_code_can   
;GELRVGLEESELWLRFKELTNEMIVTKNGRRMFPVLKVNVSGLDPNAMYSFLLDFVAADNHRWKYVNGEWVPGGKPEPQA
PSCVYIHPDSPNFGAHWMKAPVSFSKVKLTNKLNGGGQIMLNSLHKYEPRIHIVRVGGPQRMITSHCFPETQFIAVTAYQ
NEEITALKIKYN
;
_entity_poly.pdbx_strand_id                 A 
_entity_poly.pdbx_target_identifier         ? 
# 
loop_
_pdbx_entity_nonpoly.entity_id 
_pdbx_entity_nonpoly.name 
_pdbx_entity_nonpoly.comp_id 
2 'CADMIUM ION'                                            CD  
3 '1-(3-methylbenzene-1-carbonyl)piperidine-4-carboxamide' NZJ 
4 water                                                    HOH 
# 
loop_
_entity_poly_seq.entity_id 
_entity_poly_seq.num 
_entity_poly_seq.mon_id 
_entity_poly_seq.hetero 
1 1   GLY n 
1 2   GLU n 
1 3   LEU n 
1 4   ARG n 
1 5   VAL n 
1 6   GLY n 
1 7   LEU n 
1 8   GLU n 
1 9   GLU n 
1 10  SER n 
1 11  GLU n 
1 12  LEU n 
1 13  TRP n 
1 14  LEU n 
1 15  ARG n 
1 16  PHE n 
1 17  LYS n 
1 18  GLU n 
1 19  LEU n 
1 20  THR n 
1 21  ASN n 
1 22  GLU n 
1 23  MET n 
1 24  ILE n 
1 25  VAL n 
1 26  THR n 
1 27  LYS n 
1 28  ASN n 
1 29  GLY n 
1 30  ARG n 
1 31  ARG n 
1 32  MET n 
1 33  PHE n 
1 34  PRO n 
1 35  VAL n 
1 36  LEU n 
1 37  LYS n 
1 38  VAL n 
1 39  ASN n 
1 40  VAL n 
1 41  SER n 
1 42  GLY n 
1 43  LEU n 
1 44  ASP n 
1 45  PRO n 
1 46  ASN n 
1 47  ALA n 
1 48  MET n 
1 49  TYR n 
1 50  SER n 
1 51  PHE n 
1 52  LEU n 
1 53  LEU n 
1 54  ASP n 
1 55  PHE n 
1 56  VAL n 
1 57  ALA n 
1 58  ALA n 
1 59  ASP n 
1 60  ASN n 
1 61  HIS n 
1 62  ARG n 
1 63  TRP n 
1 64  LYS n 
1 65  TYR n 
1 66  VAL n 
1 67  ASN n 
1 68  GLY n 
1 69  GLU n 
1 70  TRP n 
1 71  VAL n 
1 72  PRO n 
1 73  GLY n 
1 74  GLY n 
1 75  LYS n 
1 76  PRO n 
1 77  GLU n 
1 78  PRO n 
1 79  GLN n 
1 80  ALA n 
1 81  PRO n 
1 82  SER n 
1 83  CYS n 
1 84  VAL n 
1 85  TYR n 
1 86  ILE n 
1 87  HIS n 
1 88  PRO n 
1 89  ASP n 
1 90  SER n 
1 91  PRO n 
1 92  ASN n 
1 93  PHE n 
1 94  GLY n 
1 95  ALA n 
1 96  HIS n 
1 97  TRP n 
1 98  MET n 
1 99  LYS n 
1 100 ALA n 
1 101 PRO n 
1 102 VAL n 
1 103 SER n 
1 104 PHE n 
1 105 SER n 
1 106 LYS n 
1 107 VAL n 
1 108 LYS n 
1 109 LEU n 
1 110 THR n 
1 111 ASN n 
1 112 LYS n 
1 113 LEU n 
1 114 ASN n 
1 115 GLY n 
1 116 GLY n 
1 117 GLY n 
1 118 GLN n 
1 119 ILE n 
1 120 MET n 
1 121 LEU n 
1 122 ASN n 
1 123 SER n 
1 124 LEU n 
1 125 HIS n 
1 126 LYS n 
1 127 TYR n 
1 128 GLU n 
1 129 PRO n 
1 130 ARG n 
1 131 ILE n 
1 132 HIS n 
1 133 ILE n 
1 134 VAL n 
1 135 ARG n 
1 136 VAL n 
1 137 GLY n 
1 138 GLY n 
1 139 PRO n 
1 140 GLN n 
1 141 ARG n 
1 142 MET n 
1 143 ILE n 
1 144 THR n 
1 145 SER n 
1 146 HIS n 
1 147 CYS n 
1 148 PHE n 
1 149 PRO n 
1 150 GLU n 
1 151 THR n 
1 152 GLN n 
1 153 PHE n 
1 154 ILE n 
1 155 ALA n 
1 156 VAL n 
1 157 THR n 
1 158 ALA n 
1 159 TYR n 
1 160 GLN n 
1 161 ASN n 
1 162 GLU n 
1 163 GLU n 
1 164 ILE n 
1 165 THR n 
1 166 ALA n 
1 167 LEU n 
1 168 LYS n 
1 169 ILE n 
1 170 LYS n 
1 171 TYR n 
1 172 ASN n 
# 
_entity_src_gen.entity_id                          1 
_entity_src_gen.pdbx_src_id                        1 
_entity_src_gen.pdbx_alt_source_flag               sample 
_entity_src_gen.pdbx_seq_type                      'Biological sequence' 
_entity_src_gen.pdbx_beg_seq_num                   1 
_entity_src_gen.pdbx_end_seq_num                   172 
_entity_src_gen.gene_src_common_name               Human 
_entity_src_gen.gene_src_genus                     ? 
_entity_src_gen.pdbx_gene_src_gene                 'TBXT, T' 
_entity_src_gen.gene_src_species                   ? 
_entity_src_gen.gene_src_strain                    ? 
_entity_src_gen.gene_src_tissue                    ? 
_entity_src_gen.gene_src_tissue_fraction           ? 
_entity_src_gen.gene_src_details                   ? 
_entity_src_gen.pdbx_gene_src_fragment             ? 
_entity_src_gen.pdbx_gene_src_scientific_name      'Homo sapiens' 
_entity_src_gen.pdbx_gene_src_ncbi_taxonomy_id     9606 
_entity_src_gen.pdbx_gene_src_variant              ? 
_entity_src_gen.pdbx_gene_src_cell_line            ? 
_entity_src_gen.pdbx_gene_src_atcc                 ? 
_entity_src_gen.pdbx_gene_src_organ                ? 
_entity_src_gen.pdbx_gene_src_organelle            ? 
_entity_src_gen.pdbx_gene_src_cell                 ? 
_entity_src_gen.pdbx_gene_src_cellular_location    ? 
_entity_src_gen.host_org_common_name               ? 
_entity_src_gen.pdbx_host_org_scientific_name      'Escherichia coli' 
_entity_src_gen.pdbx_host_org_ncbi_taxonomy_id     562 
_entity_src_gen.host_org_genus                     ? 
_entity_src_gen.pdbx_host_org_gene                 ? 
_entity_src_gen.pdbx_host_org_organ                ? 
_entity_src_gen.host_org_species                   ? 
_entity_src_gen.pdbx_host_org_tissue               ? 
_entity_src_gen.pdbx_host_org_tissue_fraction      ? 
_entity_src_gen.pdbx_host_org_strain               ? 
_entity_src_gen.pdbx_host_org_variant              ? 
_entity_src_gen.pdbx_host_org_cell_line            ? 
_entity_src_gen.pdbx_host_org_atcc                 ? 
_entity_src_gen.pdbx_host_org_culture_collection   ? 
_entity_src_gen.pdbx_host_org_cell                 ? 
_entity_src_gen.pdbx_host_org_organelle            ? 
_entity_src_gen.pdbx_host_org_cellular_location    ? 
_entity_src_gen.pdbx_host_org_vector_type          ? 
_entity_src_gen.pdbx_host_org_vector               ? 
_entity_src_gen.host_org_details                   ? 
_entity_src_gen.expression_system_id               ? 
_entity_src_gen.plasmid_name                       ? 
_entity_src_gen.plasmid_details                    ? 
_entity_src_gen.pdbx_description                   ? 
# 
loop_
_chem_comp.id 
_chem_comp.type 
_chem_comp.mon_nstd_flag 
_chem_comp.name 
_chem_comp.pdbx_synonyms 
_chem_comp.formula 
_chem_comp.formula_weight 
ALA 'L-peptide linking' y ALANINE                                                  ? 'C3 H7 N O2'     89.093  
ARG 'L-peptide linking' y ARGININE                                                 ? 'C6 H15 N4 O2 1' 175.209 
ASN 'L-peptide linking' y ASPARAGINE                                               ? 'C4 H8 N2 O3'    132.118 
ASP 'L-peptide linking' y 'ASPARTIC ACID'                                          ? 'C4 H7 N O4'     133.103 
CD  non-polymer         . 'CADMIUM ION'                                            ? 'Cd 2'           112.411 
CYS 'L-peptide linking' y CYSTEINE                                                 ? 'C3 H7 N O2 S'   121.158 
GLN 'L-peptide linking' y GLUTAMINE                                                ? 'C5 H10 N2 O3'   146.144 
GLU 'L-peptide linking' y 'GLUTAMIC ACID'                                          ? 'C5 H9 N O4'     147.129 
GLY 'peptide linking'   y GLYCINE                                                  ? 'C2 H5 N O2'     75.067  
HIS 'L-peptide linking' y HISTIDINE                                                ? 'C6 H10 N3 O2 1' 156.162 
HOH non-polymer         . WATER                                                    ? 'H2 O'           18.015  
ILE 'L-peptide linking' y ISOLEUCINE                                               ? 'C6 H13 N O2'    131.173 
LEU 'L-peptide linking' y LEUCINE                                                  ? 'C6 H13 N O2'    131.173 
LYS 'L-peptide linking' y LYSINE                                                   ? 'C6 H15 N2 O2 1' 147.195 
MET 'L-peptide linking' y METHIONINE                                               ? 'C5 H11 N O2 S'  149.211 
NZJ non-polymer         . '1-(3-methylbenzene-1-carbonyl)piperidine-4-carboxamide' ? 'C14 H18 N2 O2'  246.305 
PHE 'L-peptide linking' y PHENYLALANINE                                            ? 'C9 H11 N O2'    165.189 
PRO 'L-peptide linking' y PROLINE                                                  ? 'C5 H9 N O2'     115.130 
SER 'L-peptide linking' y SERINE                                                   ? 'C3 H7 N O3'     105.093 
THR 'L-peptide linking' y THREONINE                                                ? 'C4 H9 N O3'     119.119 
TRP 'L-peptide linking' y TRYPTOPHAN                                               ? 'C11 H12 N2 O2'  204.225 
TYR 'L-peptide linking' y TYROSINE                                                 ? 'C9 H11 N O3'    181.189 
VAL 'L-peptide linking' y VALINE                                                   ? 'C5 H11 N O2'    117.146 
# 
loop_
_pdbx_poly_seq_scheme.asym_id 
_pdbx_poly_seq_scheme.entity_id 
_pdbx_poly_seq_scheme.seq_id 
_pdbx_poly_seq_scheme.mon_id 
_pdbx_poly_seq_scheme.ndb_seq_num 
_pdbx_poly_seq_scheme.pdb_seq_num 
_pdbx_poly_seq_scheme.auth_seq_num 
_pdbx_poly_seq_scheme.pdb_mon_id 
_pdbx_poly_seq_scheme.auth_mon_id 
_pdbx_poly_seq_scheme.pdb_strand_id 
_pdbx_poly_seq_scheme.pdb_ins_code 
_pdbx_poly_seq_scheme.hetero 
A 1 1   GLY 1   40  ?   ?   ?   A . n 
A 1 2   GLU 2   41  41  GLU GLU A . n 
A 1 3   LEU 3   42  42  LEU LEU A . n 
A 1 4   ARG 4   43  43  ARG ARG A . n 
A 1 5   VAL 5   44  44  VAL VAL A . n 
A 1 6   GLY 6   45  45  GLY GLY A . n 
A 1 7   LEU 7   46  46  LEU LEU A . n 
A 1 8   GLU 8   47  47  GLU GLU A . n 
A 1 9   GLU 9   48  48  GLU GLU A . n 
A 1 10  SER 10  49  49  SER SER A . n 
A 1 11  GLU 11  50  50  GLU GLU A . n 
A 1 12  LEU 12  51  51  LEU LEU A . n 
A 1 13  TRP 13  52  52  TRP TRP A . n 
A 1 14  LEU 14  53  53  LEU LEU A . n 
A 1 15  ARG 15  54  54  ARG ARG A . n 
A 1 16  PHE 16  55  55  PHE PHE A . n 
A 1 17  LYS 17  56  56  LYS LYS A . n 
A 1 18  GLU 18  57  57  GLU GLU A . n 
A 1 19  LEU 19  58  58  LEU LEU A . n 
A 1 20  THR 20  59  59  THR THR A . n 
A 1 21  ASN 21  60  60  ASN ASN A . n 
A 1 22  GLU 22  61  61  GLU GLU A . n 
A 1 23  MET 23  62  62  MET MET A . n 
A 1 24  ILE 24  63  63  ILE ILE A . n 
A 1 25  VAL 25  64  64  VAL VAL A . n 
A 1 26  THR 26  65  65  THR THR A . n 
A 1 27  LYS 27  66  66  LYS LYS A . n 
A 1 28  ASN 28  67  67  ASN ASN A . n 
A 1 29  GLY 29  68  68  GLY GLY A . n 
A 1 30  ARG 30  69  69  ARG ARG A . n 
A 1 31  ARG 31  70  70  ARG ARG A . n 
A 1 32  MET 32  71  71  MET MET A . n 
A 1 33  PHE 33  72  72  PHE PHE A . n 
A 1 34  PRO 34  73  73  PRO PRO A . n 
A 1 35  VAL 35  74  74  VAL VAL A . n 
A 1 36  LEU 36  75  75  LEU LEU A . n 
A 1 37  LYS 37  76  76  LYS LYS A . n 
A 1 38  VAL 38  77  77  VAL VAL A . n 
A 1 39  ASN 39  78  78  ASN ASN A . n 
A 1 40  VAL 40  79  79  VAL VAL A . n 
A 1 41  SER 41  80  80  SER SER A . n 
A 1 42  GLY 42  81  81  GLY GLY A . n 
A 1 43  LEU 43  82  82  LEU LEU A . n 
A 1 44  ASP 44  83  83  ASP ASP A . n 
A 1 45  PRO 45  84  84  PRO PRO A . n 
A 1 46  ASN 46  85  85  ASN ASN A . n 
A 1 47  ALA 47  86  86  ALA ALA A . n 
A 1 48  MET 48  87  87  MET MET A . n 
A 1 49  TYR 49  88  88  TYR TYR A . n 
A 1 50  SER 50  89  89  SER SER A . n 
A 1 51  PHE 51  90  90  PHE PHE A . n 
A 1 52  LEU 52  91  91  LEU LEU A . n 
A 1 53  LEU 53  92  92  LEU LEU A . n 
A 1 54  ASP 54  93  93  ASP ASP A . n 
A 1 55  PHE 55  94  94  PHE PHE A . n 
A 1 56  VAL 56  95  95  VAL VAL A . n 
A 1 57  ALA 57  96  96  ALA ALA A . n 
A 1 58  ALA 58  97  97  ALA ALA A . n 
A 1 59  ASP 59  98  98  ASP ASP A . n 
A 1 60  ASN 60  99  99  ASN ASN A . n 
A 1 61  HIS 61  100 100 HIS HIS A . n 
A 1 62  ARG 62  101 101 ARG ARG A . n 
A 1 63  TRP 63  102 102 TRP TRP A . n 
A 1 64  LYS 64  103 103 LYS LYS A . n 
A 1 65  TYR 65  104 104 TYR TYR A . n 
A 1 66  VAL 66  105 105 VAL VAL A . n 
A 1 67  ASN 67  106 106 ASN ASN A . n 
A 1 68  GLY 68  107 107 GLY GLY A . n 
A 1 69  GLU 69  108 108 GLU GLU A . n 
A 1 70  TRP 70  109 109 TRP TRP A . n 
A 1 71  VAL 71  110 110 VAL VAL A . n 
A 1 72  PRO 72  111 111 PRO PRO A . n 
A 1 73  GLY 73  112 112 GLY GLY A . n 
A 1 74  GLY 74  113 113 GLY GLY A . n 
A 1 75  LYS 75  114 114 LYS LYS A . n 
A 1 76  PRO 76  115 115 PRO PRO A . n 
A 1 77  GLU 77  116 116 GLU GLU A . n 
A 1 78  PRO 78  117 117 PRO PRO A . n 
A 1 79  GLN 79  118 118 GLN GLN A . n 
A 1 80  ALA 80  119 119 ALA ALA A . n 
A 1 81  PRO 81  120 120 PRO PRO A . n 
A 1 82  SER 82  121 121 SER SER A . n 
A 1 83  CYS 83  122 122 CYS CYS A . n 
A 1 84  VAL 84  123 123 VAL VAL A . n 
A 1 85  TYR 85  124 124 TYR TYR A . n 
A 1 86  ILE 86  125 125 ILE ILE A . n 
A 1 87  HIS 87  126 126 HIS HIS A . n 
A 1 88  PRO 88  127 127 PRO PRO A . n 
A 1 89  ASP 89  128 128 ASP ASP A . n 
A 1 90  SER 90  129 129 SER SER A . n 
A 1 91  PRO 91  130 130 PRO PRO A . n 
A 1 92  ASN 92  131 131 ASN ASN A . n 
A 1 93  PHE 93  132 132 PHE PHE A . n 
A 1 94  GLY 94  133 133 GLY GLY A . n 
A 1 95  ALA 95  134 134 ALA ALA A . n 
A 1 96  HIS 96  135 135 HIS HIS A . n 
A 1 97  TRP 97  136 136 TRP TRP A . n 
A 1 98  MET 98  137 137 MET MET A . n 
A 1 99  LYS 99  138 138 LYS LYS A . n 
A 1 100 ALA 100 139 139 ALA ALA A . n 
A 1 101 PRO 101 140 140 PRO PRO A . n 
A 1 102 VAL 102 141 141 VAL VAL A . n 
A 1 103 SER 103 142 142 SER SER A . n 
A 1 104 PHE 104 143 143 PHE PHE A . n 
A 1 105 SER 105 144 144 SER SER A . n 
A 1 106 LYS 106 145 145 LYS LYS A . n 
A 1 107 VAL 107 146 146 VAL VAL A . n 
A 1 108 LYS 108 147 147 LYS LYS A . n 
A 1 109 LEU 109 148 148 LEU LEU A . n 
A 1 110 THR 110 149 149 THR THR A . n 
A 1 111 ASN 111 150 150 ASN ASN A . n 
A 1 112 LYS 112 151 151 LYS LYS A . n 
A 1 113 LEU 113 152 152 LEU LEU A . n 
A 1 114 ASN 114 153 153 ASN ASN A . n 
A 1 115 GLY 115 154 154 GLY GLY A . n 
A 1 116 GLY 116 155 155 GLY GLY A . n 
A 1 117 GLY 117 156 156 GLY GLY A . n 
A 1 118 GLN 118 157 157 GLN GLN A . n 
A 1 119 ILE 119 158 158 ILE ILE A . n 
A 1 120 MET 120 159 159 MET MET A . n 
A 1 121 LEU 121 160 160 LEU LEU A . n 
A 1 122 ASN 122 161 161 ASN ASN A . n 
A 1 123 SER 123 162 162 SER SER A . n 
A 1 124 LEU 124 163 163 LEU LEU A . n 
A 1 125 HIS 125 164 164 HIS HIS A . n 
A 1 126 LYS 126 165 165 LYS LYS A . n 
A 1 127 TYR 127 166 166 TYR TYR A . n 
A 1 128 GLU 128 167 167 GLU GLU A . n 
A 1 129 PRO 129 168 168 PRO PRO A . n 
A 1 130 ARG 130 169 169 ARG ARG A . n 
A 1 131 ILE 131 170 170 ILE ILE A . n 
A 1 132 HIS 132 171 171 HIS HIS A . n 
A 1 133 ILE 133 172 172 ILE ILE A . n 
A 1 134 VAL 134 173 173 VAL VAL A . n 
A 1 135 ARG 135 174 174 ARG ARG A . n 
A 1 136 VAL 136 175 175 VAL VAL A . n 
A 1 137 GLY 137 176 176 GLY GLY A . n 
A 1 138 GLY 138 177 177 GLY GLY A . n 
A 1 139 PRO 139 178 178 PRO PRO A . n 
A 1 140 GLN 140 179 179 GLN GLN A . n 
A 1 141 ARG 141 180 180 ARG ARG A . n 
A 1 142 MET 142 181 181 MET MET A . n 
A 1 143 ILE 143 182 182 ILE ILE A . n 
A 1 144 THR 144 183 183 THR THR A . n 
A 1 145 SER 145 184 184 SER SER A . n 
A 1 146 HIS 146 185 185 HIS HIS A . n 
A 1 147 CYS 147 186 186 CYS CYS A . n 
A 1 148 PHE 148 187 187 PHE PHE A . n 
A 1 149 PRO 149 188 188 PRO PRO A . n 
A 1 150 GLU 150 189 189 GLU GLU A . n 
A 1 151 THR 151 190 190 THR THR A . n 
A 1 152 GLN 152 191 191 GLN GLN A . n 
A 1 153 PHE 153 192 192 PHE PHE A . n 
A 1 154 ILE 154 193 193 ILE ILE A . n 
A 1 155 ALA 155 194 194 ALA ALA A . n 
A 1 156 VAL 156 195 195 VAL VAL A . n 
A 1 157 THR 157 196 196 THR THR A . n 
A 1 158 ALA 158 197 197 ALA ALA A . n 
A 1 159 TYR 159 198 198 TYR TYR A . n 
A 1 160 GLN 160 199 199 GLN GLN A . n 
A 1 161 ASN 161 200 200 ASN ASN A . n 
A 1 162 GLU 162 201 201 GLU GLU A . n 
A 1 163 GLU 163 202 202 GLU GLU A . n 
A 1 164 ILE 164 203 203 ILE ILE A . n 
A 1 165 THR 165 204 204 THR THR A . n 
A 1 166 ALA 166 205 205 ALA ALA A . n 
A 1 167 LEU 167 206 206 LEU LEU A . n 
A 1 168 LYS 168 207 207 LYS LYS A . n 
A 1 169 ILE 169 208 208 ILE ILE A . n 
A 1 170 LYS 170 209 209 LYS LYS A . n 
A 1 171 TYR 171 210 210 TYR TYR A . n 
A 1 172 ASN 172 211 211 ASN ASN A . n 
# 
loop_
_pdbx_nonpoly_scheme.asym_id 
_pdbx_nonpoly_scheme.entity_id 
_pdbx_nonpoly_scheme.mon_id 
_pdbx_nonpoly_scheme.ndb_seq_num 
_pdbx_nonpoly_scheme.pdb_seq_num 
_pdbx_nonpoly_scheme.auth_seq_num 
_pdbx_nonpoly_scheme.pdb_mon_id 
_pdbx_nonpoly_scheme.auth_mon_id 
_pdbx_nonpoly_scheme.pdb_strand_id 
_pdbx_nonpoly_scheme.pdb_ins_code 
B 2 CD  1  301 1  CD  CD  A . 
C 2 CD  1  302 2  CD  CD  A . 
D 2 CD  1  303 3  CD  CD  A . 
E 2 CD  1  304 4  CD  CD  A . 
F 2 CD  1  305 5  CD  CD  A . 
G 3 NZJ 1  306 1  NZJ LIG A . 
H 4 HOH 1  401 79 HOH HOH A . 
H 4 HOH 2  402 53 HOH HOH A . 
H 4 HOH 3  403 48 HOH HOH A . 
H 4 HOH 4  404 24 HOH HOH A . 
H 4 HOH 5  405 42 HOH HOH A . 
H 4 HOH 6  406 21 HOH HOH A . 
H 4 HOH 7  407 58 HOH HOH A . 
H 4 HOH 8  408 61 HOH HOH A . 
H 4 HOH 9  409 68 HOH HOH A . 
H 4 HOH 10 410 45 HOH HOH A . 
H 4 HOH 11 411 44 HOH HOH A . 
H 4 HOH 12 412 54 HOH HOH A . 
H 4 HOH 13 413 71 HOH HOH A . 
H 4 HOH 14 414 16 HOH HOH A . 
H 4 HOH 15 415 14 HOH HOH A . 
H 4 HOH 16 416 41 HOH HOH A . 
H 4 HOH 17 417 76 HOH HOH A . 
H 4 HOH 18 418 51 HOH HOH A . 
H 4 HOH 19 419 4  HOH HOH A . 
H 4 HOH 20 420 70 HOH HOH A . 
H 4 HOH 21 421 55 HOH HOH A . 
H 4 HOH 22 422 50 HOH HOH A . 
H 4 HOH 23 423 31 HOH HOH A . 
H 4 HOH 24 424 52 HOH HOH A . 
H 4 HOH 25 425 52 HOH HOH A . 
H 4 HOH 26 426 56 HOH HOH A . 
H 4 HOH 27 427 47 HOH HOH A . 
H 4 HOH 28 428 1  HOH HOH A . 
H 4 HOH 29 429 49 HOH HOH A . 
H 4 HOH 30 430 33 HOH HOH A . 
H 4 HOH 31 431 45 HOH HOH A . 
H 4 HOH 32 432 63 HOH HOH A . 
H 4 HOH 33 433 10 HOH HOH A . 
H 4 HOH 34 434 6  HOH HOH A . 
H 4 HOH 35 435 60 HOH HOH A . 
H 4 HOH 36 436 17 HOH HOH A . 
H 4 HOH 37 437 8  HOH HOH A . 
H 4 HOH 38 438 67 HOH HOH A . 
H 4 HOH 39 439 8  HOH HOH A . 
H 4 HOH 40 440 75 HOH HOH A . 
H 4 HOH 41 441 69 HOH HOH A . 
H 4 HOH 42 442 73 HOH HOH A . 
H 4 HOH 43 443 66 HOH HOH A . 
H 4 HOH 44 444 14 HOH HOH A . 
H 4 HOH 45 445 32 HOH HOH A . 
H 4 HOH 46 446 11 HOH HOH A . 
H 4 HOH 47 447 23 HOH HOH A . 
H 4 HOH 48 448 28 HOH HOH A . 
H 4 HOH 49 449 2  HOH HOH A . 
H 4 HOH 50 450 18 HOH HOH A . 
H 4 HOH 51 451 64 HOH HOH A . 
H 4 HOH 52 452 77 HOH HOH A . 
H 4 HOH 53 453 46 HOH HOH A . 
H 4 HOH 54 454 12 HOH HOH A . 
H 4 HOH 55 455 4  HOH HOH A . 
H 4 HOH 56 456 65 HOH HOH A . 
H 4 HOH 57 457 1  HOH HOH A . 
H 4 HOH 58 458 30 HOH HOH A . 
H 4 HOH 59 459 6  HOH HOH A . 
H 4 HOH 60 460 5  HOH HOH A . 
H 4 HOH 61 461 7  HOH HOH A . 
H 4 HOH 62 462 3  HOH HOH A . 
H 4 HOH 63 463 15 HOH HOH A . 
H 4 HOH 64 464 72 HOH HOH A . 
H 4 HOH 65 465 3  HOH HOH A . 
H 4 HOH 66 466 10 HOH HOH A . 
H 4 HOH 67 467 62 HOH HOH A . 
H 4 HOH 68 468 78 HOH HOH A . 
H 4 HOH 69 469 43 HOH HOH A . 
H 4 HOH 70 470 13 HOH HOH A . 
H 4 HOH 71 471 16 HOH HOH A . 
H 4 HOH 72 472 17 HOH HOH A . 
H 4 HOH 73 473 18 HOH HOH A . 
# 
loop_
_pdbx_unobs_or_zero_occ_atoms.id 
_pdbx_unobs_or_zero_occ_atoms.PDB_model_num 
_pdbx_unobs_or_zero_occ_atoms.polymer_flag 
_pdbx_unobs_or_zero_occ_atoms.occupancy_flag 
_pdbx_unobs_or_zero_occ_atoms.auth_asym_id 
_pdbx_unobs_or_zero_occ_atoms.auth_comp_id 
_pdbx_unobs_or_zero_occ_atoms.auth_seq_id 
_pdbx_unobs_or_zero_occ_atoms.PDB_ins_code 
_pdbx_unobs_or_zero_occ_atoms.auth_atom_id 
_pdbx_unobs_or_zero_occ_atoms.label_alt_id 
_pdbx_unobs_or_zero_occ_atoms.label_asym_id 
_pdbx_unobs_or_zero_occ_atoms.label_comp_id 
_pdbx_unobs_or_zero_occ_atoms.label_seq_id 
_pdbx_unobs_or_zero_occ_atoms.label_atom_id 
1 1 Y 1 A ARG 43 ? CG  ? A ARG 4 CG  
2 1 Y 1 A ARG 43 ? CD  ? A ARG 4 CD  
3 1 Y 1 A ARG 43 ? NE  ? A ARG 4 NE  
4 1 Y 1 A ARG 43 ? CZ  ? A ARG 4 CZ  
5 1 Y 1 A ARG 43 ? NH1 ? A ARG 4 NH1 
6 1 Y 1 A ARG 43 ? NH2 ? A ARG 4 NH2 
# 
loop_
_software.pdbx_ordinal 
_software.name 
_software.version 
_software.date 
_software.type 
_software.contact_author 
_software.contact_author_email 
_software.classification 
_software.location 
_software.language 
_software.citation_id 
1 REFMAC      5.8.0238 ?               program 'Garib N. Murshudov' garib@ysbl.york.ac.uk    refinement        
http://www.ccp4.ac.uk/dist/html/refmac5.html        Fortran_77 ? 
2 Aimless     0.7.1    27/03/18        program 'Phil Evans'         ?                        'data scaling'    
http://www.mrc-lmb.cam.ac.uk/harry/pre/aimless.html ?          ? 
3 PDB_EXTRACT 3.23     'SEP. 23, 2016' package PDB                  deposit@deposit.rcsb.org 'data extraction' 
http://sw-tools.pdb.org/apps/PDB_EXTRACT/           C++        ? 
4 XDS         .        ?               program ?                    ?                        'data reduction'  ? ?          ? 
5 REFMAC      .        ?               program ?                    ?                        phasing           ? ?          ? 
# 
_cell.entry_id           5QS5 
_cell.length_a           60.040 
_cell.length_b           60.040 
_cell.length_c           110.460 
_cell.angle_alpha        90.000 
_cell.angle_beta         90.000 
_cell.angle_gamma        90.000 
_cell.Z_PDB              8 
_cell.pdbx_unique_axis   ? 
# 
_symmetry.entry_id                         5QS5 
_symmetry.Int_Tables_number                91 
_symmetry.space_group_name_H-M             'P 41 2 2' 
_symmetry.pdbx_full_space_group_name_H-M   ? 
_symmetry.cell_setting                     ? 
# 
_exptl.crystals_number   1 
_exptl.entry_id          5QS5 
_exptl.method            'X-RAY DIFFRACTION' 
# 
_exptl_crystal.id                    1 
_exptl_crystal.pdbx_mosaicity        0.000 
_exptl_crystal.pdbx_mosaicity_esd    ? 
_exptl_crystal.density_Matthews      2.54 
_exptl_crystal.density_diffrn        ? 
_exptl_crystal.density_meas          ? 
_exptl_crystal.density_meas_temp     ? 
_exptl_crystal.density_percent_sol   51.57 
_exptl_crystal.size_max              ? 
_exptl_crystal.size_mid              ? 
_exptl_crystal.size_min              ? 
_exptl_crystal.size_rad              ? 
_exptl_crystal.description           ? 
# 
_exptl_crystal_grow.crystal_id      1 
_exptl_crystal_grow.method          'VAPOR DIFFUSION, SITTING DROP' 
_exptl_crystal_grow.pH              4.5 
_exptl_crystal_grow.temp            298 
_exptl_crystal_grow.pdbx_details    '0.1 M CdCl, 0.1 M Acetate pH 4.5, 32% PEG 400' 
_exptl_crystal_grow.temp_details    ? 
_exptl_crystal_grow.pdbx_pH_range   ? 
# 
_diffrn.id                     1 
_diffrn.ambient_temp           100 
_diffrn.crystal_id             1 
_diffrn.ambient_temp_details   ? 
# 
_diffrn_detector.detector               PIXEL 
_diffrn_detector.type                   'DECTRIS PILATUS 6M' 
_diffrn_detector.pdbx_collection_date   2018-07-22 
_diffrn_detector.diffrn_id              1 
_diffrn_detector.details                ? 
# 
_diffrn_radiation.diffrn_id                        1 
_diffrn_radiation.wavelength_id                    1 
_diffrn_radiation.pdbx_diffrn_protocol             'SINGLE WAVELENGTH' 
_diffrn_radiation.pdbx_monochromatic_or_laue_m_l   M 
_diffrn_radiation.monochromator                    ? 
_diffrn_radiation.pdbx_scattering_type             x-ray 
# 
_diffrn_radiation_wavelength.id           1 
_diffrn_radiation_wavelength.wavelength   0.91587 
_diffrn_radiation_wavelength.wt           1.0 
# 
_diffrn_source.diffrn_id                   1 
_diffrn_source.source                      SYNCHROTRON 
_diffrn_source.type                        'DIAMOND BEAMLINE I04-1' 
_diffrn_source.pdbx_wavelength_list        0.91587 
_diffrn_source.pdbx_synchrotron_site       Diamond 
_diffrn_source.pdbx_synchrotron_beamline   I04-1 
_diffrn_source.pdbx_wavelength             ? 
# 
_reflns.entry_id                     5QS5 
_reflns.pdbx_diffrn_id               1 
_reflns.pdbx_ordinal                 1 
_reflns.observed_criterion_sigma_I   ? 
_reflns.observed_criterion_sigma_F   ? 
_reflns.d_resolution_low             26.850 
_reflns.d_resolution_high            1.810 
_reflns.number_obs                   19143 
_reflns.number_all                   ? 
_reflns.percent_possible_obs         99.800 
_reflns.pdbx_Rmerge_I_obs            0.102 
_reflns.pdbx_Rsym_value              ? 
_reflns.pdbx_netI_over_sigmaI        13.600 
_reflns.B_iso_Wilson_estimate        ? 
_reflns.pdbx_redundancy              12.600 
_reflns.pdbx_Rrim_I_all              0.106 
_reflns.pdbx_Rpim_I_all              0.030 
_reflns.pdbx_CC_half                 0.999 
_reflns.pdbx_netI_over_av_sigmaI     ? 
_reflns.pdbx_number_measured_all     242062 
_reflns.pdbx_scaling_rejects         8 
_reflns.pdbx_chi_squared             ? 
_reflns.Rmerge_F_all                 ? 
_reflns.Rmerge_F_obs                 ? 
_reflns.observed_criterion_F_max     ? 
_reflns.observed_criterion_F_min     ? 
_reflns.observed_criterion_I_max     ? 
_reflns.observed_criterion_I_min     ? 
_reflns.pdbx_d_res_high_opt          ? 
_reflns.pdbx_d_res_low_opt           ? 
_reflns.details                      ? 
# 
loop_
_reflns_shell.pdbx_diffrn_id 
_reflns_shell.pdbx_ordinal 
_reflns_shell.d_res_high 
_reflns_shell.d_res_low 
_reflns_shell.number_measured_obs 
_reflns_shell.number_measured_all 
_reflns_shell.number_unique_obs 
_reflns_shell.pdbx_rejects 
_reflns_shell.Rmerge_I_obs 
_reflns_shell.meanI_over_sigI_obs 
_reflns_shell.pdbx_Rsym_value 
_reflns_shell.pdbx_chi_squared 
_reflns_shell.pdbx_redundancy 
_reflns_shell.percent_possible_obs 
_reflns_shell.pdbx_netI_over_sigmaI_obs 
_reflns_shell.number_possible 
_reflns_shell.number_unique_all 
_reflns_shell.Rmerge_F_all 
_reflns_shell.Rmerge_F_obs 
_reflns_shell.Rmerge_I_all 
_reflns_shell.meanI_over_sigI_all 
_reflns_shell.percent_possible_all 
_reflns_shell.pdbx_Rrim_I_all 
_reflns_shell.pdbx_Rpim_I_all 
_reflns_shell.pdbx_CC_half 
1 1 1.810 1.860  ? 18064 ? ? 2.347 ? ? ? 13.200 ? 1.100  ? 1364 ? ? ? ? 99.800 2.442 0.668 0.772 
1 2 8.090 26.850 ? 2863  ? ? 0.050 ? ? ? 10.500 ? 41.600 ? 273  ? ? ? ? 97.700 0.052 0.016 0.999 
# 
_refine.entry_id                                 5QS5 
_refine.pdbx_refine_id                           'X-RAY DIFFRACTION' 
_refine.ls_d_res_high                            1.8100 
_refine.ls_d_res_low                             26.8700 
_refine.pdbx_ls_sigma_F                          0.000 
_refine.pdbx_data_cutoff_high_absF               ? 
_refine.pdbx_data_cutoff_low_absF                ? 
_refine.ls_percent_reflns_obs                    99.7900 
_refine.ls_number_reflns_obs                     18193 
_refine.ls_number_reflns_all                     ? 
_refine.pdbx_ls_cross_valid_method               THROUGHOUT 
_refine.ls_matrix_type                           ? 
_refine.pdbx_R_Free_selection_details            RANDOM 
_refine.details                                  
'HYDROGENS HAVE BEEN ADDED IN THE RIDING POSITIONS U VALUES      : REFINED INDIVIDUALLY' 
_refine.ls_R_factor_all                          ? 
_refine.ls_R_factor_obs                          0.2159 
_refine.ls_R_factor_R_work                       0.2140 
_refine.ls_wR_factor_R_work                      ? 
_refine.ls_R_factor_R_free                       0.2558 
_refine.ls_wR_factor_R_free                      ? 
_refine.ls_percent_reflns_R_free                 4.7000 
_refine.ls_number_reflns_R_free                  906 
_refine.ls_number_reflns_R_work                  ? 
_refine.ls_R_factor_R_free_error                 ? 
_refine.B_iso_mean                               43.2330 
_refine.solvent_model_param_bsol                 ? 
_refine.solvent_model_param_ksol                 ? 
_refine.pdbx_isotropic_thermal_model             ? 
_refine.aniso_B[1][1]                            1.7700 
_refine.aniso_B[2][2]                            1.7700 
_refine.aniso_B[3][3]                            -3.5400 
_refine.aniso_B[1][2]                            -0.0000 
_refine.aniso_B[1][3]                            -0.0000 
_refine.aniso_B[2][3]                            -0.0000 
_refine.correlation_coeff_Fo_to_Fc               0.9620 
_refine.correlation_coeff_Fo_to_Fc_free          0.9380 
_refine.overall_SU_R_Cruickshank_DPI             ? 
_refine.pdbx_overall_SU_R_free_Cruickshank_DPI   ? 
_refine.pdbx_overall_SU_R_Blow_DPI               ? 
_refine.pdbx_overall_SU_R_free_Blow_DPI          ? 
_refine.overall_SU_R_free                        ? 
_refine.pdbx_overall_ESU_R                       0.1480 
_refine.pdbx_overall_ESU_R_Free                  0.1410 
_refine.overall_SU_ML                            0.1330 
_refine.overall_SU_B                             4.7410 
_refine.solvent_model_details                    MASK 
_refine.pdbx_solvent_vdw_probe_radii             1.2000 
_refine.pdbx_solvent_ion_probe_radii             0.8000 
_refine.pdbx_solvent_shrinkage_radii             0.8000 
_refine.ls_number_parameters                     ? 
_refine.ls_number_restraints                     ? 
_refine.pdbx_starting_model                      6f58 
_refine.pdbx_method_to_determine_struct          'FOURIER SYNTHESIS' 
_refine.pdbx_stereochemistry_target_values       'MAXIMUM LIKELIHOOD' 
_refine.pdbx_stereochem_target_val_spec_case     ? 
_refine.overall_FOM_work_R_set                   ? 
_refine.B_iso_max                                122.880 
_refine.B_iso_min                                20.010 
_refine.pdbx_overall_phase_error                 ? 
_refine.occupancy_max                            ? 
_refine.occupancy_min                            ? 
_refine.pdbx_diffrn_id                           1 
_refine.pdbx_TLS_residual_ADP_flag               ? 
_refine.pdbx_ls_sigma_I                          ? 
_refine.pdbx_data_cutoff_high_rms_absF           ? 
_refine.ls_R_factor_R_free_error_details         ? 
# 
_refine_hist.cycle_id                         final 
_refine_hist.pdbx_refine_id                   'X-RAY DIFFRACTION' 
_refine_hist.d_res_high                       1.8100 
_refine_hist.d_res_low                        26.8700 
_refine_hist.pdbx_number_atoms_ligand         22 
_refine_hist.number_atoms_solvent             73 
_refine_hist.number_atoms_total               1464 
_refine_hist.pdbx_number_residues_total       172 
_refine_hist.pdbx_B_iso_mean_ligand           51.62 
_refine_hist.pdbx_B_iso_mean_solvent          44.48 
_refine_hist.pdbx_number_atoms_protein        1369 
_refine_hist.pdbx_number_atoms_nucleic_acid   0 
# 
loop_
_refine_ls_restr.pdbx_refine_id 
_refine_ls_restr.type 
_refine_ls_restr.number 
_refine_ls_restr.dev_ideal 
_refine_ls_restr.dev_ideal_target 
_refine_ls_restr.weight 
_refine_ls_restr.pdbx_restraint_function 
'X-RAY DIFFRACTION' r_bond_refined_d       1733 0.008  0.013  ? ? 
'X-RAY DIFFRACTION' r_bond_other_d         1459 0.001  0.017  ? ? 
'X-RAY DIFFRACTION' r_angle_refined_deg    2214 1.583  1.645  ? ? 
'X-RAY DIFFRACTION' r_angle_other_deg      3419 1.307  1.569  ? ? 
'X-RAY DIFFRACTION' r_dihedral_angle_1_deg 201  7.215  5.000  ? ? 
'X-RAY DIFFRACTION' r_dihedral_angle_2_deg 79   30.860 22.911 ? ? 
'X-RAY DIFFRACTION' r_dihedral_angle_3_deg 256  19.163 15.000 ? ? 
'X-RAY DIFFRACTION' r_dihedral_angle_4_deg 7    9.643  15.000 ? ? 
'X-RAY DIFFRACTION' r_chiral_restr         197  0.076  0.200  ? ? 
'X-RAY DIFFRACTION' r_gen_planes_refined   1843 0.008  0.020  ? ? 
'X-RAY DIFFRACTION' r_gen_planes_other     326  0.002  0.020  ? ? 
'X-RAY DIFFRACTION' r_mcbond_it            836  3.800  4.339  ? ? 
'X-RAY DIFFRACTION' r_mcbond_other         835  3.783  4.334  ? ? 
'X-RAY DIFFRACTION' r_mcangle_it           989  5.711  6.557  ? ? 
# 
_refine_ls_shell.d_res_high                       1.8100 
_refine_ls_shell.d_res_low                        1.8570 
_refine_ls_shell.pdbx_total_number_of_bins_used   20 
_refine_ls_shell.percent_reflns_obs               99.6300 
_refine_ls_shell.number_reflns_R_work             1297 
_refine_ls_shell.R_factor_all                     ? 
_refine_ls_shell.R_factor_R_work                  0.3520 
_refine_ls_shell.R_factor_R_free                  0.4040 
_refine_ls_shell.percent_reflns_R_free            ? 
_refine_ls_shell.number_reflns_R_free             64 
_refine_ls_shell.R_factor_R_free_error            ? 
_refine_ls_shell.number_reflns_all                1361 
_refine_ls_shell.number_reflns_obs                ? 
_refine_ls_shell.pdbx_refine_id                   'X-RAY DIFFRACTION' 
# 
_struct.entry_id                  5QS5 
_struct.title                     
'PanDDA analysis group deposition -- Crystal Structure of human Brachyury in complex with Z32400357' 
_struct.pdbx_model_details        ? 
_struct.pdbx_CASP_flag            ? 
_struct.pdbx_model_type_details   ? 
# 
_struct_keywords.entry_id        5QS5 
_struct_keywords.text            'SGC - Diamond I04-1 fragment screening, PanDDA, XChemExplorer, TRANSCRIPTION' 
_struct_keywords.pdbx_keywords   TRANSCRIPTION 
# 
loop_
_struct_asym.id 
_struct_asym.pdbx_blank_PDB_chainid_flag 
_struct_asym.pdbx_modified 
_struct_asym.entity_id 
_struct_asym.details 
A N N 1 ? 
B N N 2 ? 
C N N 2 ? 
D N N 2 ? 
E N N 2 ? 
F N N 2 ? 
G N N 3 ? 
H N N 4 ? 
# 
_struct_ref.id                         1 
_struct_ref.db_name                    UNP 
_struct_ref.db_code                    TBXT_HUMAN 
_struct_ref.pdbx_db_accession          O15178 
_struct_ref.pdbx_db_isoform            ? 
_struct_ref.entity_id                  1 
_struct_ref.pdbx_seq_one_letter_code   
;ELRVGLEESELWLRFKELTNEMIVTKNGRRMFPVLKVNVSGLDPNAMYSFLLDFVAADNHRWKYVNGEWVPGGKPEPQAP
SCVYIHPDSPNFGAHWMKAPVSFSKVKLTNKLNGGGQIMLNSLHKYEPRIHIVRVGGPQRMITSHCFPETQFIAVTAYQN
EEITALKIKYN
;
_struct_ref.pdbx_align_begin           41 
# 
_struct_ref_seq.align_id                      1 
_struct_ref_seq.ref_id                        1 
_struct_ref_seq.pdbx_PDB_id_code              5QS5 
_struct_ref_seq.pdbx_strand_id                A 
_struct_ref_seq.seq_align_beg                 2 
_struct_ref_seq.pdbx_seq_align_beg_ins_code   ? 
_struct_ref_seq.seq_align_end                 172 
_struct_ref_seq.pdbx_seq_align_end_ins_code   ? 
_struct_ref_seq.pdbx_db_accession             O15178 
_struct_ref_seq.db_align_beg                  41 
_struct_ref_seq.pdbx_db_align_beg_ins_code    ? 
_struct_ref_seq.db_align_end                  211 
_struct_ref_seq.pdbx_db_align_end_ins_code    ? 
_struct_ref_seq.pdbx_auth_seq_align_beg       41 
_struct_ref_seq.pdbx_auth_seq_align_end       211 
# 
_struct_ref_seq_dif.align_id                     1 
_struct_ref_seq_dif.pdbx_pdb_id_code             5QS5 
_struct_ref_seq_dif.mon_id                       GLY 
_struct_ref_seq_dif.pdbx_pdb_strand_id           A 
_struct_ref_seq_dif.seq_num                      1 
_struct_ref_seq_dif.pdbx_pdb_ins_code            ? 
_struct_ref_seq_dif.pdbx_seq_db_name             UNP 
_struct_ref_seq_dif.pdbx_seq_db_accession_code   O15178 
_struct_ref_seq_dif.db_mon_id                    ? 
_struct_ref_seq_dif.pdbx_seq_db_seq_num          ? 
_struct_ref_seq_dif.details                      'expression tag' 
_struct_ref_seq_dif.pdbx_auth_seq_num            40 
_struct_ref_seq_dif.pdbx_ordinal                 1 
# 
_pdbx_struct_assembly.id                   1 
_pdbx_struct_assembly.details              author_defined_assembly 
_pdbx_struct_assembly.method_details       ? 
_pdbx_struct_assembly.oligomeric_details   monomeric 
_pdbx_struct_assembly.oligomeric_count     1 
# 
_pdbx_struct_assembly_gen.assembly_id       1 
_pdbx_struct_assembly_gen.oper_expression   1 
_pdbx_struct_assembly_gen.asym_id_list      A,B,C,D,E,F,G,H 
# 
_pdbx_struct_oper_list.id                   1 
_pdbx_struct_oper_list.type                 'identity operation' 
_pdbx_struct_oper_list.name                 1_555 
_pdbx_struct_oper_list.symmetry_operation   x,y,z 
_pdbx_struct_oper_list.matrix[1][1]         1.0000000000 
_pdbx_struct_oper_list.matrix[1][2]         0.0000000000 
_pdbx_struct_oper_list.matrix[1][3]         0.0000000000 
_pdbx_struct_oper_list.vector[1]            0.0000000000 
_pdbx_struct_oper_list.matrix[2][1]         0.0000000000 
_pdbx_struct_oper_list.matrix[2][2]         1.0000000000 
_pdbx_struct_oper_list.matrix[2][3]         0.0000000000 
_pdbx_struct_oper_list.vector[2]            0.0000000000 
_pdbx_struct_oper_list.matrix[3][1]         0.0000000000 
_pdbx_struct_oper_list.matrix[3][2]         0.0000000000 
_pdbx_struct_oper_list.matrix[3][3]         1.0000000000 
_pdbx_struct_oper_list.vector[3]            0.0000000000 
# 
loop_
_struct_conf.conf_type_id 
_struct_conf.id 
_struct_conf.pdbx_PDB_helix_id 
_struct_conf.beg_label_comp_id 
_struct_conf.beg_label_asym_id 
_struct_conf.beg_label_seq_id 
_struct_conf.pdbx_beg_PDB_ins_code 
_struct_conf.end_label_comp_id 
_struct_conf.end_label_asym_id 
_struct_conf.end_label_seq_id 
_struct_conf.pdbx_end_PDB_ins_code 
_struct_conf.beg_auth_comp_id 
_struct_conf.beg_auth_asym_id 
_struct_conf.beg_auth_seq_id 
_struct_conf.end_auth_comp_id 
_struct_conf.end_auth_asym_id 
_struct_conf.end_auth_seq_id 
_struct_conf.pdbx_PDB_helix_class 
_struct_conf.details 
_struct_conf.pdbx_PDB_helix_length 
HELX_P HELX_P1 AA1 GLU A 9   ? LEU A 19  ? GLU A 48  LEU A 58  1 ? 11 
HELX_P HELX_P2 AA2 GLY A 94  ? LYS A 99  ? GLY A 133 LYS A 138 1 ? 6  
HELX_P HELX_P3 AA3 PRO A 149 ? GLN A 152 ? PRO A 188 GLN A 191 5 ? 4  
HELX_P HELX_P4 AA4 ASN A 161 ? ASN A 172 ? ASN A 200 ASN A 211 1 ? 12 
# 
_struct_conf_type.id          HELX_P 
_struct_conf_type.criteria    ? 
_struct_conf_type.reference   ? 
# 
loop_
_struct_conn.id 
_struct_conn.conn_type_id 
_struct_conn.pdbx_leaving_atom_flag 
_struct_conn.pdbx_PDB_id 
_struct_conn.ptnr1_label_asym_id 
_struct_conn.ptnr1_label_comp_id 
_struct_conn.ptnr1_label_seq_id 
_struct_conn.ptnr1_label_atom_id 
_struct_conn.pdbx_ptnr1_label_alt_id 
_struct_conn.pdbx_ptnr1_PDB_ins_code 
_struct_conn.pdbx_ptnr1_standard_comp_id 
_struct_conn.ptnr1_symmetry 
_struct_conn.ptnr2_label_asym_id 
_struct_conn.ptnr2_label_comp_id 
_struct_conn.ptnr2_label_seq_id 
_struct_conn.ptnr2_label_atom_id 
_struct_conn.pdbx_ptnr2_label_alt_id 
_struct_conn.pdbx_ptnr2_PDB_ins_code 
_struct_conn.ptnr1_auth_asym_id 
_struct_conn.ptnr1_auth_comp_id 
_struct_conn.ptnr1_auth_seq_id 
_struct_conn.ptnr2_auth_asym_id 
_struct_conn.ptnr2_auth_comp_id 
_struct_conn.ptnr2_auth_seq_id 
_struct_conn.ptnr2_symmetry 
_struct_conn.pdbx_ptnr3_label_atom_id 
_struct_conn.pdbx_ptnr3_label_seq_id 
_struct_conn.pdbx_ptnr3_label_comp_id 
_struct_conn.pdbx_ptnr3_label_asym_id 
_struct_conn.pdbx_ptnr3_label_alt_id 
_struct_conn.pdbx_ptnr3_PDB_ins_code 
_struct_conn.details 
_struct_conn.pdbx_dist_value 
_struct_conn.pdbx_value_order 
_struct_conn.pdbx_role 
metalc1  metalc ? ? A HIS 61  NE2 ? ? ? 1_555 E CD  . CD ? ? A HIS 100 A CD  304 1_555 ? ? ? ? ? ? ? 2.197 ? ? 
metalc2  metalc ? ? A CYS 83  SG  ? ? ? 1_555 D CD  . CD ? ? A CYS 122 A CD  303 1_555 ? ? ? ? ? ? ? 2.630 ? ? 
metalc3  metalc ? ? A CYS 83  SG  ? ? ? 1_555 F CD  . CD ? ? A CYS 122 A CD  305 1_555 ? ? ? ? ? ? ? 2.524 ? ? 
metalc4  metalc ? ? A GLU 128 OE1 ? ? ? 1_555 B CD  . CD ? ? A GLU 167 A CD  301 1_555 ? ? ? ? ? ? ? 2.524 ? ? 
metalc5  metalc ? ? A GLU 128 OE1 ? ? ? 1_555 B CD  . CD ? ? A GLU 167 A CD  301 5_655 ? ? ? ? ? ? ? 2.524 ? ? 
metalc6  metalc ? ? A GLU 128 OE1 ? ? ? 1_555 C CD  . CD ? ? A GLU 167 A CD  302 1_555 ? ? ? ? ? ? ? 2.632 ? ? 
metalc7  metalc ? ? A GLU 128 OE2 ? ? ? 1_555 C CD  . CD ? ? A GLU 167 A CD  302 1_555 ? ? ? ? ? ? ? 2.321 ? ? 
metalc8  metalc ? ? A CYS 147 SG  A ? ? 1_555 B CD  . CD ? ? A CYS 186 A CD  301 1_555 ? ? ? ? ? ? ? 2.400 ? ? 
metalc9  metalc ? ? A CYS 147 SG  B ? ? 1_555 B CD  . CD ? ? A CYS 186 A CD  301 1_555 ? ? ? ? ? ? ? 2.446 ? ? 
metalc10 metalc ? ? A CYS 147 SG  A ? ? 1_555 B CD  . CD ? ? A CYS 186 A CD  301 5_655 ? ? ? ? ? ? ? 2.400 ? ? 
metalc11 metalc ? ? A CYS 147 SG  B ? ? 1_555 B CD  . CD ? ? A CYS 186 A CD  301 5_655 ? ? ? ? ? ? ? 2.446 ? ? 
metalc12 metalc ? ? A CYS 147 SG  A ? ? 1_555 C CD  . CD ? ? A CYS 186 A CD  302 5_655 ? ? ? ? ? ? ? 2.666 ? ? 
metalc13 metalc ? ? A CYS 147 SG  B ? ? 1_555 C CD  . CD ? ? A CYS 186 A CD  302 5_655 ? ? ? ? ? ? ? 2.468 ? ? 
metalc14 metalc ? ? B CD  .   CD  ? ? ? 1_555 H HOH . O  ? ? A CD  301 A HOH 457 1_555 ? ? ? ? ? ? ? 2.176 ? ? 
metalc15 metalc ? ? B CD  .   CD  ? ? ? 1_555 H HOH . O  ? ? A CD  301 A HOH 457 5_655 ? ? ? ? ? ? ? 2.176 ? ? 
metalc16 metalc ? ? C CD  .   CD  ? ? ? 1_555 H HOH . O  ? ? A CD  302 A HOH 455 5_655 ? ? ? ? ? ? ? 2.131 ? ? 
metalc17 metalc ? ? C CD  .   CD  ? ? ? 1_555 H HOH . O  ? ? A CD  302 A HOH 462 1_555 ? ? ? ? ? ? ? 2.384 ? ? 
metalc18 metalc ? ? D CD  .   CD  ? ? ? 1_555 H HOH . O  ? ? A CD  303 A HOH 452 1_555 ? ? ? ? ? ? ? 2.489 ? ? 
metalc19 metalc ? ? E CD  .   CD  ? ? ? 1_555 H HOH . O  ? ? A CD  304 A HOH 459 1_555 ? ? ? ? ? ? ? 2.236 ? ? 
metalc20 metalc ? ? E CD  .   CD  ? ? ? 1_555 H HOH . O  ? ? A CD  304 A HOH 460 1_555 ? ? ? ? ? ? ? 2.087 ? ? 
metalc21 metalc ? ? E CD  .   CD  ? ? ? 1_555 H HOH . O  ? ? A CD  304 A HOH 461 1_555 ? ? ? ? ? ? ? 2.463 ? ? 
metalc22 metalc ? ? F CD  .   CD  ? ? ? 1_555 H HOH . O  ? ? A CD  305 A HOH 454 1_555 ? ? ? ? ? ? ? 2.640 ? ? 
# 
_struct_conn_type.id          metalc 
_struct_conn_type.criteria    ? 
_struct_conn_type.reference   ? 
# 
loop_
_pdbx_struct_conn_angle.id 
_pdbx_struct_conn_angle.ptnr1_label_atom_id 
_pdbx_struct_conn_angle.ptnr1_label_alt_id 
_pdbx_struct_conn_angle.ptnr1_label_asym_id 
_pdbx_struct_conn_angle.ptnr1_label_comp_id 
_pdbx_struct_conn_angle.ptnr1_label_seq_id 
_pdbx_struct_conn_angle.ptnr1_auth_atom_id 
_pdbx_struct_conn_angle.ptnr1_auth_asym_id 
_pdbx_struct_conn_angle.ptnr1_auth_comp_id 
_pdbx_struct_conn_angle.ptnr1_auth_seq_id 
_pdbx_struct_conn_angle.ptnr1_PDB_ins_code 
_pdbx_struct_conn_angle.ptnr1_symmetry 
_pdbx_struct_conn_angle.ptnr2_label_atom_id 
_pdbx_struct_conn_angle.ptnr2_label_alt_id 
_pdbx_struct_conn_angle.ptnr2_label_asym_id 
_pdbx_struct_conn_angle.ptnr2_label_comp_id 
_pdbx_struct_conn_angle.ptnr2_label_seq_id 
_pdbx_struct_conn_angle.ptnr2_auth_atom_id 
_pdbx_struct_conn_angle.ptnr2_auth_asym_id 
_pdbx_struct_conn_angle.ptnr2_auth_comp_id 
_pdbx_struct_conn_angle.ptnr2_auth_seq_id 
_pdbx_struct_conn_angle.ptnr2_PDB_ins_code 
_pdbx_struct_conn_angle.ptnr2_symmetry 
_pdbx_struct_conn_angle.ptnr3_label_atom_id 
_pdbx_struct_conn_angle.ptnr3_label_alt_id 
_pdbx_struct_conn_angle.ptnr3_label_asym_id 
_pdbx_struct_conn_angle.ptnr3_label_comp_id 
_pdbx_struct_conn_angle.ptnr3_label_seq_id 
_pdbx_struct_conn_angle.ptnr3_auth_atom_id 
_pdbx_struct_conn_angle.ptnr3_auth_asym_id 
_pdbx_struct_conn_angle.ptnr3_auth_comp_id 
_pdbx_struct_conn_angle.ptnr3_auth_seq_id 
_pdbx_struct_conn_angle.ptnr3_PDB_ins_code 
_pdbx_struct_conn_angle.ptnr3_symmetry 
_pdbx_struct_conn_angle.value 
_pdbx_struct_conn_angle.value_esd 
1  NE2 ? A HIS 61  ? A HIS 100 ? 1_555 CD ? E CD . ? A CD 304 ? 1_555 O   ? H HOH .   ? A HOH 459 ? 1_555 101.0 ? 
2  NE2 ? A HIS 61  ? A HIS 100 ? 1_555 CD ? E CD . ? A CD 304 ? 1_555 O   ? H HOH .   ? A HOH 460 ? 1_555 111.0 ? 
3  O   ? H HOH .   ? A HOH 459 ? 1_555 CD ? E CD . ? A CD 304 ? 1_555 O   ? H HOH .   ? A HOH 460 ? 1_555 112.5 ? 
4  NE2 ? A HIS 61  ? A HIS 100 ? 1_555 CD ? E CD . ? A CD 304 ? 1_555 O   ? H HOH .   ? A HOH 461 ? 1_555 99.4  ? 
5  O   ? H HOH .   ? A HOH 459 ? 1_555 CD ? E CD . ? A CD 304 ? 1_555 O   ? H HOH .   ? A HOH 461 ? 1_555 118.7 ? 
6  O   ? H HOH .   ? A HOH 460 ? 1_555 CD ? E CD . ? A CD 304 ? 1_555 O   ? H HOH .   ? A HOH 461 ? 1_555 112.6 ? 
7  SG  ? A CYS 83  ? A CYS 122 ? 1_555 CD ? D CD . ? A CD 303 ? 1_555 O   ? H HOH .   ? A HOH 452 ? 1_555 92.3  ? 
8  SG  ? A CYS 83  ? A CYS 122 ? 1_555 CD ? F CD . ? A CD 305 ? 1_555 O   ? H HOH .   ? A HOH 454 ? 1_555 98.1  ? 
9  OE1 ? A GLU 128 ? A GLU 167 ? 1_555 CD ? B CD . ? A CD 301 ? 1_555 OE1 ? A GLU 128 ? A GLU 167 ? 1_555 0.0   ? 
10 OE1 ? A GLU 128 ? A GLU 167 ? 1_555 CD ? B CD . ? A CD 301 ? 1_555 SG  A A CYS 147 ? A CYS 186 ? 1_555 91.6  ? 
11 OE1 ? A GLU 128 ? A GLU 167 ? 1_555 CD ? B CD . ? A CD 301 ? 1_555 SG  A A CYS 147 ? A CYS 186 ? 1_555 91.6  ? 
12 OE1 ? A GLU 128 ? A GLU 167 ? 1_555 CD ? B CD . ? A CD 301 ? 1_555 SG  B A CYS 147 ? A CYS 186 ? 1_555 88.9  ? 
13 OE1 ? A GLU 128 ? A GLU 167 ? 1_555 CD ? B CD . ? A CD 301 ? 1_555 SG  B A CYS 147 ? A CYS 186 ? 1_555 88.9  ? 
14 SG  A A CYS 147 ? A CYS 186 ? 1_555 CD ? B CD . ? A CD 301 ? 1_555 SG  B A CYS 147 ? A CYS 186 ? 1_555 40.2  ? 
15 OE1 ? A GLU 128 ? A GLU 167 ? 1_555 CD ? B CD . ? A CD 301 ? 1_555 SG  A A CYS 147 ? A CYS 186 ? 1_555 91.6  ? 
16 OE1 ? A GLU 128 ? A GLU 167 ? 1_555 CD ? B CD . ? A CD 301 ? 1_555 SG  A A CYS 147 ? A CYS 186 ? 1_555 91.6  ? 
17 SG  A A CYS 147 ? A CYS 186 ? 1_555 CD ? B CD . ? A CD 301 ? 1_555 SG  A A CYS 147 ? A CYS 186 ? 1_555 0.0   ? 
18 SG  B A CYS 147 ? A CYS 186 ? 1_555 CD ? B CD . ? A CD 301 ? 1_555 SG  A A CYS 147 ? A CYS 186 ? 1_555 40.2  ? 
19 OE1 ? A GLU 128 ? A GLU 167 ? 1_555 CD ? B CD . ? A CD 301 ? 1_555 SG  B A CYS 147 ? A CYS 186 ? 1_555 88.9  ? 
20 OE1 ? A GLU 128 ? A GLU 167 ? 1_555 CD ? B CD . ? A CD 301 ? 1_555 SG  B A CYS 147 ? A CYS 186 ? 1_555 88.9  ? 
21 SG  A A CYS 147 ? A CYS 186 ? 1_555 CD ? B CD . ? A CD 301 ? 1_555 SG  B A CYS 147 ? A CYS 186 ? 1_555 40.2  ? 
22 SG  B A CYS 147 ? A CYS 186 ? 1_555 CD ? B CD . ? A CD 301 ? 1_555 SG  B A CYS 147 ? A CYS 186 ? 1_555 0.0   ? 
23 SG  A A CYS 147 ? A CYS 186 ? 1_555 CD ? B CD . ? A CD 301 ? 1_555 SG  B A CYS 147 ? A CYS 186 ? 1_555 40.2  ? 
24 OE1 ? A GLU 128 ? A GLU 167 ? 1_555 CD ? B CD . ? A CD 301 ? 1_555 O   ? H HOH .   ? A HOH 457 ? 1_555 92.6  ? 
25 OE1 ? A GLU 128 ? A GLU 167 ? 1_555 CD ? B CD . ? A CD 301 ? 1_555 O   ? H HOH .   ? A HOH 457 ? 1_555 92.6  ? 
26 SG  A A CYS 147 ? A CYS 186 ? 1_555 CD ? B CD . ? A CD 301 ? 1_555 O   ? H HOH .   ? A HOH 457 ? 1_555 118.8 ? 
27 SG  B A CYS 147 ? A CYS 186 ? 1_555 CD ? B CD . ? A CD 301 ? 1_555 O   ? H HOH .   ? A HOH 457 ? 1_555 159.0 ? 
28 SG  A A CYS 147 ? A CYS 186 ? 1_555 CD ? B CD . ? A CD 301 ? 1_555 O   ? H HOH .   ? A HOH 457 ? 1_555 118.8 ? 
29 SG  B A CYS 147 ? A CYS 186 ? 1_555 CD ? B CD . ? A CD 301 ? 1_555 O   ? H HOH .   ? A HOH 457 ? 1_555 159.0 ? 
30 OE1 ? A GLU 128 ? A GLU 167 ? 1_555 CD ? B CD . ? A CD 301 ? 1_555 O   ? H HOH .   ? A HOH 457 ? 5_655 93.4  ? 
31 OE1 ? A GLU 128 ? A GLU 167 ? 1_555 CD ? B CD . ? A CD 301 ? 1_555 O   ? H HOH .   ? A HOH 457 ? 5_655 93.4  ? 
32 SG  A A CYS 147 ? A CYS 186 ? 1_555 CD ? B CD . ? A CD 301 ? 1_555 O   ? H HOH .   ? A HOH 457 ? 5_655 68.1  ? 
33 SG  B A CYS 147 ? A CYS 186 ? 1_555 CD ? B CD . ? A CD 301 ? 1_555 O   ? H HOH .   ? A HOH 457 ? 5_655 108.3 ? 
34 SG  A A CYS 147 ? A CYS 186 ? 1_555 CD ? B CD . ? A CD 301 ? 1_555 O   ? H HOH .   ? A HOH 457 ? 5_655 68.1  ? 
35 SG  B A CYS 147 ? A CYS 186 ? 1_555 CD ? B CD . ? A CD 301 ? 1_555 O   ? H HOH .   ? A HOH 457 ? 5_655 108.3 ? 
36 O   ? H HOH .   ? A HOH 457 ? 1_555 CD ? B CD . ? A CD 301 ? 1_555 O   ? H HOH .   ? A HOH 457 ? 5_655 50.7  ? 
37 OE1 ? A GLU 128 ? A GLU 167 ? 1_555 CD ? C CD . ? A CD 302 ? 1_555 OE2 ? A GLU 128 ? A GLU 167 ? 1_555 52.7  ? 
38 OE1 ? A GLU 128 ? A GLU 167 ? 1_555 CD ? C CD . ? A CD 302 ? 1_555 SG  A A CYS 147 ? A CYS 186 ? 1_555 31.8  ? 
39 OE2 ? A GLU 128 ? A GLU 167 ? 1_555 CD ? C CD . ? A CD 302 ? 1_555 SG  A A CYS 147 ? A CYS 186 ? 1_555 77.7  ? 
40 OE1 ? A GLU 128 ? A GLU 167 ? 1_555 CD ? C CD . ? A CD 302 ? 1_555 SG  B A CYS 147 ? A CYS 186 ? 1_555 45.1  ? 
41 OE2 ? A GLU 128 ? A GLU 167 ? 1_555 CD ? C CD . ? A CD 302 ? 1_555 SG  B A CYS 147 ? A CYS 186 ? 1_555 81.0  ? 
42 SG  A A CYS 147 ? A CYS 186 ? 1_555 CD ? C CD . ? A CD 302 ? 1_555 SG  B A CYS 147 ? A CYS 186 ? 1_555 17.0  ? 
43 OE1 ? A GLU 128 ? A GLU 167 ? 1_555 CD ? C CD . ? A CD 302 ? 1_555 O   ? H HOH .   ? A HOH 455 ? 5_655 141.1 ? 
44 OE2 ? A GLU 128 ? A GLU 167 ? 1_555 CD ? C CD . ? A CD 302 ? 1_555 O   ? H HOH .   ? A HOH 455 ? 5_655 102.3 ? 
45 SG  A A CYS 147 ? A CYS 186 ? 1_555 CD ? C CD . ? A CD 302 ? 1_555 O   ? H HOH .   ? A HOH 455 ? 5_655 126.2 ? 
46 SG  B A CYS 147 ? A CYS 186 ? 1_555 CD ? C CD . ? A CD 302 ? 1_555 O   ? H HOH .   ? A HOH 455 ? 5_655 109.2 ? 
47 OE1 ? A GLU 128 ? A GLU 167 ? 1_555 CD ? C CD . ? A CD 302 ? 1_555 O   ? H HOH .   ? A HOH 462 ? 1_555 106.3 ? 
48 OE2 ? A GLU 128 ? A GLU 167 ? 1_555 CD ? C CD . ? A CD 302 ? 1_555 O   ? H HOH .   ? A HOH 462 ? 1_555 101.6 ? 
49 SG  A A CYS 147 ? A CYS 186 ? 1_555 CD ? C CD . ? A CD 302 ? 1_555 O   ? H HOH .   ? A HOH 462 ? 1_555 125.0 ? 
50 SG  B A CYS 147 ? A CYS 186 ? 1_555 CD ? C CD . ? A CD 302 ? 1_555 O   ? H HOH .   ? A HOH 462 ? 1_555 141.2 ? 
51 O   ? H HOH .   ? A HOH 455 ? 5_655 CD ? C CD . ? A CD 302 ? 1_555 O   ? H HOH .   ? A HOH 462 ? 1_555 108.0 ? 
# 
loop_
_struct_mon_prot_cis.pdbx_id 
_struct_mon_prot_cis.label_comp_id 
_struct_mon_prot_cis.label_seq_id 
_struct_mon_prot_cis.label_asym_id 
_struct_mon_prot_cis.label_alt_id 
_struct_mon_prot_cis.pdbx_PDB_ins_code 
_struct_mon_prot_cis.auth_comp_id 
_struct_mon_prot_cis.auth_seq_id 
_struct_mon_prot_cis.auth_asym_id 
_struct_mon_prot_cis.pdbx_label_comp_id_2 
_struct_mon_prot_cis.pdbx_label_seq_id_2 
_struct_mon_prot_cis.pdbx_label_asym_id_2 
_struct_mon_prot_cis.pdbx_PDB_ins_code_2 
_struct_mon_prot_cis.pdbx_auth_comp_id_2 
_struct_mon_prot_cis.pdbx_auth_seq_id_2 
_struct_mon_prot_cis.pdbx_auth_asym_id_2 
_struct_mon_prot_cis.pdbx_PDB_model_num 
_struct_mon_prot_cis.pdbx_omega_angle 
1 PHE 33 A . ? PHE 72  A PRO 34 A ? PRO 73  A 1 -6.49 
2 SER 90 A . ? SER 129 A PRO 91 A ? PRO 130 A 1 -7.65 
# 
loop_
_struct_sheet.id 
_struct_sheet.type 
_struct_sheet.number_strands 
_struct_sheet.details 
AA1 ? 3 ? 
AA2 ? 5 ? 
AA3 ? 4 ? 
AA4 ? 3 ? 
AA5 ? 2 ? 
# 
loop_
_struct_sheet_order.sheet_id 
_struct_sheet_order.range_id_1 
_struct_sheet_order.range_id_2 
_struct_sheet_order.offset 
_struct_sheet_order.sense 
AA1 1 2 ? anti-parallel 
AA1 2 3 ? anti-parallel 
AA2 1 2 ? parallel      
AA2 2 3 ? anti-parallel 
AA2 3 4 ? anti-parallel 
AA2 4 5 ? anti-parallel 
AA3 1 2 ? anti-parallel 
AA3 2 3 ? anti-parallel 
AA3 3 4 ? anti-parallel 
AA4 1 2 ? anti-parallel 
AA4 2 3 ? parallel      
AA5 1 2 ? anti-parallel 
# 
loop_
_struct_sheet_range.sheet_id 
_struct_sheet_range.id 
_struct_sheet_range.beg_label_comp_id 
_struct_sheet_range.beg_label_asym_id 
_struct_sheet_range.beg_label_seq_id 
_struct_sheet_range.pdbx_beg_PDB_ins_code 
_struct_sheet_range.end_label_comp_id 
_struct_sheet_range.end_label_asym_id 
_struct_sheet_range.end_label_seq_id 
_struct_sheet_range.pdbx_end_PDB_ins_code 
_struct_sheet_range.beg_auth_comp_id 
_struct_sheet_range.beg_auth_asym_id 
_struct_sheet_range.beg_auth_seq_id 
_struct_sheet_range.end_auth_comp_id 
_struct_sheet_range.end_auth_asym_id 
_struct_sheet_range.end_auth_seq_id 
AA1 1 ARG A 4   ? LEU A 7   ? ARG A 43  LEU A 46  
AA1 2 LYS A 37  ? SER A 41  ? LYS A 76  SER A 80  
AA1 3 VAL A 102 ? SER A 103 ? VAL A 141 SER A 142 
AA2 1 GLU A 22  ? ILE A 24  ? GLU A 61  ILE A 63  
AA2 2 PHE A 153 ? VAL A 156 ? PHE A 192 VAL A 195 
AA2 3 LYS A 126 ? VAL A 136 ? LYS A 165 VAL A 175 
AA2 4 MET A 48  ? ALA A 57  ? MET A 87  ALA A 96  
AA2 5 ASN A 92  ? PHE A 93  ? ASN A 131 PHE A 132 
AA3 1 TYR A 85  ? ILE A 86  ? TYR A 124 ILE A 125 
AA3 2 MET A 48  ? ALA A 57  ? MET A 87  ALA A 96  
AA3 3 LYS A 126 ? VAL A 136 ? LYS A 165 VAL A 175 
AA3 4 MET A 142 ? CYS A 147 ? MET A 181 CYS A 186 
AA4 1 ARG A 30  ? ARG A 31  ? ARG A 69  ARG A 70  
AA4 2 LYS A 108 ? THR A 110 ? LYS A 147 THR A 149 
AA4 3 ILE A 119 ? MET A 120 ? ILE A 158 MET A 159 
AA5 1 TRP A 63  ? VAL A 66  ? TRP A 102 VAL A 105 
AA5 2 GLU A 69  ? PRO A 72  ? GLU A 108 PRO A 111 
# 
loop_
_pdbx_struct_sheet_hbond.sheet_id 
_pdbx_struct_sheet_hbond.range_id_1 
_pdbx_struct_sheet_hbond.range_id_2 
_pdbx_struct_sheet_hbond.range_1_label_atom_id 
_pdbx_struct_sheet_hbond.range_1_label_comp_id 
_pdbx_struct_sheet_hbond.range_1_label_asym_id 
_pdbx_struct_sheet_hbond.range_1_label_seq_id 
_pdbx_struct_sheet_hbond.range_1_PDB_ins_code 
_pdbx_struct_sheet_hbond.range_1_auth_atom_id 
_pdbx_struct_sheet_hbond.range_1_auth_comp_id 
_pdbx_struct_sheet_hbond.range_1_auth_asym_id 
_pdbx_struct_sheet_hbond.range_1_auth_seq_id 
_pdbx_struct_sheet_hbond.range_2_label_atom_id 
_pdbx_struct_sheet_hbond.range_2_label_comp_id 
_pdbx_struct_sheet_hbond.range_2_label_asym_id 
_pdbx_struct_sheet_hbond.range_2_label_seq_id 
_pdbx_struct_sheet_hbond.range_2_PDB_ins_code 
_pdbx_struct_sheet_hbond.range_2_auth_atom_id 
_pdbx_struct_sheet_hbond.range_2_auth_comp_id 
_pdbx_struct_sheet_hbond.range_2_auth_asym_id 
_pdbx_struct_sheet_hbond.range_2_auth_seq_id 
AA1 1 2 N GLY A 6   ? N GLY A 45  O ASN A 39  ? O ASN A 78  
AA1 2 3 N VAL A 38  ? N VAL A 77  O VAL A 102 ? O VAL A 141 
AA2 1 2 N MET A 23  ? N MET A 62  O VAL A 156 ? O VAL A 195 
AA2 2 3 O PHE A 153 ? O PHE A 192 N TYR A 127 ? N TYR A 166 
AA2 3 4 O HIS A 132 ? O HIS A 171 N LEU A 52  ? N LEU A 91  
AA2 4 5 N TYR A 49  ? N TYR A 88  O ASN A 92  ? O ASN A 131 
AA3 1 2 O TYR A 85  ? O TYR A 124 N LEU A 53  ? N LEU A 92  
AA3 2 3 N LEU A 52  ? N LEU A 91  O HIS A 132 ? O HIS A 171 
AA3 3 4 N ILE A 133 ? N ILE A 172 O THR A 144 ? O THR A 183 
AA4 1 2 N ARG A 30  ? N ARG A 69  O LEU A 109 ? O LEU A 148 
AA4 2 3 N THR A 110 ? N THR A 149 O ILE A 119 ? O ILE A 158 
AA5 1 2 N VAL A 66  ? N VAL A 105 O GLU A 69  ? O GLU A 108 
# 
loop_
_struct_site.id 
_struct_site.pdbx_evidence_code 
_struct_site.pdbx_auth_asym_id 
_struct_site.pdbx_auth_comp_id 
_struct_site.pdbx_auth_seq_id 
_struct_site.pdbx_auth_ins_code 
_struct_site.pdbx_num_residues 
_struct_site.details 
AC1 Software A CD  301 ? 8 'binding site for residue CD A 301'  
AC2 Software A CD  302 ? 6 'binding site for residue CD A 302'  
AC3 Software A CD  303 ? 4 'binding site for residue CD A 303'  
AC4 Software A CD  304 ? 5 'binding site for residue CD A 304'  
AC5 Software A CD  305 ? 4 'binding site for residue CD A 305'  
AC6 Software A NZJ 306 ? 7 'binding site for residue NZJ A 306' 
# 
loop_
_struct_site_gen.id 
_struct_site_gen.site_id 
_struct_site_gen.pdbx_num_res 
_struct_site_gen.label_comp_id 
_struct_site_gen.label_asym_id 
_struct_site_gen.label_seq_id 
_struct_site_gen.pdbx_auth_ins_code 
_struct_site_gen.auth_comp_id 
_struct_site_gen.auth_asym_id 
_struct_site_gen.auth_seq_id 
_struct_site_gen.label_atom_id 
_struct_site_gen.label_alt_id 
_struct_site_gen.symmetry 
_struct_site_gen.details 
1  AC1 8 GLU A 128 ? GLU A 167 . ? 1_555 ? 
2  AC1 8 GLU A 128 ? GLU A 167 . ? 5_655 ? 
3  AC1 8 CYS A 147 ? CYS A 186 . ? 5_655 ? 
4  AC1 8 CYS A 147 ? CYS A 186 . ? 1_555 ? 
5  AC1 8 CD  C .   ? CD  A 302 . ? 5_655 ? 
6  AC1 8 CD  C .   ? CD  A 302 . ? 1_555 ? 
7  AC1 8 HOH H .   ? HOH A 457 . ? 5_655 ? 
8  AC1 8 HOH H .   ? HOH A 457 . ? 1_555 ? 
9  AC2 6 GLU A 128 ? GLU A 167 . ? 1_555 ? 
10 AC2 6 CYS A 147 ? CYS A 186 . ? 5_655 ? 
11 AC2 6 CD  B .   ? CD  A 301 . ? 5_655 ? 
12 AC2 6 CD  B .   ? CD  A 301 . ? 1_555 ? 
13 AC2 6 HOH H .   ? HOH A 455 . ? 5_655 ? 
14 AC2 6 HOH H .   ? HOH A 462 . ? 1_555 ? 
15 AC3 4 CYS A 83  ? CYS A 122 . ? 1_555 ? 
16 AC3 4 HOH H .   ? HOH A 447 . ? 1_555 ? 
17 AC3 4 HOH H .   ? HOH A 452 . ? 1_555 ? 
18 AC3 4 HOH H .   ? HOH A 472 . ? 1_555 ? 
19 AC4 5 LEU A 52  ? LEU A 91  . ? 5_655 ? 
20 AC4 5 HIS A 61  ? HIS A 100 . ? 1_555 ? 
21 AC4 5 HOH H .   ? HOH A 459 . ? 1_555 ? 
22 AC4 5 HOH H .   ? HOH A 460 . ? 1_555 ? 
23 AC4 5 HOH H .   ? HOH A 461 . ? 1_555 ? 
24 AC5 4 CYS A 83  ? CYS A 122 . ? 1_555 ? 
25 AC5 4 HOH H .   ? HOH A 454 . ? 1_555 ? 
26 AC5 4 HOH H .   ? HOH A 472 . ? 1_555 ? 
27 AC5 4 HOH H .   ? HOH A 473 . ? 1_555 ? 
28 AC6 7 SER A 50  ? SER A 89  . ? 1_555 ? 
29 AC6 7 ILE A 86  ? ILE A 125 . ? 1_555 ? 
30 AC6 7 SER A 90  ? SER A 129 . ? 1_555 ? 
31 AC6 7 PHE A 93  ? PHE A 132 . ? 6_555 ? 
32 AC6 7 ARG A 141 ? ARG A 180 . ? 1_555 ? 
33 AC6 7 HOH H .   ? HOH A 417 . ? 6_555 ? 
34 AC6 7 HOH H .   ? HOH A 470 . ? 1_555 ? 
# 
_pdbx_validate_torsion.id              1 
_pdbx_validate_torsion.PDB_model_num   1 
_pdbx_validate_torsion.auth_comp_id    THR 
_pdbx_validate_torsion.auth_asym_id    A 
_pdbx_validate_torsion.auth_seq_id     59 
_pdbx_validate_torsion.PDB_ins_code    ? 
_pdbx_validate_torsion.label_alt_id    ? 
_pdbx_validate_torsion.phi             72.80 
_pdbx_validate_torsion.psi             104.40 
# 
_pdbx_struct_special_symmetry.id              1 
_pdbx_struct_special_symmetry.PDB_model_num   1 
_pdbx_struct_special_symmetry.auth_asym_id    A 
_pdbx_struct_special_symmetry.auth_comp_id    CD 
_pdbx_struct_special_symmetry.auth_seq_id     301 
_pdbx_struct_special_symmetry.PDB_ins_code    ? 
_pdbx_struct_special_symmetry.label_asym_id   B 
_pdbx_struct_special_symmetry.label_comp_id   CD 
_pdbx_struct_special_symmetry.label_seq_id    . 
# 
_phasing.method   MR 
# 
_pdbx_entry_details.entry_id                 5QS5 
_pdbx_entry_details.has_ligand_of_interest   Y 
_pdbx_entry_details.compound_details         ? 
_pdbx_entry_details.source_details           ? 
_pdbx_entry_details.nonpolymer_details       ? 
_pdbx_entry_details.sequence_details         ? 
# 
loop_
_pdbx_distant_solvent_atoms.id 
_pdbx_distant_solvent_atoms.PDB_model_num 
_pdbx_distant_solvent_atoms.auth_atom_id 
_pdbx_distant_solvent_atoms.label_alt_id 
_pdbx_distant_solvent_atoms.auth_asym_id 
_pdbx_distant_solvent_atoms.auth_comp_id 
_pdbx_distant_solvent_atoms.auth_seq_id 
_pdbx_distant_solvent_atoms.PDB_ins_code 
_pdbx_distant_solvent_atoms.neighbor_macromolecule_distance 
_pdbx_distant_solvent_atoms.neighbor_ligand_distance 
1 1 O ? A HOH 472 ? 6.55 . 
2 1 O ? A HOH 473 ? 6.98 . 
# 
_pdbx_unobs_or_zero_occ_residues.id               1 
_pdbx_unobs_or_zero_occ_residues.PDB_model_num    1 
_pdbx_unobs_or_zero_occ_residues.polymer_flag     Y 
_pdbx_unobs_or_zero_occ_residues.occupancy_flag   1 
_pdbx_unobs_or_zero_occ_residues.auth_asym_id     A 
_pdbx_unobs_or_zero_occ_residues.auth_comp_id     GLY 
_pdbx_unobs_or_zero_occ_residues.auth_seq_id      40 
_pdbx_unobs_or_zero_occ_residues.PDB_ins_code     ? 
_pdbx_unobs_or_zero_occ_residues.label_asym_id    A 
_pdbx_unobs_or_zero_occ_residues.label_comp_id    GLY 
_pdbx_unobs_or_zero_occ_residues.label_seq_id     1 
# 
loop_
_chem_comp_atom.comp_id 
_chem_comp_atom.atom_id 
_chem_comp_atom.type_symbol 
_chem_comp_atom.pdbx_aromatic_flag 
_chem_comp_atom.pdbx_stereo_config 
_chem_comp_atom.pdbx_ordinal 
ALA N    N  N N 1   
ALA CA   C  N S 2   
ALA C    C  N N 3   
ALA O    O  N N 4   
ALA CB   C  N N 5   
ALA OXT  O  N N 6   
ALA H    H  N N 7   
ALA H2   H  N N 8   
ALA HA   H  N N 9   
ALA HB1  H  N N 10  
ALA HB2  H  N N 11  
ALA HB3  H  N N 12  
ALA HXT  H  N N 13  
ARG N    N  N N 14  
ARG CA   C  N S 15  
ARG C    C  N N 16  
ARG O    O  N N 17  
ARG CB   C  N N 18  
ARG CG   C  N N 19  
ARG CD   C  N N 20  
ARG NE   N  N N 21  
ARG CZ   C  N N 22  
ARG NH1  N  N N 23  
ARG NH2  N  N N 24  
ARG OXT  O  N N 25  
ARG H    H  N N 26  
ARG H2   H  N N 27  
ARG HA   H  N N 28  
ARG HB2  H  N N 29  
ARG HB3  H  N N 30  
ARG HG2  H  N N 31  
ARG HG3  H  N N 32  
ARG HD2  H  N N 33  
ARG HD3  H  N N 34  
ARG HE   H  N N 35  
ARG HH11 H  N N 36  
ARG HH12 H  N N 37  
ARG HH21 H  N N 38  
ARG HH22 H  N N 39  
ARG HXT  H  N N 40  
ASN N    N  N N 41  
ASN CA   C  N S 42  
ASN C    C  N N 43  
ASN O    O  N N 44  
ASN CB   C  N N 45  
ASN CG   C  N N 46  
ASN OD1  O  N N 47  
ASN ND2  N  N N 48  
ASN OXT  O  N N 49  
ASN H    H  N N 50  
ASN H2   H  N N 51  
ASN HA   H  N N 52  
ASN HB2  H  N N 53  
ASN HB3  H  N N 54  
ASN HD21 H  N N 55  
ASN HD22 H  N N 56  
ASN HXT  H  N N 57  
ASP N    N  N N 58  
ASP CA   C  N S 59  
ASP C    C  N N 60  
ASP O    O  N N 61  
ASP CB   C  N N 62  
ASP CG   C  N N 63  
ASP OD1  O  N N 64  
ASP OD2  O  N N 65  
ASP OXT  O  N N 66  
ASP H    H  N N 67  
ASP H2   H  N N 68  
ASP HA   H  N N 69  
ASP HB2  H  N N 70  
ASP HB3  H  N N 71  
ASP HD2  H  N N 72  
ASP HXT  H  N N 73  
CD  CD   CD N N 74  
CYS N    N  N N 75  
CYS CA   C  N R 76  
CYS C    C  N N 77  
CYS O    O  N N 78  
CYS CB   C  N N 79  
CYS SG   S  N N 80  
CYS OXT  O  N N 81  
CYS H    H  N N 82  
CYS H2   H  N N 83  
CYS HA   H  N N 84  
CYS HB2  H  N N 85  
CYS HB3  H  N N 86  
CYS HG   H  N N 87  
CYS HXT  H  N N 88  
GLN N    N  N N 89  
GLN CA   C  N S 90  
GLN C    C  N N 91  
GLN O    O  N N 92  
GLN CB   C  N N 93  
GLN CG   C  N N 94  
GLN CD   C  N N 95  
GLN OE1  O  N N 96  
GLN NE2  N  N N 97  
GLN OXT  O  N N 98  
GLN H    H  N N 99  
GLN H2   H  N N 100 
GLN HA   H  N N 101 
GLN HB2  H  N N 102 
GLN HB3  H  N N 103 
GLN HG2  H  N N 104 
GLN HG3  H  N N 105 
GLN HE21 H  N N 106 
GLN HE22 H  N N 107 
GLN HXT  H  N N 108 
GLU N    N  N N 109 
GLU CA   C  N S 110 
GLU C    C  N N 111 
GLU O    O  N N 112 
GLU CB   C  N N 113 
GLU CG   C  N N 114 
GLU CD   C  N N 115 
GLU OE1  O  N N 116 
GLU OE2  O  N N 117 
GLU OXT  O  N N 118 
GLU H    H  N N 119 
GLU H2   H  N N 120 
GLU HA   H  N N 121 
GLU HB2  H  N N 122 
GLU HB3  H  N N 123 
GLU HG2  H  N N 124 
GLU HG3  H  N N 125 
GLU HE2  H  N N 126 
GLU HXT  H  N N 127 
GLY N    N  N N 128 
GLY CA   C  N N 129 
GLY C    C  N N 130 
GLY O    O  N N 131 
GLY OXT  O  N N 132 
GLY H    H  N N 133 
GLY H2   H  N N 134 
GLY HA2  H  N N 135 
GLY HA3  H  N N 136 
GLY HXT  H  N N 137 
HIS N    N  N N 138 
HIS CA   C  N S 139 
HIS C    C  N N 140 
HIS O    O  N N 141 
HIS CB   C  N N 142 
HIS CG   C  Y N 143 
HIS ND1  N  Y N 144 
HIS CD2  C  Y N 145 
HIS CE1  C  Y N 146 
HIS NE2  N  Y N 147 
HIS OXT  O  N N 148 
HIS H    H  N N 149 
HIS H2   H  N N 150 
HIS HA   H  N N 151 
HIS HB2  H  N N 152 
HIS HB3  H  N N 153 
HIS HD1  H  N N 154 
HIS HD2  H  N N 155 
HIS HE1  H  N N 156 
HIS HE2  H  N N 157 
HIS HXT  H  N N 158 
HOH O    O  N N 159 
HOH H1   H  N N 160 
HOH H2   H  N N 161 
ILE N    N  N N 162 
ILE CA   C  N S 163 
ILE C    C  N N 164 
ILE O    O  N N 165 
ILE CB   C  N S 166 
ILE CG1  C  N N 167 
ILE CG2  C  N N 168 
ILE CD1  C  N N 169 
ILE OXT  O  N N 170 
ILE H    H  N N 171 
ILE H2   H  N N 172 
ILE HA   H  N N 173 
ILE HB   H  N N 174 
ILE HG12 H  N N 175 
ILE HG13 H  N N 176 
ILE HG21 H  N N 177 
ILE HG22 H  N N 178 
ILE HG23 H  N N 179 
ILE HD11 H  N N 180 
ILE HD12 H  N N 181 
ILE HD13 H  N N 182 
ILE HXT  H  N N 183 
LEU N    N  N N 184 
LEU CA   C  N S 185 
LEU C    C  N N 186 
LEU O    O  N N 187 
LEU CB   C  N N 188 
LEU CG   C  N N 189 
LEU CD1  C  N N 190 
LEU CD2  C  N N 191 
LEU OXT  O  N N 192 
LEU H    H  N N 193 
LEU H2   H  N N 194 
LEU HA   H  N N 195 
LEU HB2  H  N N 196 
LEU HB3  H  N N 197 
LEU HG   H  N N 198 
LEU HD11 H  N N 199 
LEU HD12 H  N N 200 
LEU HD13 H  N N 201 
LEU HD21 H  N N 202 
LEU HD22 H  N N 203 
LEU HD23 H  N N 204 
LEU HXT  H  N N 205 
LYS N    N  N N 206 
LYS CA   C  N S 207 
LYS C    C  N N 208 
LYS O    O  N N 209 
LYS CB   C  N N 210 
LYS CG   C  N N 211 
LYS CD   C  N N 212 
LYS CE   C  N N 213 
LYS NZ   N  N N 214 
LYS OXT  O  N N 215 
LYS H    H  N N 216 
LYS H2   H  N N 217 
LYS HA   H  N N 218 
LYS HB2  H  N N 219 
LYS HB3  H  N N 220 
LYS HG2  H  N N 221 
LYS HG3  H  N N 222 
LYS HD2  H  N N 223 
LYS HD3  H  N N 224 
LYS HE2  H  N N 225 
LYS HE3  H  N N 226 
LYS HZ1  H  N N 227 
LYS HZ2  H  N N 228 
LYS HZ3  H  N N 229 
LYS HXT  H  N N 230 
MET N    N  N N 231 
MET CA   C  N S 232 
MET C    C  N N 233 
MET O    O  N N 234 
MET CB   C  N N 235 
MET CG   C  N N 236 
MET SD   S  N N 237 
MET CE   C  N N 238 
MET OXT  O  N N 239 
MET H    H  N N 240 
MET H2   H  N N 241 
MET HA   H  N N 242 
MET HB2  H  N N 243 
MET HB3  H  N N 244 
MET HG2  H  N N 245 
MET HG3  H  N N 246 
MET HE1  H  N N 247 
MET HE2  H  N N 248 
MET HE3  H  N N 249 
MET HXT  H  N N 250 
NZJ N1   N  N N 251 
NZJ C4   C  Y N 252 
NZJ C5   C  Y N 253 
NZJ C6   C  Y N 254 
NZJ C7   C  Y N 255 
NZJ C8   C  N N 256 
NZJ C10  C  N N 257 
NZJ C13  C  N N 258 
NZJ C1   C  N N 259 
NZJ C11  C  N N 260 
NZJ C12  C  N N 261 
NZJ C14  C  N N 262 
NZJ C2   C  Y N 263 
NZJ C3   C  Y N 264 
NZJ C9   C  N N 265 
NZJ N2   N  N N 266 
NZJ O1   O  N N 267 
NZJ O2   O  N N 268 
NZJ H1   H  N N 269 
NZJ H2   H  N N 270 
NZJ H3   H  N N 271 
NZJ H4   H  N N 272 
NZJ H5   H  N N 273 
NZJ H6   H  N N 274 
NZJ H7   H  N N 275 
NZJ H8   H  N N 276 
NZJ H9   H  N N 277 
NZJ H10  H  N N 278 
NZJ H11  H  N N 279 
NZJ H12  H  N N 280 
NZJ H13  H  N N 281 
NZJ H14  H  N N 282 
NZJ H15  H  N N 283 
NZJ H16  H  N N 284 
NZJ H17  H  N N 285 
NZJ H18  H  N N 286 
PHE N    N  N N 287 
PHE CA   C  N S 288 
PHE C    C  N N 289 
PHE O    O  N N 290 
PHE CB   C  N N 291 
PHE CG   C  Y N 292 
PHE CD1  C  Y N 293 
PHE CD2  C  Y N 294 
PHE CE1  C  Y N 295 
PHE CE2  C  Y N 296 
PHE CZ   C  Y N 297 
PHE OXT  O  N N 298 
PHE H    H  N N 299 
PHE H2   H  N N 300 
PHE HA   H  N N 301 
PHE HB2  H  N N 302 
PHE HB3  H  N N 303 
PHE HD1  H  N N 304 
PHE HD2  H  N N 305 
PHE HE1  H  N N 306 
PHE HE2  H  N N 307 
PHE HZ   H  N N 308 
PHE HXT  H  N N 309 
PRO N    N  N N 310 
PRO CA   C  N S 311 
PRO C    C  N N 312 
PRO O    O  N N 313 
PRO CB   C  N N 314 
PRO CG   C  N N 315 
PRO CD   C  N N 316 
PRO OXT  O  N N 317 
PRO H    H  N N 318 
PRO HA   H  N N 319 
PRO HB2  H  N N 320 
PRO HB3  H  N N 321 
PRO HG2  H  N N 322 
PRO HG3  H  N N 323 
PRO HD2  H  N N 324 
PRO HD3  H  N N 325 
PRO HXT  H  N N 326 
SER N    N  N N 327 
SER CA   C  N S 328 
SER C    C  N N 329 
SER O    O  N N 330 
SER CB   C  N N 331 
SER OG   O  N N 332 
SER OXT  O  N N 333 
SER H    H  N N 334 
SER H2   H  N N 335 
SER HA   H  N N 336 
SER HB2  H  N N 337 
SER HB3  H  N N 338 
SER HG   H  N N 339 
SER HXT  H  N N 340 
THR N    N  N N 341 
THR CA   C  N S 342 
THR C    C  N N 343 
THR O    O  N N 344 
THR CB   C  N R 345 
THR OG1  O  N N 346 
THR CG2  C  N N 347 
THR OXT  O  N N 348 
THR H    H  N N 349 
THR H2   H  N N 350 
THR HA   H  N N 351 
THR HB   H  N N 352 
THR HG1  H  N N 353 
THR HG21 H  N N 354 
THR HG22 H  N N 355 
THR HG23 H  N N 356 
THR HXT  H  N N 357 
TRP N    N  N N 358 
TRP CA   C  N S 359 
TRP C    C  N N 360 
TRP O    O  N N 361 
TRP CB   C  N N 362 
TRP CG   C  Y N 363 
TRP CD1  C  Y N 364 
TRP CD2  C  Y N 365 
TRP NE1  N  Y N 366 
TRP CE2  C  Y N 367 
TRP CE3  C  Y N 368 
TRP CZ2  C  Y N 369 
TRP CZ3  C  Y N 370 
TRP CH2  C  Y N 371 
TRP OXT  O  N N 372 
TRP H    H  N N 373 
TRP H2   H  N N 374 
TRP HA   H  N N 375 
TRP HB2  H  N N 376 
TRP HB3  H  N N 377 
TRP HD1  H  N N 378 
TRP HE1  H  N N 379 
TRP HE3  H  N N 380 
TRP HZ2  H  N N 381 
TRP HZ3  H  N N 382 
TRP HH2  H  N N 383 
TRP HXT  H  N N 384 
TYR N    N  N N 385 
TYR CA   C  N S 386 
TYR C    C  N N 387 
TYR O    O  N N 388 
TYR CB   C  N N 389 
TYR CG   C  Y N 390 
TYR CD1  C  Y N 391 
TYR CD2  C  Y N 392 
TYR CE1  C  Y N 393 
TYR CE2  C  Y N 394 
TYR CZ   C  Y N 395 
TYR OH   O  N N 396 
TYR OXT  O  N N 397 
TYR H    H  N N 398 
TYR H2   H  N N 399 
TYR HA   H  N N 400 
TYR HB2  H  N N 401 
TYR HB3  H  N N 402 
TYR HD1  H  N N 403 
TYR HD2  H  N N 404 
TYR HE1  H  N N 405 
TYR HE2  H  N N 406 
TYR HH   H  N N 407 
TYR HXT  H  N N 408 
VAL N    N  N N 409 
VAL CA   C  N S 410 
VAL C    C  N N 411 
VAL O    O  N N 412 
VAL CB   C  N N 413 
VAL CG1  C  N N 414 
VAL CG2  C  N N 415 
VAL OXT  O  N N 416 
VAL H    H  N N 417 
VAL H2   H  N N 418 
VAL HA   H  N N 419 
VAL HB   H  N N 420 
VAL HG11 H  N N 421 
VAL HG12 H  N N 422 
VAL HG13 H  N N 423 
VAL HG21 H  N N 424 
VAL HG22 H  N N 425 
VAL HG23 H  N N 426 
VAL HXT  H  N N 427 
# 
loop_
_chem_comp_bond.comp_id 
_chem_comp_bond.atom_id_1 
_chem_comp_bond.atom_id_2 
_chem_comp_bond.value_order 
_chem_comp_bond.pdbx_aromatic_flag 
_chem_comp_bond.pdbx_stereo_config 
_chem_comp_bond.pdbx_ordinal 
ALA N   CA   sing N N 1   
ALA N   H    sing N N 2   
ALA N   H2   sing N N 3   
ALA CA  C    sing N N 4   
ALA CA  CB   sing N N 5   
ALA CA  HA   sing N N 6   
ALA C   O    doub N N 7   
ALA C   OXT  sing N N 8   
ALA CB  HB1  sing N N 9   
ALA CB  HB2  sing N N 10  
ALA CB  HB3  sing N N 11  
ALA OXT HXT  sing N N 12  
ARG N   CA   sing N N 13  
ARG N   H    sing N N 14  
ARG N   H2   sing N N 15  
ARG CA  C    sing N N 16  
ARG CA  CB   sing N N 17  
ARG CA  HA   sing N N 18  
ARG C   O    doub N N 19  
ARG C   OXT  sing N N 20  
ARG CB  CG   sing N N 21  
ARG CB  HB2  sing N N 22  
ARG CB  HB3  sing N N 23  
ARG CG  CD   sing N N 24  
ARG CG  HG2  sing N N 25  
ARG CG  HG3  sing N N 26  
ARG CD  NE   sing N N 27  
ARG CD  HD2  sing N N 28  
ARG CD  HD3  sing N N 29  
ARG NE  CZ   sing N N 30  
ARG NE  HE   sing N N 31  
ARG CZ  NH1  sing N N 32  
ARG CZ  NH2  doub N N 33  
ARG NH1 HH11 sing N N 34  
ARG NH1 HH12 sing N N 35  
ARG NH2 HH21 sing N N 36  
ARG NH2 HH22 sing N N 37  
ARG OXT HXT  sing N N 38  
ASN N   CA   sing N N 39  
ASN N   H    sing N N 40  
ASN N   H2   sing N N 41  
ASN CA  C    sing N N 42  
ASN CA  CB   sing N N 43  
ASN CA  HA   sing N N 44  
ASN C   O    doub N N 45  
ASN C   OXT  sing N N 46  
ASN CB  CG   sing N N 47  
ASN CB  HB2  sing N N 48  
ASN CB  HB3  sing N N 49  
ASN CG  OD1  doub N N 50  
ASN CG  ND2  sing N N 51  
ASN ND2 HD21 sing N N 52  
ASN ND2 HD22 sing N N 53  
ASN OXT HXT  sing N N 54  
ASP N   CA   sing N N 55  
ASP N   H    sing N N 56  
ASP N   H2   sing N N 57  
ASP CA  C    sing N N 58  
ASP CA  CB   sing N N 59  
ASP CA  HA   sing N N 60  
ASP C   O    doub N N 61  
ASP C   OXT  sing N N 62  
ASP CB  CG   sing N N 63  
ASP CB  HB2  sing N N 64  
ASP CB  HB3  sing N N 65  
ASP CG  OD1  doub N N 66  
ASP CG  OD2  sing N N 67  
ASP OD2 HD2  sing N N 68  
ASP OXT HXT  sing N N 69  
CYS N   CA   sing N N 70  
CYS N   H    sing N N 71  
CYS N   H2   sing N N 72  
CYS CA  C    sing N N 73  
CYS CA  CB   sing N N 74  
CYS CA  HA   sing N N 75  
CYS C   O    doub N N 76  
CYS C   OXT  sing N N 77  
CYS CB  SG   sing N N 78  
CYS CB  HB2  sing N N 79  
CYS CB  HB3  sing N N 80  
CYS SG  HG   sing N N 81  
CYS OXT HXT  sing N N 82  
GLN N   CA   sing N N 83  
GLN N   H    sing N N 84  
GLN N   H2   sing N N 85  
GLN CA  C    sing N N 86  
GLN CA  CB   sing N N 87  
GLN CA  HA   sing N N 88  
GLN C   O    doub N N 89  
GLN C   OXT  sing N N 90  
GLN CB  CG   sing N N 91  
GLN CB  HB2  sing N N 92  
GLN CB  HB3  sing N N 93  
GLN CG  CD   sing N N 94  
GLN CG  HG2  sing N N 95  
GLN CG  HG3  sing N N 96  
GLN CD  OE1  doub N N 97  
GLN CD  NE2  sing N N 98  
GLN NE2 HE21 sing N N 99  
GLN NE2 HE22 sing N N 100 
GLN OXT HXT  sing N N 101 
GLU N   CA   sing N N 102 
GLU N   H    sing N N 103 
GLU N   H2   sing N N 104 
GLU CA  C    sing N N 105 
GLU CA  CB   sing N N 106 
GLU CA  HA   sing N N 107 
GLU C   O    doub N N 108 
GLU C   OXT  sing N N 109 
GLU CB  CG   sing N N 110 
GLU CB  HB2  sing N N 111 
GLU CB  HB3  sing N N 112 
GLU CG  CD   sing N N 113 
GLU CG  HG2  sing N N 114 
GLU CG  HG3  sing N N 115 
GLU CD  OE1  doub N N 116 
GLU CD  OE2  sing N N 117 
GLU OE2 HE2  sing N N 118 
GLU OXT HXT  sing N N 119 
GLY N   CA   sing N N 120 
GLY N   H    sing N N 121 
GLY N   H2   sing N N 122 
GLY CA  C    sing N N 123 
GLY CA  HA2  sing N N 124 
GLY CA  HA3  sing N N 125 
GLY C   O    doub N N 126 
GLY C   OXT  sing N N 127 
GLY OXT HXT  sing N N 128 
HIS N   CA   sing N N 129 
HIS N   H    sing N N 130 
HIS N   H2   sing N N 131 
HIS CA  C    sing N N 132 
HIS CA  CB   sing N N 133 
HIS CA  HA   sing N N 134 
HIS C   O    doub N N 135 
HIS C   OXT  sing N N 136 
HIS CB  CG   sing N N 137 
HIS CB  HB2  sing N N 138 
HIS CB  HB3  sing N N 139 
HIS CG  ND1  sing Y N 140 
HIS CG  CD2  doub Y N 141 
HIS ND1 CE1  doub Y N 142 
HIS ND1 HD1  sing N N 143 
HIS CD2 NE2  sing Y N 144 
HIS CD2 HD2  sing N N 145 
HIS CE1 NE2  sing Y N 146 
HIS CE1 HE1  sing N N 147 
HIS NE2 HE2  sing N N 148 
HIS OXT HXT  sing N N 149 
HOH O   H1   sing N N 150 
HOH O   H2   sing N N 151 
ILE N   CA   sing N N 152 
ILE N   H    sing N N 153 
ILE N   H2   sing N N 154 
ILE CA  C    sing N N 155 
ILE CA  CB   sing N N 156 
ILE CA  HA   sing N N 157 
ILE C   O    doub N N 158 
ILE C   OXT  sing N N 159 
ILE CB  CG1  sing N N 160 
ILE CB  CG2  sing N N 161 
ILE CB  HB   sing N N 162 
ILE CG1 CD1  sing N N 163 
ILE CG1 HG12 sing N N 164 
ILE CG1 HG13 sing N N 165 
ILE CG2 HG21 sing N N 166 
ILE CG2 HG22 sing N N 167 
ILE CG2 HG23 sing N N 168 
ILE CD1 HD11 sing N N 169 
ILE CD1 HD12 sing N N 170 
ILE CD1 HD13 sing N N 171 
ILE OXT HXT  sing N N 172 
LEU N   CA   sing N N 173 
LEU N   H    sing N N 174 
LEU N   H2   sing N N 175 
LEU CA  C    sing N N 176 
LEU CA  CB   sing N N 177 
LEU CA  HA   sing N N 178 
LEU C   O    doub N N 179 
LEU C   OXT  sing N N 180 
LEU CB  CG   sing N N 181 
LEU CB  HB2  sing N N 182 
LEU CB  HB3  sing N N 183 
LEU CG  CD1  sing N N 184 
LEU CG  CD2  sing N N 185 
LEU CG  HG   sing N N 186 
LEU CD1 HD11 sing N N 187 
LEU CD1 HD12 sing N N 188 
LEU CD1 HD13 sing N N 189 
LEU CD2 HD21 sing N N 190 
LEU CD2 HD22 sing N N 191 
LEU CD2 HD23 sing N N 192 
LEU OXT HXT  sing N N 193 
LYS N   CA   sing N N 194 
LYS N   H    sing N N 195 
LYS N   H2   sing N N 196 
LYS CA  C    sing N N 197 
LYS CA  CB   sing N N 198 
LYS CA  HA   sing N N 199 
LYS C   O    doub N N 200 
LYS C   OXT  sing N N 201 
LYS CB  CG   sing N N 202 
LYS CB  HB2  sing N N 203 
LYS CB  HB3  sing N N 204 
LYS CG  CD   sing N N 205 
LYS CG  HG2  sing N N 206 
LYS CG  HG3  sing N N 207 
LYS CD  CE   sing N N 208 
LYS CD  HD2  sing N N 209 
LYS CD  HD3  sing N N 210 
LYS CE  NZ   sing N N 211 
LYS CE  HE2  sing N N 212 
LYS CE  HE3  sing N N 213 
LYS NZ  HZ1  sing N N 214 
LYS NZ  HZ2  sing N N 215 
LYS NZ  HZ3  sing N N 216 
LYS OXT HXT  sing N N 217 
MET N   CA   sing N N 218 
MET N   H    sing N N 219 
MET N   H2   sing N N 220 
MET CA  C    sing N N 221 
MET CA  CB   sing N N 222 
MET CA  HA   sing N N 223 
MET C   O    doub N N 224 
MET C   OXT  sing N N 225 
MET CB  CG   sing N N 226 
MET CB  HB2  sing N N 227 
MET CB  HB3  sing N N 228 
MET CG  SD   sing N N 229 
MET CG  HG2  sing N N 230 
MET CG  HG3  sing N N 231 
MET SD  CE   sing N N 232 
MET CE  HE1  sing N N 233 
MET CE  HE2  sing N N 234 
MET CE  HE3  sing N N 235 
MET OXT HXT  sing N N 236 
NZJ C4  C3   doub Y N 237 
NZJ C4  C5   sing Y N 238 
NZJ C3  C2   sing Y N 239 
NZJ C5  C6   doub Y N 240 
NZJ C2  C1   sing N N 241 
NZJ C2  C7   doub Y N 242 
NZJ C6  C7   sing Y N 243 
NZJ C6  C8   sing N N 244 
NZJ O2  C14  doub N N 245 
NZJ C8  O1   doub N N 246 
NZJ C8  N1   sing N N 247 
NZJ C10 C9   sing N N 248 
NZJ C10 C11  sing N N 249 
NZJ C9  N1   sing N N 250 
NZJ N1  C13  sing N N 251 
NZJ C14 N2   sing N N 252 
NZJ C14 C11  sing N N 253 
NZJ C13 C12  sing N N 254 
NZJ C11 C12  sing N N 255 
NZJ C4  H1   sing N N 256 
NZJ C5  H2   sing N N 257 
NZJ C7  H3   sing N N 258 
NZJ C10 H4   sing N N 259 
NZJ C10 H5   sing N N 260 
NZJ C13 H6   sing N N 261 
NZJ C13 H7   sing N N 262 
NZJ C1  H8   sing N N 263 
NZJ C1  H9   sing N N 264 
NZJ C1  H10  sing N N 265 
NZJ C11 H11  sing N N 266 
NZJ C12 H12  sing N N 267 
NZJ C12 H13  sing N N 268 
NZJ C3  H14  sing N N 269 
NZJ C9  H15  sing N N 270 
NZJ C9  H16  sing N N 271 
NZJ N2  H17  sing N N 272 
NZJ N2  H18  sing N N 273 
PHE N   CA   sing N N 274 
PHE N   H    sing N N 275 
PHE N   H2   sing N N 276 
PHE CA  C    sing N N 277 
PHE CA  CB   sing N N 278 
PHE CA  HA   sing N N 279 
PHE C   O    doub N N 280 
PHE C   OXT  sing N N 281 
PHE CB  CG   sing N N 282 
PHE CB  HB2  sing N N 283 
PHE CB  HB3  sing N N 284 
PHE CG  CD1  doub Y N 285 
PHE CG  CD2  sing Y N 286 
PHE CD1 CE1  sing Y N 287 
PHE CD1 HD1  sing N N 288 
PHE CD2 CE2  doub Y N 289 
PHE CD2 HD2  sing N N 290 
PHE CE1 CZ   doub Y N 291 
PHE CE1 HE1  sing N N 292 
PHE CE2 CZ   sing Y N 293 
PHE CE2 HE2  sing N N 294 
PHE CZ  HZ   sing N N 295 
PHE OXT HXT  sing N N 296 
PRO N   CA   sing N N 297 
PRO N   CD   sing N N 298 
PRO N   H    sing N N 299 
PRO CA  C    sing N N 300 
PRO CA  CB   sing N N 301 
PRO CA  HA   sing N N 302 
PRO C   O    doub N N 303 
PRO C   OXT  sing N N 304 
PRO CB  CG   sing N N 305 
PRO CB  HB2  sing N N 306 
PRO CB  HB3  sing N N 307 
PRO CG  CD   sing N N 308 
PRO CG  HG2  sing N N 309 
PRO CG  HG3  sing N N 310 
PRO CD  HD2  sing N N 311 
PRO CD  HD3  sing N N 312 
PRO OXT HXT  sing N N 313 
SER N   CA   sing N N 314 
SER N   H    sing N N 315 
SER N   H2   sing N N 316 
SER CA  C    sing N N 317 
SER CA  CB   sing N N 318 
SER CA  HA   sing N N 319 
SER C   O    doub N N 320 
SER C   OXT  sing N N 321 
SER CB  OG   sing N N 322 
SER CB  HB2  sing N N 323 
SER CB  HB3  sing N N 324 
SER OG  HG   sing N N 325 
SER OXT HXT  sing N N 326 
THR N   CA   sing N N 327 
THR N   H    sing N N 328 
THR N   H2   sing N N 329 
THR CA  C    sing N N 330 
THR CA  CB   sing N N 331 
THR CA  HA   sing N N 332 
THR C   O    doub N N 333 
THR C   OXT  sing N N 334 
THR CB  OG1  sing N N 335 
THR CB  CG2  sing N N 336 
THR CB  HB   sing N N 337 
THR OG1 HG1  sing N N 338 
THR CG2 HG21 sing N N 339 
THR CG2 HG22 sing N N 340 
THR CG2 HG23 sing N N 341 
THR OXT HXT  sing N N 342 
TRP N   CA   sing N N 343 
TRP N   H    sing N N 344 
TRP N   H2   sing N N 345 
TRP CA  C    sing N N 346 
TRP CA  CB   sing N N 347 
TRP CA  HA   sing N N 348 
TRP C   O    doub N N 349 
TRP C   OXT  sing N N 350 
TRP CB  CG   sing N N 351 
TRP CB  HB2  sing N N 352 
TRP CB  HB3  sing N N 353 
TRP CG  CD1  doub Y N 354 
TRP CG  CD2  sing Y N 355 
TRP CD1 NE1  sing Y N 356 
TRP CD1 HD1  sing N N 357 
TRP CD2 CE2  doub Y N 358 
TRP CD2 CE3  sing Y N 359 
TRP NE1 CE2  sing Y N 360 
TRP NE1 HE1  sing N N 361 
TRP CE2 CZ2  sing Y N 362 
TRP CE3 CZ3  doub Y N 363 
TRP CE3 HE3  sing N N 364 
TRP CZ2 CH2  doub Y N 365 
TRP CZ2 HZ2  sing N N 366 
TRP CZ3 CH2  sing Y N 367 
TRP CZ3 HZ3  sing N N 368 
TRP CH2 HH2  sing N N 369 
TRP OXT HXT  sing N N 370 
TYR N   CA   sing N N 371 
TYR N   H    sing N N 372 
TYR N   H2   sing N N 373 
TYR CA  C    sing N N 374 
TYR CA  CB   sing N N 375 
TYR CA  HA   sing N N 376 
TYR C   O    doub N N 377 
TYR C   OXT  sing N N 378 
TYR CB  CG   sing N N 379 
TYR CB  HB2  sing N N 380 
TYR CB  HB3  sing N N 381 
TYR CG  CD1  doub Y N 382 
TYR CG  CD2  sing Y N 383 
TYR CD1 CE1  sing Y N 384 
TYR CD1 HD1  sing N N 385 
TYR CD2 CE2  doub Y N 386 
TYR CD2 HD2  sing N N 387 
TYR CE1 CZ   doub Y N 388 
TYR CE1 HE1  sing N N 389 
TYR CE2 CZ   sing Y N 390 
TYR CE2 HE2  sing N N 391 
TYR CZ  OH   sing N N 392 
TYR OH  HH   sing N N 393 
TYR OXT HXT  sing N N 394 
VAL N   CA   sing N N 395 
VAL N   H    sing N N 396 
VAL N   H2   sing N N 397 
VAL CA  C    sing N N 398 
VAL CA  CB   sing N N 399 
VAL CA  HA   sing N N 400 
VAL C   O    doub N N 401 
VAL C   OXT  sing N N 402 
VAL CB  CG1  sing N N 403 
VAL CB  CG2  sing N N 404 
VAL CB  HB   sing N N 405 
VAL CG1 HG11 sing N N 406 
VAL CG1 HG12 sing N N 407 
VAL CG1 HG13 sing N N 408 
VAL CG2 HG21 sing N N 409 
VAL CG2 HG22 sing N N 410 
VAL CG2 HG23 sing N N 411 
VAL OXT HXT  sing N N 412 
# 
_pdbx_deposit_group.group_id            G_1002080 
_pdbx_deposit_group.group_description   
;Human Brachyury screened against the DSI-poised Fragment Library by X-ray Crystallography at the XChem facility of Diamond Light Source beamline I04-1
;
_pdbx_deposit_group.group_title         'PanDDA analysis group deposition' 
_pdbx_deposit_group.group_type          'changed state' 
# 
_pdbx_entity_instance_feature.ordinal        1 
_pdbx_entity_instance_feature.comp_id        NZJ 
_pdbx_entity_instance_feature.asym_id        ? 
_pdbx_entity_instance_feature.seq_num        ? 
_pdbx_entity_instance_feature.auth_comp_id   NZJ 
_pdbx_entity_instance_feature.auth_asym_id   ? 
_pdbx_entity_instance_feature.auth_seq_num   ? 
_pdbx_entity_instance_feature.feature_type   'SUBJECT OF INVESTIGATION' 
_pdbx_entity_instance_feature.details        ? 
# 
_atom_sites.entry_id                    5QS5 
_atom_sites.fract_transf_matrix[1][1]   -0.01625694 
_atom_sites.fract_transf_matrix[1][2]   0.00146086 
_atom_sites.fract_transf_matrix[1][3]   -0.00331664 
_atom_sites.fract_transf_matrix[2][1]   0.00210069 
_atom_sites.fract_transf_matrix[2][2]   0.01621942 
_atom_sites.fract_transf_matrix[2][3]   -0.00315273 
_atom_sites.fract_transf_matrix[3][1]   0.00160514 
_atom_sites.fract_transf_matrix[3][2]   -0.00189990 
_atom_sites.fract_transf_matrix[3][3]   -0.00870464 
_atom_sites.fract_transf_vector[1]      0.344107 
_atom_sites.fract_transf_vector[2]      -0.022271 
_atom_sites.fract_transf_vector[3]      0.060217 
# 
loop_
_atom_type.symbol 
C  
CD 
N  
O  
S  
# 
loop_
_atom_site.group_PDB 
_atom_site.id 
_atom_site.type_symbol 
_atom_site.label_atom_id 
_atom_site.label_alt_id 
_atom_site.label_comp_id 
_atom_site.label_asym_id 
_atom_site.label_entity_id 
_atom_site.label_seq_id 
_atom_site.pdbx_PDB_ins_code 
_atom_site.Cartn_x 
_atom_site.Cartn_y 
_atom_site.Cartn_z 
_atom_site.occupancy 
_atom_site.B_iso_or_equiv 
_atom_site.pdbx_formal_charge 
_atom_site.auth_seq_id 
_atom_site.auth_comp_id 
_atom_site.auth_asym_id 
_atom_site.auth_atom_id 
_atom_site.pdbx_PDB_model_num 
ATOM   1    N  N   . GLU A 1 2   ? -18.119 -13.985 -8.721  1.00 79.89  ? 41  GLU A N   1 
ATOM   2    C  CA  . GLU A 1 2   ? -17.868 -12.811 -7.840  1.00 77.53  ? 41  GLU A CA  1 
ATOM   3    C  C   . GLU A 1 2   ? -16.368 -12.473 -7.911  1.00 70.18  ? 41  GLU A C   1 
ATOM   4    O  O   . GLU A 1 2   ? -15.526 -13.390 -7.819  1.00 59.81  ? 41  GLU A O   1 
ATOM   5    C  CB  . GLU A 1 2   ? -18.364 -13.108 -6.412  1.00 82.66  ? 41  GLU A CB  1 
ATOM   6    C  CG  . GLU A 1 2   ? -19.112 -11.957 -5.735  1.00 84.03  ? 41  GLU A CG  1 
ATOM   7    C  CD  . GLU A 1 2   ? -20.630 -11.944 -5.881  1.00 91.67  ? 41  GLU A CD  1 
ATOM   8    O  OE1 . GLU A 1 2   ? -21.337 -11.960 -4.844  1.00 96.46  ? 41  GLU A OE1 1 
ATOM   9    O  OE2 . GLU A 1 2   ? -21.111 -11.891 -7.030  1.00 91.97  ? 41  GLU A OE2 1 
ATOM   10   N  N   . LEU A 1 3   ? -16.054 -11.199 -8.132  1.00 62.86  ? 42  LEU A N   1 
ATOM   11   C  CA  . LEU A 1 3   ? -14.683 -10.643 -8.015  1.00 63.15  ? 42  LEU A CA  1 
ATOM   12   C  C   . LEU A 1 3   ? -14.163 -10.923 -6.597  1.00 58.39  ? 42  LEU A C   1 
ATOM   13   O  O   . LEU A 1 3   ? -14.800 -10.463 -5.661  1.00 59.81  ? 42  LEU A O   1 
ATOM   14   C  CB  . LEU A 1 3   ? -14.767 -9.144  -8.315  1.00 59.59  ? 42  LEU A CB  1 
ATOM   15   C  CG  . LEU A 1 3   ? -13.459 -8.363  -8.275  1.00 63.24  ? 42  LEU A CG  1 
ATOM   16   C  CD1 . LEU A 1 3   ? -12.259 -9.250  -8.580  1.00 66.76  ? 42  LEU A CD1 1 
ATOM   17   C  CD2 . LEU A 1 3   ? -13.520 -7.197  -9.254  1.00 66.64  ? 42  LEU A CD2 1 
ATOM   18   N  N   . ARG A 1 4   ? -13.108 -11.725 -6.458  1.00 51.93  ? 43  ARG A N   1 
ATOM   19   C  CA  . ARG A 1 4   ? -12.455 -12.026 -5.161  1.00 49.71  ? 43  ARG A CA  1 
ATOM   20   C  C   . ARG A 1 4   ? -11.062 -11.386 -5.171  1.00 54.16  ? 43  ARG A C   1 
ATOM   21   O  O   . ARG A 1 4   ? -10.306 -11.558 -6.168  1.00 46.89  ? 43  ARG A O   1 
ATOM   22   C  CB  . ARG A 1 4   ? -12.407 -13.536 -4.917  1.00 44.87  ? 43  ARG A CB  1 
ATOM   23   N  N   . VAL A 1 5   ? -10.749 -10.635 -4.116  1.00 54.71  ? 44  VAL A N   1 
ATOM   24   C  CA  . VAL A 1 5   ? -9.416  -10.007 -3.901  1.00 52.69  ? 44  VAL A CA  1 
ATOM   25   C  C   . VAL A 1 5   ? -8.849  -10.550 -2.589  1.00 54.74  ? 44  VAL A C   1 
ATOM   26   O  O   . VAL A 1 5   ? -9.523  -10.380 -1.557  1.00 56.31  ? 44  VAL A O   1 
ATOM   27   C  CB  . VAL A 1 5   ? -9.513  -8.471  -3.867  1.00 53.97  ? 44  VAL A CB  1 
ATOM   28   C  CG1 . VAL A 1 5   ? -8.157  -7.841  -3.581  1.00 49.59  ? 44  VAL A CG1 1 
ATOM   29   C  CG2 . VAL A 1 5   ? -10.092 -7.907  -5.153  1.00 52.58  ? 44  VAL A CG2 1 
ATOM   30   N  N   . GLY A 1 6   ? -7.650  -11.136 -2.633  1.00 51.14  ? 45  GLY A N   1 
ATOM   31   C  CA  . GLY A 1 6   ? -6.946  -11.709 -1.472  1.00 52.09  ? 45  GLY A CA  1 
ATOM   32   C  C   . GLY A 1 6   ? -5.521  -11.199 -1.381  1.00 48.57  ? 45  GLY A C   1 
ATOM   33   O  O   . GLY A 1 6   ? -4.937  -10.841 -2.421  1.00 45.53  ? 45  GLY A O   1 
ATOM   34   N  N   . LEU A 1 7   ? -4.975  -11.151 -0.167  1.00 44.79  ? 46  LEU A N   1 
ATOM   35   C  CA  . LEU A 1 7   ? -3.585  -10.716 0.075   1.00 42.85  ? 46  LEU A CA  1 
ATOM   36   C  C   . LEU A 1 7   ? -2.669  -11.940 -0.012  1.00 44.46  ? 46  LEU A C   1 
ATOM   37   O  O   . LEU A 1 7   ? -2.967  -12.936 0.668   1.00 47.04  ? 46  LEU A O   1 
ATOM   38   C  CB  . LEU A 1 7   ? -3.530  -10.066 1.457   1.00 44.72  ? 46  LEU A CB  1 
ATOM   39   C  CG  . LEU A 1 7   ? -2.152  -9.589  1.883   1.00 39.75  ? 46  LEU A CG  1 
ATOM   40   C  CD1 . LEU A 1 7   ? -1.626  -8.562  0.911   1.00 37.76  ? 46  LEU A CD1 1 
ATOM   41   C  CD2 . LEU A 1 7   ? -2.194  -9.038  3.288   1.00 39.17  ? 46  LEU A CD2 1 
ATOM   42   N  N   . GLU A 1 8   ? -1.625  -11.881 -0.843  1.00 39.83  ? 47  GLU A N   1 
ATOM   43   C  CA  . GLU A 1 8   ? -0.599  -12.946 -0.954  1.00 43.66  ? 47  GLU A CA  1 
ATOM   44   C  C   . GLU A 1 8   ? 0.364   -12.723 0.214   1.00 45.48  ? 47  GLU A C   1 
ATOM   45   O  O   . GLU A 1 8   ? 0.557   -11.542 0.588   1.00 40.38  ? 47  GLU A O   1 
ATOM   46   C  CB  . GLU A 1 8   ? 0.041   -12.912 -2.350  1.00 48.29  ? 47  GLU A CB  1 
ATOM   47   C  CG  . GLU A 1 8   ? 1.221   -13.855 -2.526  1.00 57.30  ? 47  GLU A CG  1 
ATOM   48   C  CD  . GLU A 1 8   ? 0.870   -15.300 -2.865  1.00 64.23  ? 47  GLU A CD  1 
ATOM   49   O  OE1 . GLU A 1 8   ? -0.303  -15.681 -2.676  1.00 62.03  ? 47  GLU A OE1 1 
ATOM   50   O  OE2 . GLU A 1 8   ? 1.775   -16.048 -3.320  1.00 68.53  ? 47  GLU A OE2 1 
ATOM   51   N  N   . GLU A 1 9   ? 0.846   -13.809 0.830   1.00 42.79  ? 48  GLU A N   1 
ATOM   52   C  CA  . GLU A 1 9   ? 1.781   -13.793 1.986   1.00 45.33  ? 48  GLU A CA  1 
ATOM   53   C  C   . GLU A 1 9   ? 1.175   -13.040 3.175   1.00 45.69  ? 48  GLU A C   1 
ATOM   54   O  O   . GLU A 1 9   ? 1.937   -12.310 3.851   1.00 45.93  ? 48  GLU A O   1 
ATOM   55   C  CB  . GLU A 1 9   ? 3.097   -13.098 1.627   1.00 51.76  ? 48  GLU A CB  1 
ATOM   56   C  CG  . GLU A 1 9   ? 3.888   -13.750 0.503   1.00 57.24  ? 48  GLU A CG  1 
ATOM   57   C  CD  . GLU A 1 9   ? 5.122   -12.954 0.101   1.00 62.65  ? 48  GLU A CD  1 
ATOM   58   O  OE1 . GLU A 1 9   ? 5.795   -12.403 0.996   1.00 72.70  ? 48  GLU A OE1 1 
ATOM   59   O  OE2 . GLU A 1 9   ? 5.392   -12.853 -1.103  1.00 67.14  ? 48  GLU A OE2 1 
ATOM   60   N  N   . SER A 1 10  ? -0.115  -13.221 3.480   1.00 40.96  ? 49  SER A N   1 
ATOM   61   C  CA  . SER A 1 10  ? -0.730  -12.594 4.680   1.00 44.72  ? 49  SER A CA  1 
ATOM   62   C  C   . SER A 1 10  ? 0.057   -13.010 5.934   1.00 38.96  ? 49  SER A C   1 
ATOM   63   O  O   . SER A 1 10  ? 0.302   -12.131 6.751   1.00 41.58  ? 49  SER A O   1 
ATOM   64   C  CB  . SER A 1 10  ? -2.207  -12.911 4.807   1.00 43.66  ? 49  SER A CB  1 
ATOM   65   O  OG  . SER A 1 10  ? -2.381  -14.317 4.842   1.00 48.32  ? 49  SER A OG  1 
ATOM   66   N  N   . GLU A 1 11  ? 0.382   -14.301 6.084   1.00 40.55  ? 50  GLU A N   1 
ATOM   67   C  CA  . GLU A 1 11  ? 1.285   -14.878 7.134   1.00 50.70  ? 50  GLU A CA  1 
ATOM   68   C  C   . GLU A 1 11  ? 2.356   -13.849 7.532   1.00 44.44  ? 50  GLU A C   1 
ATOM   69   O  O   . GLU A 1 11  ? 2.468   -13.517 8.738   1.00 46.68  ? 50  GLU A O   1 
ATOM   70   C  CB  . GLU A 1 11  ? 1.940   -16.173 6.624   1.00 52.26  ? 50  GLU A CB  1 
ATOM   71   C  CG  . GLU A 1 11  ? 3.438   -16.324 6.927   1.00 65.82  ? 50  GLU A CG  1 
ATOM   72   C  CD  . GLU A 1 11  ? 3.782   -16.775 8.338   1.00 65.33  ? 50  GLU A CD  1 
ATOM   73   O  OE1 . GLU A 1 11  ? 4.969   -16.794 8.697   1.00 73.95  ? 50  GLU A OE1 1 
ATOM   74   O  OE2 . GLU A 1 11  ? 2.852   -17.124 9.075   1.00 83.61  ? 50  GLU A OE2 1 
ATOM   75   N  N   . LEU A 1 12  ? 3.087   -13.347 6.543   1.00 41.78  ? 51  LEU A N   1 
ATOM   76   C  CA  . LEU A 1 12  ? 4.301   -12.512 6.758   1.00 47.38  ? 51  LEU A CA  1 
ATOM   77   C  C   . LEU A 1 12  ? 3.880   -11.094 7.139   1.00 41.73  ? 51  LEU A C   1 
ATOM   78   O  O   . LEU A 1 12  ? 4.471   -10.492 8.054   1.00 38.68  ? 51  LEU A O   1 
ATOM   79   C  CB  . LEU A 1 12  ? 5.140   -12.482 5.477   1.00 50.13  ? 51  LEU A CB  1 
ATOM   80   C  CG  . LEU A 1 12  ? 6.409   -11.629 5.590   1.00 54.16  ? 51  LEU A CG  1 
ATOM   81   C  CD1 . LEU A 1 12  ? 7.280   -12.119 6.737   1.00 53.84  ? 51  LEU A CD1 1 
ATOM   82   C  CD2 . LEU A 1 12  ? 7.187   -11.601 4.290   1.00 55.46  ? 51  LEU A CD2 1 
ATOM   83   N  N   . TRP A 1 13  ? 2.927   -10.534 6.404   1.00 39.56  ? 52  TRP A N   1 
ATOM   84   C  CA  . TRP A 1 13  ? 2.382   -9.201  6.741   1.00 35.83  ? 52  TRP A CA  1 
ATOM   85   C  C   . TRP A 1 13  ? 1.925   -9.183  8.201   1.00 38.39  ? 52  TRP A C   1 
ATOM   86   O  O   . TRP A 1 13  ? 2.204   -8.179  8.874   1.00 37.70  ? 52  TRP A O   1 
ATOM   87   C  CB  . TRP A 1 13  ? 1.250   -8.830  5.808   1.00 31.47  ? 52  TRP A CB  1 
ATOM   88   C  CG  . TRP A 1 13  ? 1.684   -8.288  4.488   1.00 28.60  ? 52  TRP A CG  1 
ATOM   89   C  CD1 . TRP A 1 13  ? 1.614   -8.933  3.295   1.00 29.61  ? 52  TRP A CD1 1 
ATOM   90   C  CD2 . TRP A 1 13  ? 2.142   -6.949  4.197   1.00 29.29  ? 52  TRP A CD2 1 
ATOM   91   N  NE1 . TRP A 1 13  ? 2.062   -8.119  2.294   1.00 30.45  ? 52  TRP A NE1 1 
ATOM   92   C  CE2 . TRP A 1 13  ? 2.374   -6.892  2.813   1.00 27.04  ? 52  TRP A CE2 1 
ATOM   93   C  CE3 . TRP A 1 13  ? 2.453   -5.823  4.972   1.00 30.59  ? 52  TRP A CE3 1 
ATOM   94   C  CZ2 . TRP A 1 13  ? 2.833   -5.744  2.177   1.00 29.27  ? 52  TRP A CZ2 1 
ATOM   95   C  CZ3 . TRP A 1 13  ? 2.892   -4.675  4.348   1.00 30.63  ? 52  TRP A CZ3 1 
ATOM   96   C  CH2 . TRP A 1 13  ? 3.090   -4.641  2.959   1.00 31.36  ? 52  TRP A CH2 1 
ATOM   97   N  N   . LEU A 1 14  ? 1.284   -10.257 8.678   1.00 38.22  ? 53  LEU A N   1 
ATOM   98   C  CA  . LEU A 1 14  ? 0.757   -10.310 10.075  1.00 42.17  ? 53  LEU A CA  1 
ATOM   99   C  C   . LEU A 1 14  ? 1.914   -10.264 11.091  1.00 41.55  ? 53  LEU A C   1 
ATOM   100  O  O   . LEU A 1 14  ? 1.729   -9.641  12.170  1.00 43.00  ? 53  LEU A O   1 
ATOM   101  C  CB  . LEU A 1 14  ? -0.151  -11.539 10.251  1.00 47.94  ? 53  LEU A CB  1 
ATOM   102  C  CG  . LEU A 1 14  ? -1.655  -11.334 9.969   1.00 55.92  ? 53  LEU A CG  1 
ATOM   103  C  CD1 . LEU A 1 14  ? -1.961  -10.019 9.254   1.00 60.65  ? 53  LEU A CD1 1 
ATOM   104  C  CD2 . LEU A 1 14  ? -2.240  -12.494 9.170   1.00 58.75  ? 53  LEU A CD2 1 
ATOM   105  N  N   . ARG A 1 15  ? 3.070   -10.866 10.788  1.00 42.75  ? 54  ARG A N   1 
ATOM   106  C  CA  . ARG A 1 15  ? 4.252   -10.739 11.679  1.00 47.10  ? 54  ARG A CA  1 
ATOM   107  C  C   . ARG A 1 15  ? 4.602   -9.254  11.803  1.00 39.53  ? 54  ARG A C   1 
ATOM   108  O  O   . ARG A 1 15  ? 4.835   -8.805  12.937  1.00 46.73  ? 54  ARG A O   1 
ATOM   109  C  CB  . ARG A 1 15  ? 5.461   -11.519 11.163  1.00 55.47  ? 54  ARG A CB  1 
ATOM   110  C  CG  . ARG A 1 15  ? 5.158   -12.968 10.806  1.00 63.79  ? 54  ARG A CG  1 
ATOM   111  C  CD  . ARG A 1 15  ? 5.618   -13.961 11.843  1.00 68.70  ? 54  ARG A CD  1 
ATOM   112  N  NE  . ARG A 1 15  ? 7.069   -14.031 11.924  1.00 71.15  ? 54  ARG A NE  1 
ATOM   113  C  CZ  . ARG A 1 15  ? 7.852   -14.708 11.090  1.00 72.96  ? 54  ARG A CZ  1 
ATOM   114  N  NH1 . ARG A 1 15  ? 7.346   -15.382 10.068  1.00 76.35  ? 54  ARG A NH1 1 
ATOM   115  N  NH2 . ARG A 1 15  ? 9.155   -14.701 11.285  1.00 74.63  ? 54  ARG A NH2 1 
ATOM   116  N  N   . PHE A 1 16  ? 4.646   -8.517  10.691  1.00 32.41  ? 55  PHE A N   1 
ATOM   117  C  CA  . PHE A 1 16  ? 4.999   -7.069  10.692  1.00 34.43  ? 55  PHE A CA  1 
ATOM   118  C  C   . PHE A 1 16  ? 3.948   -6.305  11.471  1.00 36.98  ? 55  PHE A C   1 
ATOM   119  O  O   . PHE A 1 16  ? 4.276   -5.490  12.377  1.00 36.76  ? 55  PHE A O   1 
ATOM   120  C  CB  . PHE A 1 16  ? 5.129   -6.511  9.282   1.00 35.26  ? 55  PHE A CB  1 
ATOM   121  C  CG  . PHE A 1 16  ? 6.436   -6.885  8.648   1.00 36.94  ? 55  PHE A CG  1 
ATOM   122  C  CD1 . PHE A 1 16  ? 7.569   -6.136  8.909   1.00 36.93  ? 55  PHE A CD1 1 
ATOM   123  C  CD2 . PHE A 1 16  ? 6.554   -8.027  7.877   1.00 35.48  ? 55  PHE A CD2 1 
ATOM   124  C  CE1 . PHE A 1 16  ? 8.783   -6.488  8.346   1.00 39.36  ? 55  PHE A CE1 1 
ATOM   125  C  CE2 . PHE A 1 16  ? 7.768   -8.374  7.308   1.00 33.61  ? 55  PHE A CE2 1 
ATOM   126  C  CZ  . PHE A 1 16  ? 8.881   -7.612  7.567   1.00 37.51  ? 55  PHE A CZ  1 
ATOM   127  N  N   . LYS A 1 17  ? 2.688   -6.552  11.108  1.00 37.52  ? 56  LYS A N   1 
ATOM   128  C  CA  . LYS A 1 17  ? 1.550   -5.858  11.748  1.00 38.99  ? 56  LYS A CA  1 
ATOM   129  C  C   . LYS A 1 17  ? 1.599   -6.084  13.253  1.00 36.76  ? 56  LYS A C   1 
ATOM   130  O  O   . LYS A 1 17  ? 1.386   -5.090  13.943  1.00 36.93  ? 56  LYS A O   1 
ATOM   131  C  CB  . LYS A 1 17  ? 0.161   -6.251  11.223  1.00 40.46  ? 56  LYS A CB  1 
ATOM   132  C  CG  . LYS A 1 17  ? -0.944  -5.469  11.922  1.00 42.93  ? 56  LYS A CG  1 
ATOM   133  C  CD  . LYS A 1 17  ? -2.175  -5.198  11.130  1.00 48.88  ? 56  LYS A CD  1 
ATOM   134  C  CE  . LYS A 1 17  ? -3.198  -4.431  11.934  1.00 44.79  ? 56  LYS A CE  1 
ATOM   135  N  NZ  . LYS A 1 17  ? -4.464  -4.382  11.181  1.00 51.67  ? 56  LYS A NZ  1 
ATOM   136  N  N   . GLU A 1 18  ? 1.834   -7.304  13.761  1.00 39.00  ? 57  GLU A N   1 
ATOM   137  C  CA  . GLU A 1 18  ? 1.762   -7.498  15.242  1.00 44.22  ? 57  GLU A CA  1 
ATOM   138  C  C   . GLU A 1 18  ? 2.845   -6.658  15.946  1.00 44.49  ? 57  GLU A C   1 
ATOM   139  O  O   . GLU A 1 18  ? 2.619   -6.339  17.113  1.00 45.41  ? 57  GLU A O   1 
ATOM   140  C  CB  . GLU A 1 18  ? 1.723   -8.966  15.660  1.00 49.38  ? 57  GLU A CB  1 
ATOM   141  C  CG  . GLU A 1 18  ? 2.893   -9.811  15.232  1.00 58.65  ? 57  GLU A CG  1 
ATOM   142  C  CD  . GLU A 1 18  ? 2.625   -11.311 15.316  1.00 70.42  ? 57  GLU A CD  1 
ATOM   143  O  OE1 . GLU A 1 18  ? 1.429   -11.697 15.419  1.00 72.47  ? 57  GLU A OE1 1 
ATOM   144  O  OE2 . GLU A 1 18  ? 3.607   -12.103 15.269  1.00 56.57  ? 57  GLU A OE2 1 
ATOM   145  N  N   . LEU A 1 19  ? 3.908   -6.203  15.262  1.00 44.21  ? 58  LEU A N   1 
ATOM   146  C  CA  . LEU A 1 19  ? 4.974   -5.331  15.862  1.00 45.32  ? 58  LEU A CA  1 
ATOM   147  C  C   . LEU A 1 19  ? 4.681   -3.854  15.626  1.00 39.45  ? 58  LEU A C   1 
ATOM   148  O  O   . LEU A 1 19  ? 5.481   -3.020  16.076  1.00 39.71  ? 58  LEU A O   1 
ATOM   149  C  CB  . LEU A 1 19  ? 6.337   -5.651  15.240  1.00 43.14  ? 58  LEU A CB  1 
ATOM   150  C  CG  . LEU A 1 19  ? 6.761   -7.116  15.274  1.00 46.13  ? 58  LEU A CG  1 
ATOM   151  C  CD1 . LEU A 1 19  ? 8.063   -7.309  14.491  1.00 50.08  ? 58  LEU A CD1 1 
ATOM   152  C  CD2 . LEU A 1 19  ? 6.901   -7.624  16.698  1.00 45.00  ? 58  LEU A CD2 1 
ATOM   153  N  N   . THR A 1 20  ? 3.645   -3.527  14.852  1.00 36.96  ? 59  THR A N   1 
ATOM   154  C  CA  . THR A 1 20  ? 3.439   -2.183  14.231  1.00 32.75  ? 59  THR A CA  1 
ATOM   155  C  C   . THR A 1 20  ? 4.425   -1.961  13.074  1.00 38.58  ? 59  THR A C   1 
ATOM   156  O  O   . THR A 1 20  ? 5.647   -1.657  13.298  1.00 35.62  ? 59  THR A O   1 
ATOM   157  C  CB  . THR A 1 20  ? 3.534   -1.044  15.250  1.00 35.40  ? 59  THR A CB  1 
ATOM   158  O  OG1 . THR A 1 20  ? 2.691   -1.305  16.366  1.00 38.70  ? 59  THR A OG1 1 
ATOM   159  C  CG2 . THR A 1 20  ? 3.181   0.296   14.662  1.00 35.13  ? 59  THR A CG2 1 
ATOM   160  N  N   . ASN A 1 21  ? 3.925   -2.065  11.847  1.00 36.25  ? 60  ASN A N   1 
ATOM   161  C  CA  . ASN A 1 21  ? 4.764   -2.067  10.635  1.00 33.25  ? 60  ASN A CA  1 
ATOM   162  C  C   . ASN A 1 21  ? 5.208   -0.624  10.404  1.00 35.07  ? 60  ASN A C   1 
ATOM   163  O  O   . ASN A 1 21  ? 4.507   0.297   10.818  1.00 33.28  ? 60  ASN A O   1 
ATOM   164  C  CB  . ASN A 1 21  ? 4.030   -2.665  9.437   1.00 33.26  ? 60  ASN A CB  1 
ATOM   165  C  CG  . ASN A 1 21  ? 4.959   -3.102  8.324   1.00 41.51  ? 60  ASN A CG  1 
ATOM   166  O  OD1 . ASN A 1 21  ? 6.185   -2.911  8.410   1.00 38.96  ? 60  ASN A OD1 1 
ATOM   167  N  ND2 . ASN A 1 21  ? 4.387   -3.737  7.304   1.00 36.02  ? 60  ASN A ND2 1 
ATOM   168  N  N   . GLU A 1 22  ? 6.363   -0.450  9.795   1.00 31.49  ? 61  GLU A N   1 
ATOM   169  C  CA  . GLU A 1 22  ? 6.907   0.884   9.448   1.00 32.55  ? 61  GLU A CA  1 
ATOM   170  C  C   . GLU A 1 22  ? 7.386   0.819   8.005   1.00 35.04  ? 61  GLU A C   1 
ATOM   171  O  O   . GLU A 1 22  ? 7.941   -0.246  7.665   1.00 37.57  ? 61  GLU A O   1 
ATOM   172  C  CB  . GLU A 1 22  ? 8.113   1.199   10.350  1.00 36.38  ? 61  GLU A CB  1 
ATOM   173  C  CG  . GLU A 1 22  ? 7.861   1.108   11.843  1.00 36.08  ? 61  GLU A CG  1 
ATOM   174  C  CD  . GLU A 1 22  ? 9.046   1.496   12.742  1.00 34.84  ? 61  GLU A CD  1 
ATOM   175  O  OE1 . GLU A 1 22  ? 9.105   1.014   13.879  1.00 34.92  ? 61  GLU A OE1 1 
ATOM   176  O  OE2 . GLU A 1 22  ? 9.846   2.338   12.329  1.00 39.07  ? 61  GLU A OE2 1 
ATOM   177  N  N   . MET A 1 23  ? 7.259   1.893   7.222   1.00 33.13  ? 62  MET A N   1 
ATOM   178  C  CA  . MET A 1 23  ? 7.790   1.950   5.850   1.00 37.44  ? 62  MET A CA  1 
ATOM   179  C  C   . MET A 1 23  ? 8.599   3.226   5.730   1.00 38.05  ? 62  MET A C   1 
ATOM   180  O  O   . MET A 1 23  ? 8.105   4.294   6.152   1.00 34.77  ? 62  MET A O   1 
ATOM   181  C  CB  . MET A 1 23  ? 6.712   1.965   4.751   1.00 40.02  ? 62  MET A CB  1 
ATOM   182  C  CG  . MET A 1 23  ? 5.949   0.685   4.639   1.00 41.79  ? 62  MET A CG  1 
ATOM   183  S  SD  . MET A 1 23  ? 6.854   -0.682  3.837   1.00 37.75  ? 62  MET A SD  1 
ATOM   184  C  CE  . MET A 1 23  ? 5.754   -2.025  4.255   1.00 36.24  ? 62  MET A CE  1 
ATOM   185  N  N   . ILE A 1 24  ? 9.810   3.094   5.183   1.00 35.14  ? 63  ILE A N   1 
ATOM   186  C  CA  . ILE A 1 24  ? 10.715  4.250   4.981   1.00 37.43  ? 63  ILE A CA  1 
ATOM   187  C  C   . ILE A 1 24  ? 10.190  5.068   3.823   1.00 36.75  ? 63  ILE A C   1 
ATOM   188  O  O   . ILE A 1 24  ? 9.904   4.470   2.771   1.00 37.67  ? 63  ILE A O   1 
ATOM   189  C  CB  . ILE A 1 24  ? 12.155  3.808   4.680   1.00 41.29  ? 63  ILE A CB  1 
ATOM   190  C  CG1 . ILE A 1 24  ? 12.679  2.848   5.740   1.00 44.93  ? 63  ILE A CG1 1 
ATOM   191  C  CG2 . ILE A 1 24  ? 13.018  5.052   4.511   1.00 43.80  ? 63  ILE A CG2 1 
ATOM   192  C  CD1 . ILE A 1 24  ? 13.166  3.533   6.972   1.00 45.95  ? 63  ILE A CD1 1 
ATOM   193  N  N   . VAL A 1 25  ? 10.181  6.382   4.008   1.00 38.49  ? 64  VAL A N   1 
ATOM   194  C  CA  . VAL A 1 25  ? 9.952   7.402   2.954   1.00 42.46  ? 64  VAL A CA  1 
ATOM   195  C  C   . VAL A 1 25  ? 11.223  8.252   2.841   1.00 45.87  ? 64  VAL A C   1 
ATOM   196  O  O   . VAL A 1 25  ? 11.887  8.446   3.859   1.00 47.33  ? 64  VAL A O   1 
ATOM   197  C  CB  . VAL A 1 25  ? 8.726   8.235   3.321   1.00 41.12  ? 64  VAL A CB  1 
ATOM   198  C  CG1 . VAL A 1 25  ? 7.503   7.342   3.384   1.00 43.41  ? 64  VAL A CG1 1 
ATOM   199  C  CG2 . VAL A 1 25  ? 8.916   8.948   4.643   1.00 43.89  ? 64  VAL A CG2 1 
ATOM   200  N  N   . THR A 1 26  ? 11.573  8.664   1.630   1.00 47.01  ? 65  THR A N   1 
ATOM   201  C  CA  . THR A 1 26  ? 12.809  9.432   1.308   1.00 53.36  ? 65  THR A CA  1 
ATOM   202  C  C   . THR A 1 26  ? 12.384  10.514  0.325   1.00 59.22  ? 65  THR A C   1 
ATOM   203  O  O   . THR A 1 26  ? 11.238  10.414  -0.192  1.00 51.77  ? 65  THR A O   1 
ATOM   204  C  CB  . THR A 1 26  ? 13.921  8.573   0.682   1.00 45.72  ? 65  THR A CB  1 
ATOM   205  O  OG1 . THR A 1 26  ? 13.497  8.206   -0.628  1.00 52.23  ? 65  THR A OG1 1 
ATOM   206  C  CG2 . THR A 1 26  ? 14.269  7.339   1.482   1.00 45.02  ? 65  THR A CG2 1 
ATOM   207  N  N   . LYS A 1 27  ? 13.244  11.498  0.066   1.00 59.59  ? 66  LYS A N   1 
ATOM   208  C  CA  . LYS A 1 27  ? 12.915  12.582  -0.892  1.00 63.64  ? 66  LYS A CA  1 
ATOM   209  C  C   . LYS A 1 27  ? 12.768  11.961  -2.284  1.00 61.37  ? 66  LYS A C   1 
ATOM   210  O  O   . LYS A 1 27  ? 11.857  12.377  -3.019  1.00 63.84  ? 66  LYS A O   1 
ATOM   211  C  CB  . LYS A 1 27  ? 13.968  13.696  -0.855  1.00 75.19  ? 66  LYS A CB  1 
ATOM   212  C  CG  . LYS A 1 27  ? 13.729  14.832  -1.842  1.00 80.30  ? 66  LYS A CG  1 
ATOM   213  C  CD  . LYS A 1 27  ? 14.025  16.215  -1.283  1.00 97.21  ? 66  LYS A CD  1 
ATOM   214  C  CE  . LYS A 1 27  ? 13.963  17.303  -2.338  1.00 102.87 ? 66  LYS A CE  1 
ATOM   215  N  NZ  . LYS A 1 27  ? 15.153  17.265  -3.222  1.00 111.46 ? 66  LYS A NZ  1 
ATOM   216  N  N   . ASN A 1 28  ? 13.605  10.968  -2.600  1.00 63.45  ? 67  ASN A N   1 
ATOM   217  C  CA  . ASN A 1 28  ? 13.671  10.311  -3.934  1.00 65.03  ? 67  ASN A CA  1 
ATOM   218  C  C   . ASN A 1 28  ? 12.625  9.193   -4.025  1.00 58.95  ? 67  ASN A C   1 
ATOM   219  O  O   . ASN A 1 28  ? 12.201  8.841   -5.149  1.00 45.63  ? 67  ASN A O   1 
ATOM   220  C  CB  . ASN A 1 28  ? 15.070  9.763   -4.214  1.00 74.22  ? 67  ASN A CB  1 
ATOM   221  C  CG  . ASN A 1 28  ? 15.943  10.729  -4.984  1.00 81.25  ? 67  ASN A CG  1 
ATOM   222  O  OD1 . ASN A 1 28  ? 15.745  11.944  -4.922  1.00 74.59  ? 67  ASN A OD1 1 
ATOM   223  N  ND2 . ASN A 1 28  ? 16.904  10.190  -5.721  1.00 93.12  ? 67  ASN A ND2 1 
ATOM   224  N  N   . GLY A 1 29  ? 12.228  8.628   -2.887  1.00 55.44  ? 68  GLY A N   1 
ATOM   225  C  CA  . GLY A 1 29  ? 11.192  7.586   -2.867  1.00 48.55  ? 68  GLY A CA  1 
ATOM   226  C  C   . GLY A 1 29  ? 11.829  6.241   -2.657  1.00 47.53  ? 68  GLY A C   1 
ATOM   227  O  O   . GLY A 1 29  ? 12.850  5.957   -3.318  1.00 54.73  ? 68  GLY A O   1 
ATOM   228  N  N   . ARG A 1 30  ? 11.276  5.474   -1.727  1.00 40.60  ? 69  ARG A N   1 
ATOM   229  C  CA  . ARG A 1 30  ? 11.800  4.163   -1.297  1.00 41.32  ? 69  ARG A CA  1 
ATOM   230  C  C   . ARG A 1 30  ? 10.749  3.118   -1.635  1.00 41.92  ? 69  ARG A C   1 
ATOM   231  O  O   . ARG A 1 30  ? 9.560   3.351   -1.344  1.00 38.66  ? 69  ARG A O   1 
ATOM   232  C  CB  . ARG A 1 30  ? 12.084  4.185   0.206   1.00 42.52  ? 69  ARG A CB  1 
ATOM   233  C  CG  . ARG A 1 30  ? 12.688  2.901   0.746   1.00 47.05  ? 69  ARG A CG  1 
ATOM   234  C  CD  . ARG A 1 30  ? 14.083  2.681   0.173   1.00 49.36  ? 69  ARG A CD  1 
ATOM   235  N  NE  . ARG A 1 30  ? 15.021  3.687   0.663   1.00 56.84  ? 69  ARG A NE  1 
ATOM   236  C  CZ  . ARG A 1 30  ? 15.670  3.605   1.826   1.00 58.47  ? 69  ARG A CZ  1 
ATOM   237  N  NH1 . ARG A 1 30  ? 16.505  4.565   2.183   1.00 61.60  ? 69  ARG A NH1 1 
ATOM   238  N  NH2 . ARG A 1 30  ? 15.492  2.562   2.626   1.00 56.97  ? 69  ARG A NH2 1 
ATOM   239  N  N   . ARG A 1 31  ? 11.155  1.998   -2.216  1.00 39.41  ? 70  ARG A N   1 
ATOM   240  C  CA  . ARG A 1 31  ? 10.217  0.876   -2.432  1.00 42.39  ? 70  ARG A CA  1 
ATOM   241  C  C   . ARG A 1 31  ? 9.878   0.226   -1.085  1.00 39.66  ? 70  ARG A C   1 
ATOM   242  O  O   . ARG A 1 31  ? 10.628  0.380   -0.101  1.00 37.82  ? 70  ARG A O   1 
ATOM   243  C  CB  . ARG A 1 31  ? 10.781  -0.113  -3.454  1.00 46.01  ? 70  ARG A CB  1 
ATOM   244  C  CG  . ARG A 1 31  ? 10.529  0.343   -4.882  1.00 52.55  ? 70  ARG A CG  1 
ATOM   245  C  CD  . ARG A 1 31  ? 11.729  0.241   -5.795  1.00 67.90  ? 70  ARG A CD  1 
ATOM   246  N  NE  . ARG A 1 31  ? 11.868  -1.023  -6.510  1.00 73.13  ? 70  ARG A NE  1 
ATOM   247  C  CZ  . ARG A 1 31  ? 12.957  -1.372  -7.213  1.00 87.63  ? 70  ARG A CZ  1 
ATOM   248  N  NH1 . ARG A 1 31  ? 14.005  -0.559  -7.279  1.00 91.09  ? 70  ARG A NH1 1 
ATOM   249  N  NH2 . ARG A 1 31  ? 12.996  -2.537  -7.846  1.00 76.25  ? 70  ARG A NH2 1 
ATOM   250  N  N   . MET A 1 32  ? 8.743   -0.459  -1.083  1.00 34.12  ? 71  MET A N   1 
ATOM   251  C  CA  . MET A 1 32  ? 8.092   -1.120  0.063   1.00 36.75  ? 71  MET A CA  1 
ATOM   252  C  C   . MET A 1 32  ? 8.648   -2.531  0.212   1.00 34.72  ? 71  MET A C   1 
ATOM   253  O  O   . MET A 1 32  ? 8.800   -3.229  -0.814  1.00 34.05  ? 71  MET A O   1 
ATOM   254  C  CB  . MET A 1 32  ? 6.578   -1.258  -0.197  1.00 37.19  ? 71  MET A CB  1 
ATOM   255  C  CG  . MET A 1 32  ? 5.830   0.064   -0.098  1.00 38.00  ? 71  MET A CG  1 
ATOM   256  S  SD  . MET A 1 32  ? 4.067   -0.120  -0.506  1.00 34.49  ? 71  MET A SD  1 
ATOM   257  C  CE  . MET A 1 32  ? 3.517   -1.097  0.883   1.00 35.77  ? 71  MET A CE  1 
ATOM   258  N  N   . PHE A 1 33  ? 8.850   -2.937  1.455   1.00 33.64  ? 72  PHE A N   1 
ATOM   259  C  CA  . PHE A 1 33  ? 9.046   -4.341  1.875   1.00 35.52  ? 72  PHE A CA  1 
ATOM   260  C  C   . PHE A 1 33  ? 8.268   -4.518  3.163   1.00 36.75  ? 72  PHE A C   1 
ATOM   261  O  O   . PHE A 1 33  ? 8.494   -3.780  4.125   1.00 40.05  ? 72  PHE A O   1 
ATOM   262  C  CB  . PHE A 1 33  ? 10.523  -4.698  2.150   1.00 37.15  ? 72  PHE A CB  1 
ATOM   263  C  CG  . PHE A 1 33  ? 10.667  -6.180  2.409   1.00 36.52  ? 72  PHE A CG  1 
ATOM   264  C  CD1 . PHE A 1 33  ? 10.680  -7.072  1.340   1.00 36.41  ? 72  PHE A CD1 1 
ATOM   265  C  CD2 . PHE A 1 33  ? 10.559  -6.696  3.692   1.00 38.71  ? 72  PHE A CD2 1 
ATOM   266  C  CE1 . PHE A 1 33  ? 10.686  -8.446  1.557   1.00 37.28  ? 72  PHE A CE1 1 
ATOM   267  C  CE2 . PHE A 1 33  ? 10.588  -8.074  3.913   1.00 42.79  ? 72  PHE A CE2 1 
ATOM   268  C  CZ  . PHE A 1 33  ? 10.664  -8.946  2.841   1.00 39.15  ? 72  PHE A CZ  1 
ATOM   269  N  N   . PRO A 1 34  ? 7.390   -5.525  3.274   1.00 34.99  ? 73  PRO A N   1 
ATOM   270  C  CA  . PRO A 1 34  ? 7.036   -6.397  2.157   1.00 40.38  ? 73  PRO A CA  1 
ATOM   271  C  C   . PRO A 1 34  ? 6.321   -5.639  1.026   1.00 34.78  ? 73  PRO A C   1 
ATOM   272  O  O   . PRO A 1 34  ? 5.900   -4.518  1.192   1.00 35.38  ? 73  PRO A O   1 
ATOM   273  C  CB  . PRO A 1 34  ? 6.129   -7.475  2.760   1.00 41.88  ? 73  PRO A CB  1 
ATOM   274  C  CG  . PRO A 1 34  ? 6.301   -7.329  4.265   1.00 41.13  ? 73  PRO A CG  1 
ATOM   275  C  CD  . PRO A 1 34  ? 6.720   -5.898  4.521   1.00 37.98  ? 73  PRO A CD  1 
ATOM   276  N  N   . VAL A 1 35  ? 6.356   -6.240  -0.151  1.00 34.87  ? 74  VAL A N   1 
ATOM   277  C  CA  . VAL A 1 35  ? 5.663   -5.756  -1.365  1.00 34.37  ? 74  VAL A CA  1 
ATOM   278  C  C   . VAL A 1 35  ? 4.196   -6.181  -1.244  1.00 32.93  ? 74  VAL A C   1 
ATOM   279  O  O   . VAL A 1 35  ? 3.908   -7.346  -0.941  1.00 30.71  ? 74  VAL A O   1 
ATOM   280  C  CB  . VAL A 1 35  ? 6.299   -6.333  -2.642  1.00 40.21  ? 74  VAL A CB  1 
ATOM   281  C  CG1 . VAL A 1 35  ? 5.458   -6.035  -3.863  1.00 41.56  ? 74  VAL A CG1 1 
ATOM   282  C  CG2 . VAL A 1 35  ? 7.732   -5.853  -2.845  1.00 43.22  ? 74  VAL A CG2 1 
ATOM   283  N  N   . LEU A 1 36  ? 3.290   -5.279  -1.530  1.00 33.73  ? 75  LEU A N   1 
ATOM   284  C  CA  . LEU A 1 36  ? 1.866   -5.678  -1.651  1.00 34.77  ? 75  LEU A CA  1 
ATOM   285  C  C   . LEU A 1 36  ? 1.680   -6.567  -2.885  1.00 33.21  ? 75  LEU A C   1 
ATOM   286  O  O   . LEU A 1 36  ? 1.852   -6.093  -4.034  1.00 30.85  ? 75  LEU A O   1 
ATOM   287  C  CB  . LEU A 1 36  ? 1.014   -4.427  -1.719  1.00 36.39  ? 75  LEU A CB  1 
ATOM   288  C  CG  . LEU A 1 36  ? -0.484  -4.668  -1.882  1.00 41.06  ? 75  LEU A CG  1 
ATOM   289  C  CD1 . LEU A 1 36  ? -1.074  -5.304  -0.645  1.00 43.40  ? 75  LEU A CD1 1 
ATOM   290  C  CD2 . LEU A 1 36  ? -1.177  -3.354  -2.183  1.00 43.31  ? 75  LEU A CD2 1 
ATOM   291  N  N   . LYS A 1 37  ? 1.301   -7.818  -2.663  1.00 35.92  ? 76  LYS A N   1 
ATOM   292  C  CA  . LYS A 1 37  ? 0.983   -8.769  -3.769  1.00 39.38  ? 76  LYS A CA  1 
ATOM   293  C  C   . LYS A 1 37  ? -0.476  -9.197  -3.603  1.00 37.71  ? 76  LYS A C   1 
ATOM   294  O  O   . LYS A 1 37  ? -0.842  -9.584  -2.460  1.00 38.78  ? 76  LYS A O   1 
ATOM   295  C  CB  . LYS A 1 37  ? 1.949   -9.949  -3.711  1.00 41.36  ? 76  LYS A CB  1 
ATOM   296  C  CG  . LYS A 1 37  ? 3.394   -9.503  -3.863  1.00 43.18  ? 76  LYS A CG  1 
ATOM   297  C  CD  . LYS A 1 37  ? 4.373   -10.613 -3.805  1.00 48.47  ? 76  LYS A CD  1 
ATOM   298  C  CE  . LYS A 1 37  ? 5.777   -10.057 -3.706  1.00 56.01  ? 76  LYS A CE  1 
ATOM   299  N  NZ  . LYS A 1 37  ? 6.763   -11.010 -4.262  1.00 63.29  ? 76  LYS A NZ  1 
ATOM   300  N  N   . VAL A 1 38  ? -1.297  -9.069  -4.647  1.00 40.54  ? 77  VAL A N   1 
ATOM   301  C  CA  . VAL A 1 38  ? -2.762  -9.320  -4.505  1.00 43.22  ? 77  VAL A CA  1 
ATOM   302  C  C   . VAL A 1 38  ? -3.159  -10.478 -5.424  1.00 44.68  ? 77  VAL A C   1 
ATOM   303  O  O   . VAL A 1 38  ? -2.789  -10.459 -6.610  1.00 41.04  ? 77  VAL A O   1 
ATOM   304  C  CB  . VAL A 1 38  ? -3.586  -8.048  -4.761  1.00 48.93  ? 77  VAL A CB  1 
ATOM   305  C  CG1 . VAL A 1 38  ? -2.963  -6.837  -4.088  1.00 50.88  ? 77  VAL A CG1 1 
ATOM   306  C  CG2 . VAL A 1 38  ? -3.760  -7.786  -6.229  1.00 56.92  ? 77  VAL A CG2 1 
ATOM   307  N  N   . ASN A 1 39  ? -3.880  -11.448 -4.867  1.00 43.67  ? 78  ASN A N   1 
ATOM   308  C  CA  . ASN A 1 39  ? -4.526  -12.558 -5.600  1.00 44.74  ? 78  ASN A CA  1 
ATOM   309  C  C   . ASN A 1 39  ? -5.894  -12.060 -6.061  1.00 42.93  ? 78  ASN A C   1 
ATOM   310  O  O   . ASN A 1 39  ? -6.656  -11.532 -5.229  1.00 39.37  ? 78  ASN A O   1 
ATOM   311  C  CB  . ASN A 1 39  ? -4.568  -13.818 -4.734  1.00 51.43  ? 78  ASN A CB  1 
ATOM   312  C  CG  . ASN A 1 39  ? -3.175  -14.316 -4.427  1.00 57.01  ? 78  ASN A CG  1 
ATOM   313  O  OD1 . ASN A 1 39  ? -2.367  -14.519 -5.330  1.00 60.25  ? 78  ASN A OD1 1 
ATOM   314  N  ND2 . ASN A 1 39  ? -2.872  -14.480 -3.153  1.00 64.36  ? 78  ASN A ND2 1 
ATOM   315  N  N   . VAL A 1 40  ? -6.159  -12.144 -7.361  1.00 40.56  ? 79  VAL A N   1 
ATOM   316  C  CA  . VAL A 1 40  ? -7.438  -11.679 -7.956  1.00 43.47  ? 79  VAL A CA  1 
ATOM   317  C  C   . VAL A 1 40  ? -8.011  -12.826 -8.775  1.00 47.51  ? 79  VAL A C   1 
ATOM   318  O  O   . VAL A 1 40  ? -7.261  -13.405 -9.587  1.00 47.55  ? 79  VAL A O   1 
ATOM   319  C  CB  . VAL A 1 40  ? -7.241  -10.427 -8.816  1.00 46.40  ? 79  VAL A CB  1 
ATOM   320  C  CG1 . VAL A 1 40  ? -8.523  -10.023 -9.512  1.00 45.89  ? 79  VAL A CG1 1 
ATOM   321  C  CG2 . VAL A 1 40  ? -6.718  -9.276  -7.964  1.00 46.08  ? 79  VAL A CG2 1 
ATOM   322  N  N   . SER A 1 41  ? -9.275  -13.150 -8.520  1.00 44.86  ? 80  SER A N   1 
ATOM   323  C  CA  . SER A 1 41  ? -10.058 -14.130 -9.310  1.00 48.34  ? 80  SER A CA  1 
ATOM   324  C  C   . SER A 1 41  ? -11.418 -13.511 -9.617  1.00 44.17  ? 80  SER A C   1 
ATOM   325  O  O   . SER A 1 41  ? -11.798 -12.529 -8.950  1.00 49.62  ? 80  SER A O   1 
ATOM   326  C  CB  . SER A 1 41  ? -10.154 -15.473 -8.594  1.00 52.63  ? 80  SER A CB  1 
ATOM   327  O  OG  . SER A 1 41  ? -10.806 -15.373 -7.339  1.00 50.21  ? 80  SER A OG  1 
ATOM   328  N  N   . GLY A 1 42  ? -12.107 -14.021 -10.634 1.00 50.27  ? 81  GLY A N   1 
ATOM   329  C  CA  . GLY A 1 42  ? -13.493 -13.616 -10.925 1.00 43.00  ? 81  GLY A CA  1 
ATOM   330  C  C   . GLY A 1 42  ? -13.563 -12.397 -11.816 1.00 44.84  ? 81  GLY A C   1 
ATOM   331  O  O   . GLY A 1 42  ? -14.656 -11.882 -11.985 1.00 46.43  ? 81  GLY A O   1 
ATOM   332  N  N   . LEU A 1 43  ? -12.446 -11.944 -12.397 1.00 46.43  ? 82  LEU A N   1 
ATOM   333  C  CA  . LEU A 1 43  ? -12.493 -10.956 -13.507 1.00 44.60  ? 82  LEU A CA  1 
ATOM   334  C  C   . LEU A 1 43  ? -12.958 -11.672 -14.783 1.00 48.34  ? 82  LEU A C   1 
ATOM   335  O  O   . LEU A 1 43  ? -12.735 -12.897 -14.905 1.00 47.99  ? 82  LEU A O   1 
ATOM   336  C  CB  . LEU A 1 43  ? -11.111 -10.350 -13.749 1.00 49.67  ? 82  LEU A CB  1 
ATOM   337  C  CG  . LEU A 1 43  ? -10.551 -9.491  -12.620 1.00 49.05  ? 82  LEU A CG  1 
ATOM   338  C  CD1 . LEU A 1 43  ? -9.126  -9.061  -12.946 1.00 51.68  ? 82  LEU A CD1 1 
ATOM   339  C  CD2 . LEU A 1 43  ? -11.433 -8.278  -12.385 1.00 47.77  ? 82  LEU A CD2 1 
ATOM   340  N  N   . ASP A 1 44  ? -13.519 -10.909 -15.719 1.00 47.53  ? 83  ASP A N   1 
ATOM   341  C  CA  . ASP A 1 44  ? -13.731 -11.352 -17.123 1.00 46.67  ? 83  ASP A CA  1 
ATOM   342  C  C   . ASP A 1 44  ? -12.361 -11.456 -17.798 1.00 46.15  ? 83  ASP A C   1 
ATOM   343  O  O   . ASP A 1 44  ? -11.679 -10.453 -17.989 1.00 46.23  ? 83  ASP A O   1 
ATOM   344  C  CB  . ASP A 1 44  ? -14.709 -10.407 -17.813 1.00 49.76  ? 83  ASP A CB  1 
ATOM   345  C  CG  . ASP A 1 44  ? -15.075 -10.833 -19.221 1.00 53.39  ? 83  ASP A CG  1 
ATOM   346  O  OD1 . ASP A 1 44  ? -14.239 -11.475 -19.881 1.00 57.70  ? 83  ASP A OD1 1 
ATOM   347  O  OD2 . ASP A 1 44  ? -16.174 -10.490 -19.638 1.00 50.94  ? 83  ASP A OD2 1 
ATOM   348  N  N   . PRO A 1 45  ? -11.886 -12.678 -18.127 1.00 46.31  ? 84  PRO A N   1 
ATOM   349  C  CA  . PRO A 1 45  ? -10.569 -12.857 -18.722 1.00 43.79  ? 84  PRO A CA  1 
ATOM   350  C  C   . PRO A 1 45  ? -10.358 -11.914 -19.907 1.00 47.14  ? 84  PRO A C   1 
ATOM   351  O  O   . PRO A 1 45  ? -9.237  -11.505 -20.143 1.00 47.57  ? 84  PRO A O   1 
ATOM   352  C  CB  . PRO A 1 45  ? -10.532 -14.328 -19.171 1.00 47.08  ? 84  PRO A CB  1 
ATOM   353  C  CG  . PRO A 1 45  ? -11.627 -15.025 -18.390 1.00 45.30  ? 84  PRO A CG  1 
ATOM   354  C  CD  . PRO A 1 45  ? -12.582 -13.958 -17.901 1.00 47.43  ? 84  PRO A CD  1 
ATOM   355  N  N   . ASN A 1 46  ? -11.452 -11.533 -20.569 1.00 51.45  ? 85  ASN A N   1 
ATOM   356  C  CA  . ASN A 1 46  ? -11.446 -10.806 -21.863 1.00 47.07  ? 85  ASN A CA  1 
ATOM   357  C  C   . ASN A 1 46  ? -11.697 -9.316  -21.669 1.00 45.62  ? 85  ASN A C   1 
ATOM   358  O  O   . ASN A 1 46  ? -11.490 -8.580  -22.645 1.00 47.22  ? 85  ASN A O   1 
ATOM   359  C  CB  . ASN A 1 46  ? -12.460 -11.440 -22.820 1.00 52.05  ? 85  ASN A CB  1 
ATOM   360  C  CG  . ASN A 1 46  ? -11.955 -12.787 -23.270 1.00 48.00  ? 85  ASN A CG  1 
ATOM   361  O  OD1 . ASN A 1 46  ? -10.893 -12.858 -23.884 1.00 54.17  ? 85  ASN A OD1 1 
ATOM   362  N  ND2 . ASN A 1 46  ? -12.647 -13.852 -22.905 1.00 56.72  ? 85  ASN A ND2 1 
ATOM   363  N  N   . ALA A 1 47  ? -12.143 -8.880  -20.488 1.00 42.70  ? 86  ALA A N   1 
ATOM   364  C  CA  . ALA A 1 47  ? -12.377 -7.450  -20.199 1.00 41.20  ? 86  ALA A CA  1 
ATOM   365  C  C   . ALA A 1 47  ? -11.028 -6.800  -19.905 1.00 38.60  ? 86  ALA A C   1 
ATOM   366  O  O   . ALA A 1 47  ? -10.028 -7.501  -19.669 1.00 43.30  ? 86  ALA A O   1 
ATOM   367  C  CB  . ALA A 1 47  ? -13.359 -7.251  -19.067 1.00 45.18  ? 86  ALA A CB  1 
ATOM   368  N  N   . MET A 1 48  ? -11.026 -5.478  -19.929 1.00 45.54  ? 87  MET A N   1 
ATOM   369  C  CA  . MET A 1 48  ? -9.822  -4.634  -19.800 1.00 44.01  ? 87  MET A CA  1 
ATOM   370  C  C   . MET A 1 48  ? -9.886  -3.942  -18.437 1.00 40.25  ? 87  MET A C   1 
ATOM   371  O  O   . MET A 1 48  ? -10.953 -3.459  -18.098 1.00 40.34  ? 87  MET A O   1 
ATOM   372  C  CB  . MET A 1 48  ? -9.817  -3.595  -20.923 1.00 49.50  ? 87  MET A CB  1 
ATOM   373  C  CG  . MET A 1 48  ? -9.783  -4.211  -22.332 1.00 61.08  ? 87  MET A CG  1 
ATOM   374  S  SD  . MET A 1 48  ? -8.200  -4.005  -23.172 1.00 63.64  ? 87  MET A SD  1 
ATOM   375  C  CE  . MET A 1 48  ? -7.129  -4.256  -21.753 1.00 48.36  ? 87  MET A CE  1 
ATOM   376  N  N   . TYR A 1 49  ? -8.782  -3.951  -17.686 1.00 41.36  ? 88  TYR A N   1 
ATOM   377  C  CA  . TYR A 1 49  ? -8.735  -3.403  -16.307 1.00 41.10  ? 88  TYR A CA  1 
ATOM   378  C  C   . TYR A 1 49  ? -7.404  -2.691  -16.077 1.00 38.89  ? 88  TYR A C   1 
ATOM   379  O  O   . TYR A 1 49  ? -6.376  -3.086  -16.640 1.00 37.65  ? 88  TYR A O   1 
ATOM   380  C  CB  . TYR A 1 49  ? -8.890  -4.495  -15.247 1.00 39.71  ? 88  TYR A CB  1 
ATOM   381  C  CG  . TYR A 1 49  ? -10.106 -5.376  -15.350 1.00 44.36  ? 88  TYR A CG  1 
ATOM   382  C  CD1 . TYR A 1 49  ? -11.310 -5.030  -14.745 1.00 45.63  ? 88  TYR A CD1 1 
ATOM   383  C  CD2 . TYR A 1 49  ? -10.055 -6.574  -16.045 1.00 44.68  ? 88  TYR A CD2 1 
ATOM   384  C  CE1 . TYR A 1 49  ? -12.436 -5.832  -14.858 1.00 46.59  ? 88  TYR A CE1 1 
ATOM   385  C  CE2 . TYR A 1 49  ? -11.172 -7.393  -16.161 1.00 46.84  ? 88  TYR A CE2 1 
ATOM   386  C  CZ  . TYR A 1 49  ? -12.365 -7.024  -15.565 1.00 45.90  ? 88  TYR A CZ  1 
ATOM   387  O  OH  . TYR A 1 49  ? -13.443 -7.849  -15.660 1.00 43.97  ? 88  TYR A OH  1 
ATOM   388  N  N   . SER A 1 50  ? -7.439  -1.641  -15.261 1.00 35.36  ? 89  SER A N   1 
ATOM   389  C  CA  . SER A 1 50  ? -6.246  -0.994  -14.681 1.00 35.36  ? 89  SER A CA  1 
ATOM   390  C  C   . SER A 1 50  ? -6.282  -1.197  -13.172 1.00 38.37  ? 89  SER A C   1 
ATOM   391  O  O   . SER A 1 50  ? -7.390  -1.186  -12.610 1.00 35.93  ? 89  SER A O   1 
ATOM   392  C  CB  . SER A 1 50  ? -6.175  0.440   -15.050 1.00 35.23  ? 89  SER A CB  1 
ATOM   393  O  OG  . SER A 1 50  ? -6.074  0.529   -16.450 1.00 39.76  ? 89  SER A OG  1 
ATOM   394  N  N   . PHE A 1 51  ? -5.123  -1.482  -12.584 1.00 34.52  ? 90  PHE A N   1 
ATOM   395  C  CA  . PHE A 1 51  ? -4.965  -1.657  -11.124 1.00 35.52  ? 90  PHE A CA  1 
ATOM   396  C  C   . PHE A 1 51  ? -4.310  -0.420  -10.553 1.00 39.06  ? 90  PHE A C   1 
ATOM   397  O  O   . PHE A 1 51  ? -3.170  -0.017  -10.986 1.00 33.83  ? 90  PHE A O   1 
ATOM   398  C  CB  . PHE A 1 51  ? -4.146  -2.874  -10.761 1.00 33.66  ? 90  PHE A CB  1 
ATOM   399  C  CG  . PHE A 1 51  ? -4.980  -4.117  -10.702 1.00 32.85  ? 90  PHE A CG  1 
ATOM   400  C  CD1 . PHE A 1 51  ? -5.085  -4.838  -9.533  1.00 37.31  ? 90  PHE A CD1 1 
ATOM   401  C  CD2 . PHE A 1 51  ? -5.667  -4.555  -11.817 1.00 34.97  ? 90  PHE A CD2 1 
ATOM   402  C  CE1 . PHE A 1 51  ? -5.814  -6.013  -9.505  1.00 37.88  ? 90  PHE A CE1 1 
ATOM   403  C  CE2 . PHE A 1 51  ? -6.408  -5.719  -11.786 1.00 38.47  ? 90  PHE A CE2 1 
ATOM   404  C  CZ  . PHE A 1 51  ? -6.497  -6.436  -10.625 1.00 35.35  ? 90  PHE A CZ  1 
ATOM   405  N  N   . LEU A 1 52  ? -4.997  0.171   -9.572  0.72 37.93  ? 91  LEU A N   1 
ATOM   406  C  CA  . LEU A 1 52  ? -4.650  1.451   -8.905  0.72 35.89  ? 91  LEU A CA  1 
ATOM   407  C  C   . LEU A 1 52  ? -4.341  1.160   -7.429  0.72 35.88  ? 91  LEU A C   1 
ATOM   408  O  O   . LEU A 1 52  ? -5.055  0.325   -6.835  0.72 35.39  ? 91  LEU A O   1 
ATOM   409  C  CB  . LEU A 1 52  ? -5.845  2.398   -9.042  0.72 39.50  ? 91  LEU A CB  1 
ATOM   410  C  CG  . LEU A 1 52  ? -5.736  3.517   -10.075 0.72 41.92  ? 91  LEU A CG  1 
ATOM   411  C  CD1 . LEU A 1 52  ? -5.254  3.015   -11.424 0.72 43.13  ? 91  LEU A CD1 1 
ATOM   412  C  CD2 . LEU A 1 52  ? -7.071  4.240   -10.211 0.72 41.15  ? 91  LEU A CD2 1 
ATOM   413  N  N   . LEU A 1 53  ? -3.320  1.811   -6.870  1.00 32.12  ? 92  LEU A N   1 
ATOM   414  C  CA  . LEU A 1 53  ? -2.939  1.644   -5.457  1.00 32.07  ? 92  LEU A CA  1 
ATOM   415  C  C   . LEU A 1 53  ? -2.998  3.038   -4.840  1.00 29.83  ? 92  LEU A C   1 
ATOM   416  O  O   . LEU A 1 53  ? -2.464  3.985   -5.437  1.00 33.67  ? 92  LEU A O   1 
ATOM   417  C  CB  . LEU A 1 53  ? -1.534  1.042   -5.369  1.00 32.44  ? 92  LEU A CB  1 
ATOM   418  C  CG  . LEU A 1 53  ? -0.902  1.075   -3.984  1.00 30.73  ? 92  LEU A CG  1 
ATOM   419  C  CD1 . LEU A 1 53  ? -1.668  0.227   -2.991  1.00 31.71  ? 92  LEU A CD1 1 
ATOM   420  C  CD2 . LEU A 1 53  ? 0.544   0.595   -4.054  1.00 31.52  ? 92  LEU A CD2 1 
ATOM   421  N  N   . ASP A 1 54  ? -3.618  3.160   -3.672  1.00 31.46  ? 93  ASP A N   1 
ATOM   422  C  CA  . ASP A 1 54  ? -3.492  4.407   -2.872  1.00 27.16  ? 93  ASP A CA  1 
ATOM   423  C  C   . ASP A 1 54  ? -3.375  4.023   -1.400  1.00 26.47  ? 93  ASP A C   1 
ATOM   424  O  O   . ASP A 1 54  ? -3.385  2.818   -1.047  1.00 29.24  ? 93  ASP A O   1 
ATOM   425  C  CB  . ASP A 1 54  ? -4.611  5.405   -3.169  1.00 31.26  ? 93  ASP A CB  1 
ATOM   426  C  CG  . ASP A 1 54  ? -6.018  4.915   -2.888  1.00 30.07  ? 93  ASP A CG  1 
ATOM   427  O  OD1 . ASP A 1 54  ? -6.187  3.866   -2.206  1.00 31.44  ? 93  ASP A OD1 1 
ATOM   428  O  OD2 . ASP A 1 54  ? -6.930  5.570   -3.400  1.00 33.52  ? 93  ASP A OD2 1 
ATOM   429  N  N   . PHE A 1 55  ? -3.140  5.030   -0.594  1.00 29.11  ? 94  PHE A N   1 
ATOM   430  C  CA  . PHE A 1 55  ? -2.862  4.886   0.847   1.00 30.40  ? 94  PHE A CA  1 
ATOM   431  C  C   . PHE A 1 55  ? -3.867  5.768   1.597   1.00 27.45  ? 94  PHE A C   1 
ATOM   432  O  O   . PHE A 1 55  ? -3.823  6.982   1.485   1.00 32.32  ? 94  PHE A O   1 
ATOM   433  C  CB  . PHE A 1 55  ? -1.394  5.209   1.115   1.00 30.14  ? 94  PHE A CB  1 
ATOM   434  C  CG  . PHE A 1 55  ? -0.437  4.304   0.380   1.00 29.75  ? 94  PHE A CG  1 
ATOM   435  C  CD1 . PHE A 1 55  ? -0.072  3.076   0.917   1.00 29.87  ? 94  PHE A CD1 1 
ATOM   436  C  CD2 . PHE A 1 55  ? -0.026  4.612   -0.902  1.00 32.91  ? 94  PHE A CD2 1 
ATOM   437  C  CE1 . PHE A 1 55  ? 0.787   2.228   0.232   1.00 30.13  ? 94  PHE A CE1 1 
ATOM   438  C  CE2 . PHE A 1 55  ? 0.827   3.762   -1.587  1.00 31.33  ? 94  PHE A CE2 1 
ATOM   439  C  CZ  . PHE A 1 55  ? 1.217   2.564   -1.026  1.00 30.57  ? 94  PHE A CZ  1 
ATOM   440  N  N   . VAL A 1 56  ? -4.722  5.137   2.381   1.00 33.29  ? 95  VAL A N   1 
ATOM   441  C  CA  . VAL A 1 56  ? -5.712  5.866   3.229   1.00 32.11  ? 95  VAL A CA  1 
ATOM   442  C  C   . VAL A 1 56  ? -5.027  6.193   4.555   1.00 28.49  ? 95  VAL A C   1 
ATOM   443  O  O   . VAL A 1 56  ? -4.644  5.250   5.239   1.00 29.86  ? 95  VAL A O   1 
ATOM   444  C  CB  . VAL A 1 56  ? -6.967  5.005   3.470   1.00 31.32  ? 95  VAL A CB  1 
ATOM   445  C  CG1 . VAL A 1 56  ? -7.952  5.749   4.361   1.00 28.91  ? 95  VAL A CG1 1 
ATOM   446  C  CG2 . VAL A 1 56  ? -7.630  4.590   2.162   1.00 34.15  ? 95  VAL A CG2 1 
ATOM   447  N  N   . ALA A 1 57  ? -5.037  7.448   4.984   1.00 31.93  ? 96  ALA A N   1 
ATOM   448  C  CA  . ALA A 1 57  ? -4.658  7.845   6.356   1.00 30.75  ? 96  ALA A CA  1 
ATOM   449  C  C   . ALA A 1 57  ? -5.642  7.189   7.318   1.00 31.37  ? 96  ALA A C   1 
ATOM   450  O  O   . ALA A 1 57  ? -6.848  7.509   7.187   1.00 32.30  ? 96  ALA A O   1 
ATOM   451  C  CB  . ALA A 1 57  ? -4.643  9.365   6.452   1.00 31.76  ? 96  ALA A CB  1 
ATOM   452  N  N   . ALA A 1 58  ? -5.188  6.195   8.112   1.00 33.69  ? 97  ALA A N   1 
ATOM   453  C  CA  . ALA A 1 58  ? -6.008  5.299   8.956   1.00 31.17  ? 97  ALA A CA  1 
ATOM   454  C  C   . ALA A 1 58  ? -6.647  6.074   10.123  1.00 34.64  ? 97  ALA A C   1 
ATOM   455  O  O   . ALA A 1 58  ? -7.738  5.650   10.635  1.00 34.95  ? 97  ALA A O   1 
ATOM   456  C  CB  . ALA A 1 58  ? -5.219  4.127   9.478   1.00 32.52  ? 97  ALA A CB  1 
ATOM   457  N  N   . ASP A 1 59  ? -6.021  7.182   10.487  1.00 33.52  ? 98  ASP A N   1 
ATOM   458  C  CA  . ASP A 1 59  ? -6.515  8.120   11.523  1.00 35.06  ? 98  ASP A CA  1 
ATOM   459  C  C   . ASP A 1 59  ? -5.976  9.487   11.157  1.00 33.84  ? 98  ASP A C   1 
ATOM   460  O  O   . ASP A 1 59  ? -5.219  9.587   10.187  1.00 38.23  ? 98  ASP A O   1 
ATOM   461  C  CB  . ASP A 1 59  ? -6.132  7.644   12.917  1.00 32.75  ? 98  ASP A CB  1 
ATOM   462  C  CG  . ASP A 1 59  ? -4.614  7.459   13.105  1.00 37.95  ? 98  ASP A CG  1 
ATOM   463  O  OD1 . ASP A 1 59  ? -3.915  8.457   13.036  1.00 38.11  ? 98  ASP A OD1 1 
ATOM   464  O  OD2 . ASP A 1 59  ? -4.172  6.310   13.321  1.00 38.12  ? 98  ASP A OD2 1 
ATOM   465  N  N   . ASN A 1 60  ? -6.360  10.496  11.915  1.00 37.64  ? 99  ASN A N   1 
ATOM   466  C  CA  . ASN A 1 60  ? -5.999  11.887  11.606  1.00 38.71  ? 99  ASN A CA  1 
ATOM   467  C  C   . ASN A 1 60  ? -4.820  12.361  12.455  1.00 41.69  ? 99  ASN A C   1 
ATOM   468  O  O   . ASN A 1 60  ? -4.618  13.585  12.489  1.00 43.76  ? 99  ASN A O   1 
ATOM   469  C  CB  . ASN A 1 60  ? -7.198  12.791  11.845  1.00 43.30  ? 99  ASN A CB  1 
ATOM   470  C  CG  . ASN A 1 60  ? -8.276  12.557  10.821  1.00 46.68  ? 99  ASN A CG  1 
ATOM   471  O  OD1 . ASN A 1 60  ? -9.439  12.568  11.184  1.00 50.65  ? 99  ASN A OD1 1 
ATOM   472  N  ND2 . ASN A 1 60  ? -7.897  12.348  9.572   1.00 42.83  ? 99  ASN A ND2 1 
ATOM   473  N  N   . HIS A 1 61  ? -4.035  11.461  13.055  1.00 40.85  ? 100 HIS A N   1 
ATOM   474  C  CA  . HIS A 1 61  ? -3.012  11.860  14.058  1.00 41.96  ? 100 HIS A CA  1 
ATOM   475  C  C   . HIS A 1 61  ? -1.565  11.660  13.559  1.00 46.73  ? 100 HIS A C   1 
ATOM   476  O  O   . HIS A 1 61  ? -1.306  10.840  12.638  1.00 41.42  ? 100 HIS A O   1 
ATOM   477  C  CB  . HIS A 1 61  ? -3.249  11.103  15.358  1.00 40.53  ? 100 HIS A CB  1 
ATOM   478  C  CG  . HIS A 1 61  ? -4.547  11.401  16.033  1.00 48.24  ? 100 HIS A CG  1 
ATOM   479  N  ND1 . HIS A 1 61  ? -4.607  12.137  17.207  1.00 48.56  ? 100 HIS A ND1 1 
ATOM   480  C  CD2 . HIS A 1 61  ? -5.825  11.045  15.734  1.00 44.35  ? 100 HIS A CD2 1 
ATOM   481  C  CE1 . HIS A 1 61  ? -5.869  12.211  17.606  1.00 57.25  ? 100 HIS A CE1 1 
ATOM   482  N  NE2 . HIS A 1 61  ? -6.635  11.562  16.711  1.00 51.00  ? 100 HIS A NE2 1 
ATOM   483  N  N   . ARG A 1 62  ? -0.652  12.388  14.199  1.00 45.86  ? 101 ARG A N   1 
ATOM   484  C  CA  . ARG A 1 62  ? 0.815   12.212  14.124  1.00 45.77  ? 101 ARG A CA  1 
ATOM   485  C  C   . ARG A 1 62  ? 1.209   11.195  15.198  1.00 43.90  ? 101 ARG A C   1 
ATOM   486  O  O   . ARG A 1 62  ? 0.692   11.277  16.349  1.00 50.99  ? 101 ARG A O   1 
ATOM   487  C  CB  . ARG A 1 62  ? 1.458   13.591  14.302  1.00 59.68  ? 101 ARG A CB  1 
ATOM   488  C  CG  . ARG A 1 62  ? 2.928   13.591  14.708  1.00 68.64  ? 101 ARG A CG  1 
ATOM   489  C  CD  . ARG A 1 62  ? 3.579   14.954  14.504  1.00 75.60  ? 101 ARG A CD  1 
ATOM   490  N  NE  . ARG A 1 62  ? 3.450   15.374  13.113  1.00 86.48  ? 101 ARG A NE  1 
ATOM   491  C  CZ  . ARG A 1 62  ? 4.266   15.023  12.120  1.00 94.51  ? 101 ARG A CZ  1 
ATOM   492  N  NH1 . ARG A 1 62  ? 5.321   14.255  12.348  1.00 90.33  ? 101 ARG A NH1 1 
ATOM   493  N  NH2 . ARG A 1 62  ? 4.025   15.454  10.892  1.00 99.67  ? 101 ARG A NH2 1 
ATOM   494  N  N   . TRP A 1 63  ? 2.066   10.243  14.852  1.00 39.89  ? 102 TRP A N   1 
ATOM   495  C  CA  . TRP A 1 63  ? 2.483   9.149   15.758  1.00 39.77  ? 102 TRP A CA  1 
ATOM   496  C  C   . TRP A 1 63  ? 3.963   9.351   16.123  1.00 46.62  ? 102 TRP A C   1 
ATOM   497  O  O   . TRP A 1 63  ? 4.724   9.817   15.265  1.00 43.73  ? 102 TRP A O   1 
ATOM   498  C  CB  . TRP A 1 63  ? 2.224   7.795   15.092  1.00 40.91  ? 102 TRP A CB  1 
ATOM   499  C  CG  . TRP A 1 63  ? 0.777   7.413   14.970  1.00 39.06  ? 102 TRP A CG  1 
ATOM   500  C  CD1 . TRP A 1 63  ? -0.139  7.882   14.071  1.00 37.88  ? 102 TRP A CD1 1 
ATOM   501  C  CD2 . TRP A 1 63  ? 0.085   6.445   15.767  1.00 36.94  ? 102 TRP A CD2 1 
ATOM   502  N  NE1 . TRP A 1 63  ? -1.351  7.272   14.262  1.00 36.81  ? 102 TRP A NE1 1 
ATOM   503  C  CE2 . TRP A 1 63  ? -1.250  6.404   15.306  1.00 36.68  ? 102 TRP A CE2 1 
ATOM   504  C  CE3 . TRP A 1 63  ? 0.458   5.639   16.843  1.00 36.13  ? 102 TRP A CE3 1 
ATOM   505  C  CZ2 . TRP A 1 63  ? -2.199  5.568   15.871  1.00 36.96  ? 102 TRP A CZ2 1 
ATOM   506  C  CZ3 . TRP A 1 63  ? -0.484  4.816   17.409  1.00 37.78  ? 102 TRP A CZ3 1 
ATOM   507  C  CH2 . TRP A 1 63  ? -1.788  4.765   16.906  1.00 37.67  ? 102 TRP A CH2 1 
ATOM   508  N  N   . LYS A 1 64  ? 4.357   9.010   17.346  1.00 46.35  ? 103 LYS A N   1 
ATOM   509  C  CA  . LYS A 1 64  ? 5.758   9.144   17.818  1.00 52.09  ? 103 LYS A CA  1 
ATOM   510  C  C   . LYS A 1 64  ? 6.130   7.873   18.586  1.00 48.40  ? 103 LYS A C   1 
ATOM   511  O  O   . LYS A 1 64  ? 5.261   7.262   19.234  1.00 45.78  ? 103 LYS A O   1 
ATOM   512  C  CB  . LYS A 1 64  ? 5.929   10.437  18.622  1.00 62.90  ? 103 LYS A CB  1 
ATOM   513  C  CG  . LYS A 1 64  ? 4.656   11.255  18.821  1.00 75.65  ? 103 LYS A CG  1 
ATOM   514  C  CD  . LYS A 1 64  ? 4.732   12.230  19.986  1.00 85.26  ? 103 LYS A CD  1 
ATOM   515  C  CE  . LYS A 1 64  ? 3.413   12.395  20.719  1.00 89.74  ? 103 LYS A CE  1 
ATOM   516  N  NZ  . LYS A 1 64  ? 3.605   12.399  22.188  1.00 89.85  ? 103 LYS A NZ  1 
ATOM   517  N  N   . TYR A 1 65  ? 7.389   7.463   18.480  1.00 51.58  ? 104 TYR A N   1 
ATOM   518  C  CA  . TYR A 1 65  ? 7.895   6.241   19.140  1.00 49.89  ? 104 TYR A CA  1 
ATOM   519  C  C   . TYR A 1 65  ? 8.447   6.709   20.492  1.00 48.63  ? 104 TYR A C   1 
ATOM   520  O  O   . TYR A 1 65  ? 9.473   7.369   20.505  1.00 56.24  ? 104 TYR A O   1 
ATOM   521  C  CB  . TYR A 1 65  ? 8.858   5.505   18.204  1.00 45.67  ? 104 TYR A CB  1 
ATOM   522  C  CG  . TYR A 1 65  ? 9.157   4.082   18.600  1.00 44.53  ? 104 TYR A CG  1 
ATOM   523  C  CD1 . TYR A 1 65  ? 8.207   3.085   18.514  1.00 45.50  ? 104 TYR A CD1 1 
ATOM   524  C  CD2 . TYR A 1 65  ? 10.417  3.721   19.063  1.00 47.89  ? 104 TYR A CD2 1 
ATOM   525  C  CE1 . TYR A 1 65  ? 8.493   1.771   18.858  1.00 46.00  ? 104 TYR A CE1 1 
ATOM   526  C  CE2 . TYR A 1 65  ? 10.712  2.413   19.415  1.00 43.48  ? 104 TYR A CE2 1 
ATOM   527  C  CZ  . TYR A 1 65  ? 9.757   1.432   19.311  1.00 44.37  ? 104 TYR A CZ  1 
ATOM   528  O  OH  . TYR A 1 65  ? 10.067  0.149   19.661  1.00 47.02  ? 104 TYR A OH  1 
ATOM   529  N  N   . VAL A 1 66  ? 7.673   6.507   21.555  1.00 55.48  ? 105 VAL A N   1 
ATOM   530  C  CA  . VAL A 1 66  ? 7.939   7.034   22.926  1.00 59.28  ? 105 VAL A CA  1 
ATOM   531  C  C   . VAL A 1 66  ? 8.235   5.830   23.809  1.00 56.61  ? 105 VAL A C   1 
ATOM   532  O  O   . VAL A 1 66  ? 7.338   4.976   23.959  1.00 53.63  ? 105 VAL A O   1 
ATOM   533  C  CB  . VAL A 1 66  ? 6.751   7.853   23.470  1.00 57.60  ? 105 VAL A CB  1 
ATOM   534  C  CG1 . VAL A 1 66  ? 6.937   8.233   24.936  1.00 58.39  ? 105 VAL A CG1 1 
ATOM   535  C  CG2 . VAL A 1 66  ? 6.504   9.091   22.626  1.00 56.83  ? 105 VAL A CG2 1 
ATOM   536  N  N   . ASN A 1 67  ? 9.458   5.749   24.328  1.00 59.50  ? 106 ASN A N   1 
ATOM   537  C  CA  . ASN A 1 67  ? 9.869   4.665   25.251  1.00 65.32  ? 106 ASN A CA  1 
ATOM   538  C  C   . ASN A 1 67  ? 9.419   3.333   24.660  1.00 60.85  ? 106 ASN A C   1 
ATOM   539  O  O   . ASN A 1 67  ? 8.611   2.671   25.316  1.00 51.97  ? 106 ASN A O   1 
ATOM   540  C  CB  . ASN A 1 67  ? 9.266   4.866   26.643  1.00 74.55  ? 106 ASN A CB  1 
ATOM   541  C  CG  . ASN A 1 67  ? 9.678   6.191   27.245  1.00 75.80  ? 106 ASN A CG  1 
ATOM   542  O  OD1 . ASN A 1 67  ? 10.862  6.518   27.273  1.00 71.78  ? 106 ASN A OD1 1 
ATOM   543  N  ND2 . ASN A 1 67  ? 8.708   6.964   27.700  1.00 72.52  ? 106 ASN A ND2 1 
ATOM   544  N  N   . GLY A 1 68  ? 9.890   3.009   23.448  1.00 61.05  ? 107 GLY A N   1 
ATOM   545  C  CA  . GLY A 1 68  ? 9.693   1.695   22.800  1.00 58.40  ? 107 GLY A CA  1 
ATOM   546  C  C   . GLY A 1 68  ? 8.247   1.430   22.408  1.00 50.38  ? 107 GLY A C   1 
ATOM   547  O  O   . GLY A 1 68  ? 7.889   0.263   22.261  1.00 51.72  ? 107 GLY A O   1 
ATOM   548  N  N   . GLU A 1 69  ? 7.423   2.460   22.252  1.00 51.92  ? 108 GLU A N   1 
ATOM   549  C  CA  . GLU A 1 69  ? 5.987   2.255   21.926  1.00 57.49  ? 108 GLU A CA  1 
ATOM   550  C  C   . GLU A 1 69  ? 5.520   3.395   21.019  1.00 49.07  ? 108 GLU A C   1 
ATOM   551  O  O   . GLU A 1 69  ? 5.867   4.550   21.283  1.00 48.83  ? 108 GLU A O   1 
ATOM   552  C  CB  . GLU A 1 69  ? 5.164   2.058   23.207  1.00 66.60  ? 108 GLU A CB  1 
ATOM   553  C  CG  . GLU A 1 69  ? 4.729   3.339   23.922  1.00 79.66  ? 108 GLU A CG  1 
ATOM   554  C  CD  . GLU A 1 69  ? 3.577   3.213   24.923  1.00 88.96  ? 108 GLU A CD  1 
ATOM   555  O  OE1 . GLU A 1 69  ? 3.133   2.071   25.194  1.00 84.35  ? 108 GLU A OE1 1 
ATOM   556  O  OE2 . GLU A 1 69  ? 3.117   4.268   25.435  1.00 91.89  ? 108 GLU A OE2 1 
ATOM   557  N  N   . TRP A 1 70  ? 4.779   3.069   19.953  1.00 47.87  ? 109 TRP A N   1 
ATOM   558  C  CA  . TRP A 1 70  ? 4.103   4.063   19.082  1.00 41.29  ? 109 TRP A CA  1 
ATOM   559  C  C   . TRP A 1 70  ? 2.879   4.629   19.822  1.00 43.40  ? 109 TRP A C   1 
ATOM   560  O  O   . TRP A 1 70  ? 2.107   3.835   20.330  1.00 45.59  ? 109 TRP A O   1 
ATOM   561  C  CB  . TRP A 1 70  ? 3.693   3.429   17.739  1.00 42.02  ? 109 TRP A CB  1 
ATOM   562  C  CG  . TRP A 1 70  ? 4.840   3.263   16.795  1.00 37.52  ? 109 TRP A CG  1 
ATOM   563  C  CD1 . TRP A 1 70  ? 5.476   2.099   16.457  1.00 36.14  ? 109 TRP A CD1 1 
ATOM   564  C  CD2 . TRP A 1 70  ? 5.504   4.310   16.078  1.00 33.56  ? 109 TRP A CD2 1 
ATOM   565  N  NE1 . TRP A 1 70  ? 6.511   2.357   15.600  1.00 39.31  ? 109 TRP A NE1 1 
ATOM   566  C  CE2 . TRP A 1 70  ? 6.557   3.706   15.357  1.00 35.98  ? 109 TRP A CE2 1 
ATOM   567  C  CE3 . TRP A 1 70  ? 5.342   5.695   15.992  1.00 34.08  ? 109 TRP A CE3 1 
ATOM   568  C  CZ2 . TRP A 1 70  ? 7.393   4.441   14.528  1.00 36.89  ? 109 TRP A CZ2 1 
ATOM   569  C  CZ3 . TRP A 1 70  ? 6.185   6.422   15.187  1.00 39.26  ? 109 TRP A CZ3 1 
ATOM   570  C  CH2 . TRP A 1 70  ? 7.194   5.799   14.453  1.00 39.18  ? 109 TRP A CH2 1 
ATOM   571  N  N   . VAL A 1 71  ? 2.726   5.952   19.879  1.00 43.79  ? 110 VAL A N   1 
ATOM   572  C  CA  . VAL A 1 71  ? 1.587   6.642   20.565  1.00 46.53  ? 110 VAL A CA  1 
ATOM   573  C  C   . VAL A 1 71  ? 1.164   7.807   19.694  1.00 43.84  ? 110 VAL A C   1 
ATOM   574  O  O   . VAL A 1 71  ? 1.991   8.502   19.104  1.00 43.13  ? 110 VAL A O   1 
ATOM   575  C  CB  . VAL A 1 71  ? 1.921   7.120   21.993  1.00 50.57  ? 110 VAL A CB  1 
ATOM   576  C  CG1 . VAL A 1 71  ? 2.305   5.968   22.895  1.00 49.59  ? 110 VAL A CG1 1 
ATOM   577  C  CG2 . VAL A 1 71  ? 2.986   8.191   21.999  1.00 53.68  ? 110 VAL A CG2 1 
ATOM   578  N  N   . PRO A 1 72  ? -0.154  8.006   19.529  1.00 45.45  ? 111 PRO A N   1 
ATOM   579  C  CA  . PRO A 1 72  ? -0.646  9.091   18.704  1.00 45.36  ? 111 PRO A CA  1 
ATOM   580  C  C   . PRO A 1 72  ? -0.563  10.425  19.442  1.00 44.15  ? 111 PRO A C   1 
ATOM   581  O  O   . PRO A 1 72  ? -0.739  10.419  20.619  1.00 51.72  ? 111 PRO A O   1 
ATOM   582  C  CB  . PRO A 1 72  ? -2.103  8.712   18.420  1.00 46.23  ? 111 PRO A CB  1 
ATOM   583  C  CG  . PRO A 1 72  ? -2.506  7.791   19.535  1.00 43.99  ? 111 PRO A CG  1 
ATOM   584  C  CD  . PRO A 1 72  ? -1.231  7.177   20.081  1.00 48.85  ? 111 PRO A CD  1 
ATOM   585  N  N   . GLY A 1 73  ? -0.317  11.499  18.698  1.00 50.59  ? 112 GLY A N   1 
ATOM   586  C  CA  . GLY A 1 73  ? -0.470  12.884  19.170  1.00 50.71  ? 112 GLY A CA  1 
ATOM   587  C  C   . GLY A 1 73  ? -1.901  13.122  19.629  1.00 58.25  ? 112 GLY A C   1 
ATOM   588  O  O   . GLY A 1 73  ? -2.754  12.199  19.484  1.00 55.83  ? 112 GLY A O   1 
ATOM   589  N  N   . GLY A 1 74  ? -2.171  14.298  20.199  1.00 51.49  ? 113 GLY A N   1 
ATOM   590  C  CA  . GLY A 1 74  ? -3.515  14.669  20.661  1.00 58.73  ? 113 GLY A CA  1 
ATOM   591  C  C   . GLY A 1 74  ? -4.128  15.715  19.755  1.00 63.44  ? 113 GLY A C   1 
ATOM   592  O  O   . GLY A 1 74  ? -5.213  16.199  20.113  1.00 77.18  ? 113 GLY A O   1 
ATOM   593  N  N   . LYS A 1 75  ? -3.470  16.060  18.637  1.00 60.72  ? 114 LYS A N   1 
ATOM   594  C  CA  . LYS A 1 75  ? -3.878  17.220  17.798  1.00 67.19  ? 114 LYS A CA  1 
ATOM   595  C  C   . LYS A 1 75  ? -4.183  16.779  16.370  1.00 61.33  ? 114 LYS A C   1 
ATOM   596  O  O   . LYS A 1 75  ? -3.505  17.184  15.433  1.00 59.33  ? 114 LYS A O   1 
ATOM   597  C  CB  . LYS A 1 75  ? -2.822  18.326  17.841  1.00 70.91  ? 114 LYS A CB  1 
ATOM   598  C  CG  . LYS A 1 75  ? -3.401  19.739  17.807  1.00 81.83  ? 114 LYS A CG  1 
ATOM   599  C  CD  . LYS A 1 75  ? -4.582  19.946  18.764  1.00 82.62  ? 114 LYS A CD  1 
ATOM   600  C  CE  . LYS A 1 75  ? -4.623  21.302  19.442  1.00 89.60  ? 114 LYS A CE  1 
ATOM   601  N  NZ  . LYS A 1 75  ? -4.851  22.402  18.479  1.00 93.32  ? 114 LYS A NZ  1 
ATOM   602  N  N   . PRO A 1 76  ? -5.283  16.032  16.147  1.00 65.46  ? 115 PRO A N   1 
ATOM   603  C  CA  . PRO A 1 76  ? -5.627  15.567  14.807  1.00 64.76  ? 115 PRO A CA  1 
ATOM   604  C  C   . PRO A 1 76  ? -5.739  16.730  13.805  1.00 68.91  ? 115 PRO A C   1 
ATOM   605  O  O   . PRO A 1 76  ? -6.058  17.843  14.196  1.00 63.95  ? 115 PRO A O   1 
ATOM   606  C  CB  . PRO A 1 76  ? -6.973  14.830  14.956  1.00 65.07  ? 115 PRO A CB  1 
ATOM   607  C  CG  . PRO A 1 76  ? -7.494  15.228  16.325  1.00 69.78  ? 115 PRO A CG  1 
ATOM   608  C  CD  . PRO A 1 76  ? -6.278  15.624  17.149  1.00 69.14  ? 115 PRO A CD  1 
ATOM   609  N  N   . GLU A 1 77  ? -5.410  16.434  12.546  1.00 62.19  ? 116 GLU A N   1 
ATOM   610  C  CA  . GLU A 1 77  ? -5.651  17.300  11.368  1.00 69.95  ? 116 GLU A CA  1 
ATOM   611  C  C   . GLU A 1 77  ? -6.234  16.427  10.261  1.00 69.36  ? 116 GLU A C   1 
ATOM   612  O  O   . GLU A 1 77  ? -5.854  15.269  10.122  1.00 74.67  ? 116 GLU A O   1 
ATOM   613  C  CB  . GLU A 1 77  ? -4.346  17.967  10.936  1.00 70.44  ? 116 GLU A CB  1 
ATOM   614  C  CG  . GLU A 1 77  ? -3.648  18.728  12.054  1.00 76.28  ? 116 GLU A CG  1 
ATOM   615  C  CD  . GLU A 1 77  ? -2.282  19.271  11.659  1.00 83.96  ? 116 GLU A CD  1 
ATOM   616  O  OE1 . GLU A 1 77  ? -2.055  19.444  10.446  1.00 91.11  ? 116 GLU A OE1 1 
ATOM   617  O  OE2 . GLU A 1 77  ? -1.439  19.503  12.555  1.00 81.89  ? 116 GLU A OE2 1 
ATOM   618  N  N   . PRO A 1 78  ? -7.166  16.936  9.429   1.00 71.63  ? 117 PRO A N   1 
ATOM   619  C  CA  . PRO A 1 78  ? -7.745  16.123  8.361   1.00 75.72  ? 117 PRO A CA  1 
ATOM   620  C  C   . PRO A 1 78  ? -6.619  15.708  7.400   1.00 71.72  ? 117 PRO A C   1 
ATOM   621  O  O   . PRO A 1 78  ? -5.730  16.509  7.146   1.00 61.14  ? 117 PRO A O   1 
ATOM   622  C  CB  . PRO A 1 78  ? -8.791  17.028  7.689   1.00 74.74  ? 117 PRO A CB  1 
ATOM   623  C  CG  . PRO A 1 78  ? -8.976  18.186  8.655   1.00 74.86  ? 117 PRO A CG  1 
ATOM   624  C  CD  . PRO A 1 78  ? -7.663  18.317  9.407   1.00 75.74  ? 117 PRO A CD  1 
ATOM   625  N  N   . GLN A 1 79  ? -6.660  14.460  6.953   1.00 74.16  ? 118 GLN A N   1 
ATOM   626  C  CA  . GLN A 1 79  ? -5.570  13.994  6.072   1.00 82.09  ? 118 GLN A CA  1 
ATOM   627  C  C   . GLN A 1 79  ? -6.076  13.947  4.639   1.00 88.69  ? 118 GLN A C   1 
ATOM   628  O  O   . GLN A 1 79  ? -7.024  13.211  4.366   1.00 83.10  ? 118 GLN A O   1 
ATOM   629  C  CB  . GLN A 1 79  ? -5.042  12.648  6.560   1.00 77.02  ? 118 GLN A CB  1 
ATOM   630  C  CG  . GLN A 1 79  ? -4.628  12.664  8.018   1.00 77.44  ? 118 GLN A CG  1 
ATOM   631  C  CD  . GLN A 1 79  ? -3.429  13.549  8.233   1.00 75.40  ? 118 GLN A CD  1 
ATOM   632  O  OE1 . GLN A 1 79  ? -2.526  13.619  7.409   1.00 73.47  ? 118 GLN A OE1 1 
ATOM   633  N  NE2 . GLN A 1 79  ? -3.419  14.244  9.353   1.00 76.82  ? 118 GLN A NE2 1 
ATOM   634  N  N   . ALA A 1 80  ? -5.410  14.698  3.768   1.00 105.62 ? 119 ALA A N   1 
ATOM   635  C  CA  . ALA A 1 80  ? -5.766  14.717  2.333   1.00 102.01 ? 119 ALA A CA  1 
ATOM   636  C  C   . ALA A 1 80  ? -5.543  13.309  1.782   1.00 92.42  ? 119 ALA A C   1 
ATOM   637  O  O   . ALA A 1 80  ? -4.539  12.674  2.122   1.00 83.77  ? 119 ALA A O   1 
ATOM   638  C  CB  . ALA A 1 80  ? -4.922  15.727  1.594   1.00 102.03 ? 119 ALA A CB  1 
ATOM   639  N  N   . PRO A 1 81  ? -6.378  12.820  0.850   1.00 79.27  ? 120 PRO A N   1 
ATOM   640  C  CA  . PRO A 1 81  ? -6.202  11.486  0.320   1.00 70.20  ? 120 PRO A CA  1 
ATOM   641  C  C   . PRO A 1 81  ? -4.870  11.433  -0.429  1.00 56.20  ? 120 PRO A C   1 
ATOM   642  O  O   . PRO A 1 81  ? -4.485  12.382  -1.070  1.00 58.09  ? 120 PRO A O   1 
ATOM   643  C  CB  . PRO A 1 81  ? -7.319  11.395  -0.720  1.00 30.00  ? 120 PRO A CB  1 
ATOM   644  C  CG  . PRO A 1 81  ? -7.535  12.823  -1.121  1.00 30.00  ? 120 PRO A CG  1 
ATOM   645  C  CD  . PRO A 1 81  ? -7.446  13.551  0.199   1.00 30.00  ? 120 PRO A CD  1 
ATOM   646  N  N   . SER A 1 82  ? -4.228  10.274  -0.409  1.00 52.36  ? 121 SER A N   1 
ATOM   647  C  CA  . SER A 1 82  ? -2.936  10.156  -1.128  1.00 50.17  ? 121 SER A CA  1 
ATOM   648  C  C   . SER A 1 82  ? -3.176  10.123  -2.626  1.00 44.25  ? 121 SER A C   1 
ATOM   649  O  O   . SER A 1 82  ? -4.261  9.782   -3.079  1.00 47.75  ? 121 SER A O   1 
ATOM   650  C  CB  . SER A 1 82  ? -2.138  8.951   -0.712  1.00 30.00  ? 121 SER A CB  1 
ATOM   651  O  OG  . SER A 1 82  ? -2.286  7.862   -1.617  1.00 30.00  ? 121 SER A OG  1 
ATOM   652  N  N   . CYS A 1 83  ? -2.099  10.336  -3.367  1.00 42.96  ? 122 CYS A N   1 
ATOM   653  C  CA  . CYS A 1 83  ? -2.135  10.194  -4.835  1.00 41.95  ? 122 CYS A CA  1 
ATOM   654  C  C   . CYS A 1 83  ? -2.223  8.703   -5.191  1.00 37.81  ? 122 CYS A C   1 
ATOM   655  O  O   . CYS A 1 83  ? -1.948  7.819   -4.380  1.00 36.84  ? 122 CYS A O   1 
ATOM   656  C  CB  . CYS A 1 83  ? -0.974  10.906  -5.516  1.00 48.43  ? 122 CYS A CB  1 
ATOM   657  S  SG  . CYS A 1 83  ? -1.215  12.696  -5.636  1.00 56.06  ? 122 CYS A SG  1 
ATOM   658  N  N   . VAL A 1 84  ? -2.623  8.444   -6.411  1.00 38.58  ? 123 VAL A N   1 
ATOM   659  C  CA  . VAL A 1 84  ? -2.872  7.067   -6.886  1.00 39.63  ? 123 VAL A CA  1 
ATOM   660  C  C   . VAL A 1 84  ? -1.678  6.628   -7.743  1.00 37.75  ? 123 VAL A C   1 
ATOM   661  O  O   . VAL A 1 84  ? -1.220  7.415   -8.578  1.00 35.25  ? 123 VAL A O   1 
ATOM   662  C  CB  . VAL A 1 84  ? -4.210  7.045   -7.633  1.00 48.47  ? 123 VAL A CB  1 
ATOM   663  C  CG1 . VAL A 1 84  ? -4.176  7.823   -8.943  1.00 49.59  ? 123 VAL A CG1 1 
ATOM   664  C  CG2 . VAL A 1 84  ? -4.663  5.631   -7.838  1.00 51.35  ? 123 VAL A CG2 1 
ATOM   665  N  N   . TYR A 1 85  ? -1.209  5.408   -7.520  1.00 35.63  ? 124 TYR A N   1 
ATOM   666  C  CA  . TYR A 1 85  ? -0.153  4.749   -8.320  1.00 34.20  ? 124 TYR A CA  1 
ATOM   667  C  C   . TYR A 1 85  ? -0.831  3.758   -9.247  1.00 32.77  ? 124 TYR A C   1 
ATOM   668  O  O   . TYR A 1 85  ? -1.580  2.890   -8.757  1.00 32.13  ? 124 TYR A O   1 
ATOM   669  C  CB  . TYR A 1 85  ? 0.835   4.016   -7.420  1.00 36.27  ? 124 TYR A CB  1 
ATOM   670  C  CG  . TYR A 1 85  ? 1.865   3.174   -8.143  1.00 39.28  ? 124 TYR A CG  1 
ATOM   671  C  CD1 . TYR A 1 85  ? 3.026   3.737   -8.668  1.00 41.14  ? 124 TYR A CD1 1 
ATOM   672  C  CD2 . TYR A 1 85  ? 1.692   1.807   -8.268  1.00 35.16  ? 124 TYR A CD2 1 
ATOM   673  C  CE1 . TYR A 1 85  ? 3.974   2.966   -9.318  1.00 37.35  ? 124 TYR A CE1 1 
ATOM   674  C  CE2 . TYR A 1 85  ? 2.633   1.017   -8.911  1.00 37.19  ? 124 TYR A CE2 1 
ATOM   675  C  CZ  . TYR A 1 85  ? 3.772   1.601   -9.448  1.00 39.37  ? 124 TYR A CZ  1 
ATOM   676  O  OH  . TYR A 1 85  ? 4.698   0.813   -10.054 1.00 34.75  ? 124 TYR A OH  1 
ATOM   677  N  N   . ILE A 1 86  ? -0.562  3.865   -10.542 1.00 29.56  ? 125 ILE A N   1 
ATOM   678  C  CA  . ILE A 1 86  ? -1.055  2.924   -11.576 1.00 34.33  ? 125 ILE A CA  1 
ATOM   679  C  C   . ILE A 1 86  ? -0.070  1.767   -11.710 1.00 35.86  ? 125 ILE A C   1 
ATOM   680  O  O   . ILE A 1 86  ? 1.092   2.021   -12.037 1.00 35.07  ? 125 ILE A O   1 
ATOM   681  C  CB  . ILE A 1 86  ? -1.288  3.663   -12.895 1.00 39.56  ? 125 ILE A CB  1 
ATOM   682  C  CG1 . ILE A 1 86  ? -2.169  4.893   -12.672 1.00 44.28  ? 125 ILE A CG1 1 
ATOM   683  C  CG2 . ILE A 1 86  ? -1.888  2.729   -13.931 1.00 40.84  ? 125 ILE A CG2 1 
ATOM   684  C  CD1 . ILE A 1 86  ? -2.094  5.891   -13.804 1.00 51.34  ? 125 ILE A CD1 1 
ATOM   685  N  N   . HIS A 1 87  ? -0.518  0.530   -11.478 1.00 34.48  ? 126 HIS A N   1 
ATOM   686  C  CA  . HIS A 1 87  ? 0.307   -0.666  -11.746 1.00 35.16  ? 126 HIS A CA  1 
ATOM   687  C  C   . HIS A 1 87  ? 0.816   -0.513  -13.180 1.00 33.21  ? 126 HIS A C   1 
ATOM   688  O  O   . HIS A 1 87  ? 0.028   -0.261  -14.091 1.00 29.62  ? 126 HIS A O   1 
ATOM   689  C  CB  . HIS A 1 87  ? -0.440  -1.991  -11.534 1.00 30.88  ? 126 HIS A CB  1 
ATOM   690  C  CG  . HIS A 1 87  ? 0.523   -3.128  -11.433 1.00 35.93  ? 126 HIS A CG  1 
ATOM   691  N  ND1 . HIS A 1 87  ? 1.115   -3.703  -12.557 1.00 36.62  ? 126 HIS A ND1 1 
ATOM   692  C  CD2 . HIS A 1 87  ? 1.109   -3.709  -10.365 1.00 37.44  ? 126 HIS A CD2 1 
ATOM   693  C  CE1 . HIS A 1 87  ? 1.976   -4.638  -12.162 1.00 38.57  ? 126 HIS A CE1 1 
ATOM   694  N  NE2 . HIS A 1 87  ? 1.979   -4.672  -10.826 1.00 38.27  ? 126 HIS A NE2 1 
ATOM   695  N  N   . PRO A 1 88  ? 2.138   -0.616  -13.427 0.72 35.54  ? 127 PRO A N   1 
ATOM   696  C  CA  . PRO A 1 88  ? 2.680   -0.353  -14.764 0.72 36.61  ? 127 PRO A CA  1 
ATOM   697  C  C   . PRO A 1 88  ? 2.219   -1.349  -15.847 0.72 36.48  ? 127 PRO A C   1 
ATOM   698  O  O   . PRO A 1 88  ? 2.343   -1.027  -17.016 0.72 36.11  ? 127 PRO A O   1 
ATOM   699  C  CB  . PRO A 1 88  ? 4.200   -0.381  -14.534 0.72 36.58  ? 127 PRO A CB  1 
ATOM   700  C  CG  . PRO A 1 88  ? 4.381   -1.261  -13.321 0.72 37.53  ? 127 PRO A CG  1 
ATOM   701  C  CD  . PRO A 1 88  ? 3.178   -0.961  -12.448 0.72 36.40  ? 127 PRO A CD  1 
ATOM   702  N  N   . ASP A 1 89  ? 1.647   -2.495  -15.461 0.72 35.17  ? 128 ASP A N   1 
ATOM   703  C  CA  . ASP A 1 89  ? 1.015   -3.451  -16.412 0.72 36.28  ? 128 ASP A CA  1 
ATOM   704  C  C   . ASP A 1 89  ? -0.317  -2.902  -16.939 0.72 36.41  ? 128 ASP A C   1 
ATOM   705  O  O   . ASP A 1 89  ? -0.871  -3.547  -17.835 0.72 36.33  ? 128 ASP A O   1 
ATOM   706  C  CB  . ASP A 1 89  ? 0.730   -4.815  -15.779 0.72 36.76  ? 128 ASP A CB  1 
ATOM   707  C  CG  . ASP A 1 89  ? 1.944   -5.653  -15.421 0.72 37.59  ? 128 ASP A CG  1 
ATOM   708  O  OD1 . ASP A 1 89  ? 3.046   -5.050  -15.252 0.72 38.62  ? 128 ASP A OD1 1 
ATOM   709  O  OD2 . ASP A 1 89  ? 1.751   -6.892  -15.209 0.72 39.17  ? 128 ASP A OD2 1 
ATOM   710  N  N   . SER A 1 90  ? -0.834  -1.786  -16.403 0.72 35.79  ? 129 SER A N   1 
ATOM   711  C  CA  . SER A 1 90  ? -2.154  -1.205  -16.776 0.72 35.44  ? 129 SER A CA  1 
ATOM   712  C  C   . SER A 1 90  ? -2.058  -0.490  -18.122 0.72 36.20  ? 129 SER A C   1 
ATOM   713  O  O   . SER A 1 90  ? -1.063  0.166   -18.392 0.72 35.87  ? 129 SER A O   1 
ATOM   714  C  CB  . SER A 1 90  ? -2.650  -0.243  -15.719 0.72 35.41  ? 129 SER A CB  1 
ATOM   715  O  OG  . SER A 1 90  ? -2.545  -0.804  -14.419 0.72 32.70  ? 129 SER A OG  1 
ATOM   716  N  N   . PRO A 1 91  ? -3.074  -0.553  -19.012 0.72 36.91  ? 130 PRO A N   1 
ATOM   717  C  CA  . PRO A 1 91  ? -4.245  -1.411  -18.852 0.72 36.65  ? 130 PRO A CA  1 
ATOM   718  C  C   . PRO A 1 91  ? -3.933  -2.842  -19.285 0.72 39.00  ? 130 PRO A C   1 
ATOM   719  O  O   . PRO A 1 91  ? -2.972  -3.024  -20.015 0.72 40.84  ? 130 PRO A O   1 
ATOM   720  C  CB  . PRO A 1 91  ? -5.247  -0.802  -19.833 0.72 39.63  ? 130 PRO A CB  1 
ATOM   721  C  CG  . PRO A 1 91  ? -4.366  -0.299  -20.948 0.72 39.30  ? 130 PRO A CG  1 
ATOM   722  C  CD  . PRO A 1 91  ? -3.118  0.210   -20.263 0.72 39.37  ? 130 PRO A CD  1 
ATOM   723  N  N   . ASN A 1 92  ? -4.742  -3.819  -18.887 0.72 36.14  ? 131 ASN A N   1 
ATOM   724  C  CA  . ASN A 1 92  ? -4.485  -5.215  -19.320 0.72 39.65  ? 131 ASN A CA  1 
ATOM   725  C  C   . ASN A 1 92  ? -5.747  -6.067  -19.186 0.72 38.82  ? 131 ASN A C   1 
ATOM   726  O  O   . ASN A 1 92  ? -6.705  -5.619  -18.550 0.72 39.31  ? 131 ASN A O   1 
ATOM   727  C  CB  . ASN A 1 92  ? -3.276  -5.817  -18.597 0.72 38.69  ? 131 ASN A CB  1 
ATOM   728  C  CG  . ASN A 1 92  ? -2.365  -6.547  -19.565 0.72 41.05  ? 131 ASN A CG  1 
ATOM   729  O  OD1 . ASN A 1 92  ? -2.842  -7.340  -20.372 0.72 40.65  ? 131 ASN A OD1 1 
ATOM   730  N  ND2 . ASN A 1 92  ? -1.072  -6.273  -19.508 0.72 38.27  ? 131 ASN A ND2 1 
ATOM   731  N  N   . PHE A 1 93  ? -5.736  -7.233  -19.836 1.00 39.44  ? 132 PHE A N   1 
ATOM   732  C  CA  . PHE A 1 93  ? -6.880  -8.181  -19.848 1.00 43.92  ? 132 PHE A CA  1 
ATOM   733  C  C   . PHE A 1 93  ? -7.001  -8.805  -18.458 1.00 39.92  ? 132 PHE A C   1 
ATOM   734  O  O   . PHE A 1 93  ? -5.961  -8.981  -17.788 1.00 42.21  ? 132 PHE A O   1 
ATOM   735  C  CB  . PHE A 1 93  ? -6.679  -9.222  -20.957 1.00 47.24  ? 132 PHE A CB  1 
ATOM   736  C  CG  . PHE A 1 93  ? -6.755  -8.606  -22.331 1.00 47.48  ? 132 PHE A CG  1 
ATOM   737  C  CD1 . PHE A 1 93  ? -7.968  -8.157  -22.830 1.00 47.98  ? 132 PHE A CD1 1 
ATOM   738  C  CD2 . PHE A 1 93  ? -5.614  -8.407  -23.092 1.00 50.64  ? 132 PHE A CD2 1 
ATOM   739  C  CE1 . PHE A 1 93  ? -8.047  -7.528  -24.060 1.00 47.32  ? 132 PHE A CE1 1 
ATOM   740  C  CE2 . PHE A 1 93  ? -5.695  -7.788  -24.332 1.00 49.64  ? 132 PHE A CE2 1 
ATOM   741  C  CZ  . PHE A 1 93  ? -6.908  -7.341  -24.808 1.00 48.41  ? 132 PHE A CZ  1 
ATOM   742  N  N   . GLY A 1 94  ? -8.228  -9.092  -18.036 1.00 42.28  ? 133 GLY A N   1 
ATOM   743  C  CA  . GLY A 1 94  ? -8.497  -9.928  -16.853 1.00 44.47  ? 133 GLY A CA  1 
ATOM   744  C  C   . GLY A 1 94  ? -7.538  -11.102 -16.742 1.00 44.33  ? 133 GLY A C   1 
ATOM   745  O  O   . GLY A 1 94  ? -7.009  -11.335 -15.650 1.00 40.66  ? 133 GLY A O   1 
ATOM   746  N  N   . ALA A 1 95  ? -7.316  -11.840 -17.834 1.00 46.07  ? 134 ALA A N   1 
ATOM   747  C  CA  . ALA A 1 95  ? -6.434  -13.031 -17.878 1.00 41.78  ? 134 ALA A CA  1 
ATOM   748  C  C   . ALA A 1 95  ? -5.050  -12.684 -17.331 1.00 39.41  ? 134 ALA A C   1 
ATOM   749  O  O   . ALA A 1 95  ? -4.419  -13.515 -16.657 1.00 44.20  ? 134 ALA A O   1 
ATOM   750  C  CB  . ALA A 1 95  ? -6.315  -13.505 -19.306 1.00 43.39  ? 134 ALA A CB  1 
ATOM   751  N  N   . HIS A 1 96  ? -4.551  -11.507 -17.688 1.00 38.29  ? 135 HIS A N   1 
ATOM   752  C  CA  . HIS A 1 96  ? -3.179  -11.090 -17.333 1.00 40.28  ? 135 HIS A CA  1 
ATOM   753  C  C   . HIS A 1 96  ? -3.108  -10.944 -15.815 1.00 39.05  ? 135 HIS A C   1 
ATOM   754  O  O   . HIS A 1 96  ? -2.127  -11.383 -15.163 1.00 41.72  ? 135 HIS A O   1 
ATOM   755  C  CB  . HIS A 1 96  ? -2.821  -9.771  -18.019 1.00 42.08  ? 135 HIS A CB  1 
ATOM   756  C  CG  . HIS A 1 96  ? -1.523  -9.234  -17.542 1.00 40.15  ? 135 HIS A CG  1 
ATOM   757  N  ND1 . HIS A 1 96  ? -0.312  -9.625  -18.098 1.00 44.16  ? 135 HIS A ND1 1 
ATOM   758  C  CD2 . HIS A 1 96  ? -1.235  -8.357  -16.558 1.00 36.64  ? 135 HIS A CD2 1 
ATOM   759  C  CE1 . HIS A 1 96  ? 0.674   -9.004  -17.484 1.00 47.13  ? 135 HIS A CE1 1 
ATOM   760  N  NE2 . HIS A 1 96  ? 0.128   -8.223  -16.522 1.00 44.53  ? 135 HIS A NE2 1 
ATOM   761  N  N   . TRP A 1 97  ? -4.125  -10.315 -15.277 1.00 40.26  ? 136 TRP A N   1 
ATOM   762  C  CA  . TRP A 1 97  ? -4.173  -9.971  -13.838 1.00 41.01  ? 136 TRP A CA  1 
ATOM   763  C  C   . TRP A 1 97  ? -4.374  -11.227 -12.993 1.00 45.81  ? 136 TRP A C   1 
ATOM   764  O  O   . TRP A 1 97  ? -3.844  -11.253 -11.870 1.00 44.45  ? 136 TRP A O   1 
ATOM   765  C  CB  . TRP A 1 97  ? -5.298  -8.987  -13.609 1.00 39.81  ? 136 TRP A CB  1 
ATOM   766  C  CG  . TRP A 1 97  ? -5.112  -7.683  -14.302 1.00 35.71  ? 136 TRP A CG  1 
ATOM   767  C  CD1 . TRP A 1 97  ? -5.942  -7.144  -15.235 1.00 35.02  ? 136 TRP A CD1 1 
ATOM   768  C  CD2 . TRP A 1 97  ? -4.077  -6.720  -14.067 1.00 33.06  ? 136 TRP A CD2 1 
ATOM   769  N  NE1 . TRP A 1 97  ? -5.498  -5.899  -15.594 1.00 33.05  ? 136 TRP A NE1 1 
ATOM   770  C  CE2 . TRP A 1 97  ? -4.348  -5.624  -14.913 1.00 31.52  ? 136 TRP A CE2 1 
ATOM   771  C  CE3 . TRP A 1 97  ? -2.946  -6.676  -13.240 1.00 34.79  ? 136 TRP A CE3 1 
ATOM   772  C  CZ2 . TRP A 1 97  ? -3.561  -4.477  -14.926 1.00 32.70  ? 136 TRP A CZ2 1 
ATOM   773  C  CZ3 . TRP A 1 97  ? -2.168  -5.544  -13.254 1.00 34.73  ? 136 TRP A CZ3 1 
ATOM   774  C  CH2 . TRP A 1 97  ? -2.470  -4.459  -14.084 1.00 32.86  ? 136 TRP A CH2 1 
ATOM   775  N  N   . MET A 1 98  ? -5.080  -12.232 -13.525 1.00 47.74  ? 137 MET A N   1 
ATOM   776  C  CA  . MET A 1 98  ? -5.441  -13.457 -12.768 1.00 46.71  ? 137 MET A CA  1 
ATOM   777  C  C   . MET A 1 98  ? -4.373  -14.545 -12.915 1.00 45.53  ? 137 MET A C   1 
ATOM   778  O  O   . MET A 1 98  ? -4.450  -15.471 -12.136 1.00 45.61  ? 137 MET A O   1 
ATOM   779  C  CB  . MET A 1 98  ? -6.790  -14.013 -13.217 1.00 47.66  ? 137 MET A CB  1 
ATOM   780  C  CG  . MET A 1 98  ? -7.931  -13.083 -12.887 1.00 48.24  ? 137 MET A CG  1 
ATOM   781  S  SD  . MET A 1 98  ? -9.564  -13.827 -13.150 1.00 48.12  ? 137 MET A SD  1 
ATOM   782  C  CE  . MET A 1 98  ? -9.641  -13.840 -14.943 1.00 52.52  ? 137 MET A CE  1 
ATOM   783  N  N   . LYS A 1 99  ? -3.391  -14.426 -13.818 1.00 47.56  ? 138 LYS A N   1 
ATOM   784  C  CA  . LYS A 1 99  ? -2.404  -15.517 -14.071 1.00 48.61  ? 138 LYS A CA  1 
ATOM   785  C  C   . LYS A 1 99  ? -1.305  -15.531 -12.998 1.00 51.58  ? 138 LYS A C   1 
ATOM   786  O  O   . LYS A 1 99  ? -0.677  -16.594 -12.809 1.00 53.76  ? 138 LYS A O   1 
ATOM   787  C  CB  . LYS A 1 99  ? -1.849  -15.461 -15.503 1.00 49.99  ? 138 LYS A CB  1 
ATOM   788  C  CG  . LYS A 1 99  ? -0.921  -14.304 -15.852 1.00 54.01  ? 138 LYS A CG  1 
ATOM   789  C  CD  . LYS A 1 99  ? -0.162  -14.540 -17.161 1.00 65.46  ? 138 LYS A CD  1 
ATOM   790  C  CE  . LYS A 1 99  ? 0.859   -13.471 -17.513 1.00 69.63  ? 138 LYS A CE  1 
ATOM   791  N  NZ  . LYS A 1 99  ? 0.417   -12.626 -18.650 1.00 74.91  ? 138 LYS A NZ  1 
ATOM   792  N  N   . ALA A 1 100 ? -1.077  -14.429 -12.281 1.00 48.97  ? 139 ALA A N   1 
ATOM   793  C  CA  . ALA A 1 100 ? -0.099  -14.379 -11.170 1.00 47.45  ? 139 ALA A CA  1 
ATOM   794  C  C   . ALA A 1 100 ? -0.478  -13.271 -10.198 1.00 43.97  ? 139 ALA A C   1 
ATOM   795  O  O   . ALA A 1 100 ? -1.255  -12.397 -10.552 1.00 44.72  ? 139 ALA A O   1 
ATOM   796  C  CB  . ALA A 1 100 ? 1.295   -14.175 -11.715 1.00 48.42  ? 139 ALA A CB  1 
ATOM   797  N  N   . PRO A 1 101 ? 0.010   -13.303 -8.938  1.00 43.43  ? 140 PRO A N   1 
ATOM   798  C  CA  . PRO A 1 101 ? -0.280  -12.232 -7.994  1.00 40.33  ? 140 PRO A CA  1 
ATOM   799  C  C   . PRO A 1 101 ? 0.073   -10.884 -8.630  1.00 39.86  ? 140 PRO A C   1 
ATOM   800  O  O   . PRO A 1 101 ? 1.093   -10.776 -9.260  1.00 37.12  ? 140 PRO A O   1 
ATOM   801  C  CB  . PRO A 1 101 ? 0.607   -12.554 -6.787  1.00 44.65  ? 140 PRO A CB  1 
ATOM   802  C  CG  . PRO A 1 101 ? 0.773   -14.057 -6.835  1.00 45.90  ? 140 PRO A CG  1 
ATOM   803  C  CD  . PRO A 1 101 ? 0.773   -14.400 -8.315  1.00 48.08  ? 140 PRO A CD  1 
ATOM   804  N  N   . VAL A 1 102 ? -0.802  -9.900  -8.500  1.00 38.00  ? 141 VAL A N   1 
ATOM   805  C  CA  . VAL A 1 102 ? -0.509  -8.501  -8.938  1.00 38.11  ? 141 VAL A CA  1 
ATOM   806  C  C   . VAL A 1 102 ? 0.420   -7.873  -7.893  1.00 37.89  ? 141 VAL A C   1 
ATOM   807  O  O   . VAL A 1 102 ? 0.028   -7.697  -6.719  1.00 34.88  ? 141 VAL A O   1 
ATOM   808  C  CB  . VAL A 1 102 ? -1.787  -7.690  -9.163  1.00 38.48  ? 141 VAL A CB  1 
ATOM   809  C  CG1 . VAL A 1 102 ? -1.489  -6.337  -9.775  1.00 35.74  ? 141 VAL A CG1 1 
ATOM   810  C  CG2 . VAL A 1 102 ? -2.791  -8.479  -9.992  1.00 37.58  ? 141 VAL A CG2 1 
ATOM   811  N  N   . SER A 1 103 ? 1.646   -7.589  -8.299  1.00 34.90  ? 142 SER A N   1 
ATOM   812  C  CA  . SER A 1 103 ? 2.733   -7.246  -7.359  1.00 35.97  ? 142 SER A CA  1 
ATOM   813  C  C   . SER A 1 103 ? 3.118   -5.775  -7.545  1.00 34.28  ? 142 SER A C   1 
ATOM   814  O  O   . SER A 1 103 ? 3.563   -5.406  -8.656  1.00 35.82  ? 142 SER A O   1 
ATOM   815  C  CB  . SER A 1 103 ? 3.865   -8.186  -7.564  1.00 37.17  ? 142 SER A CB  1 
ATOM   816  O  OG  . SER A 1 103 ? 4.947   -7.792  -6.762  1.00 41.16  ? 142 SER A OG  1 
ATOM   817  N  N   . PHE A 1 104 ? 2.933   -4.946  -6.508  1.00 31.30  ? 143 PHE A N   1 
ATOM   818  C  CA  . PHE A 1 104 ? 3.254   -3.491  -6.559  1.00 31.09  ? 143 PHE A CA  1 
ATOM   819  C  C   . PHE A 1 104 ? 4.716   -3.245  -6.137  1.00 36.09  ? 143 PHE A C   1 
ATOM   820  O  O   . PHE A 1 104 ? 4.988   -2.461  -5.223  1.00 34.58  ? 143 PHE A O   1 
ATOM   821  C  CB  . PHE A 1 104 ? 2.239   -2.732  -5.698  1.00 33.61  ? 143 PHE A CB  1 
ATOM   822  C  CG  . PHE A 1 104 ? 0.848   -2.778  -6.283  1.00 32.37  ? 143 PHE A CG  1 
ATOM   823  C  CD1 . PHE A 1 104 ? 0.391   -1.755  -7.094  1.00 32.02  ? 143 PHE A CD1 1 
ATOM   824  C  CD2 . PHE A 1 104 ? 0.014   -3.864  -6.048  1.00 35.24  ? 143 PHE A CD2 1 
ATOM   825  C  CE1 . PHE A 1 104 ? -0.881  -1.800  -7.639  1.00 35.10  ? 143 PHE A CE1 1 
ATOM   826  C  CE2 . PHE A 1 104 ? -1.257  -3.901  -6.599  1.00 35.00  ? 143 PHE A CE2 1 
ATOM   827  C  CZ  . PHE A 1 104 ? -1.702  -2.865  -7.381  1.00 35.15  ? 143 PHE A CZ  1 
ATOM   828  N  N   . SER A 1 105 ? 5.667   -3.868  -6.824  1.00 34.40  ? 144 SER A N   1 
ATOM   829  C  CA  . SER A 1 105 ? 7.092   -3.892  -6.409  1.00 34.28  ? 144 SER A CA  1 
ATOM   830  C  C   . SER A 1 105 ? 7.770   -2.567  -6.758  1.00 32.93  ? 144 SER A C   1 
ATOM   831  O  O   . SER A 1 105 ? 8.795   -2.281  -6.116  1.00 39.45  ? 144 SER A O   1 
ATOM   832  C  CB  . SER A 1 105 ? 7.807   -5.062  -7.008  1.00 34.24  ? 144 SER A CB  1 
ATOM   833  O  OG  . SER A 1 105 ? 7.713   -4.980  -8.402  1.00 38.03  ? 144 SER A OG  1 
ATOM   834  N  N   . LYS A 1 106 ? 7.200   -1.763  -7.660  1.00 34.15  ? 145 LYS A N   1 
ATOM   835  C  CA  . LYS A 1 106 ? 7.892   -0.556  -8.212  1.00 36.76  ? 145 LYS A CA  1 
ATOM   836  C  C   . LYS A 1 106 ? 7.352   0.747   -7.615  1.00 37.24  ? 145 LYS A C   1 
ATOM   837  O  O   . LYS A 1 106 ? 7.932   1.816   -7.885  1.00 36.07  ? 145 LYS A O   1 
ATOM   838  C  CB  . LYS A 1 106 ? 7.747   -0.540  -9.734  1.00 37.07  ? 145 LYS A CB  1 
ATOM   839  C  CG  . LYS A 1 106 ? 8.338   -1.753  -10.426 1.00 37.41  ? 145 LYS A CG  1 
ATOM   840  C  CD  . LYS A 1 106 ? 9.782   -1.955  -10.075 1.00 39.85  ? 145 LYS A CD  1 
ATOM   841  C  CE  . LYS A 1 106 ? 10.478  -2.874  -11.058 1.00 36.19  ? 145 LYS A CE  1 
ATOM   842  N  NZ  . LYS A 1 106 ? 11.922  -2.929  -10.715 1.00 41.28  ? 145 LYS A NZ  1 
ATOM   843  N  N   . VAL A 1 107 ? 6.301   0.696   -6.787  1.00 37.29  ? 146 VAL A N   1 
ATOM   844  C  CA  . VAL A 1 107 ? 5.824   1.940   -6.125  1.00 37.26  ? 146 VAL A CA  1 
ATOM   845  C  C   . VAL A 1 107 ? 6.913   2.398   -5.157  1.00 34.31  ? 146 VAL A C   1 
ATOM   846  O  O   . VAL A 1 107 ? 7.444   1.567   -4.408  1.00 32.49  ? 146 VAL A O   1 
ATOM   847  C  CB  . VAL A 1 107 ? 4.455   1.794   -5.425  1.00 34.16  ? 146 VAL A CB  1 
ATOM   848  C  CG1 . VAL A 1 107 ? 4.496   0.830   -4.247  1.00 37.25  ? 146 VAL A CG1 1 
ATOM   849  C  CG2 . VAL A 1 107 ? 3.943   3.166   -5.004  1.00 35.09  ? 146 VAL A CG2 1 
ATOM   850  N  N   . LYS A 1 108 ? 7.151   3.701   -5.128  1.00 35.46  ? 147 LYS A N   1 
ATOM   851  C  CA  . LYS A 1 108 ? 8.124   4.358   -4.227  1.00 39.07  ? 147 LYS A CA  1 
ATOM   852  C  C   . LYS A 1 108 ? 7.388   5.357   -3.351  1.00 37.93  ? 147 LYS A C   1 
ATOM   853  O  O   . LYS A 1 108 ? 6.644   6.159   -3.890  1.00 36.59  ? 147 LYS A O   1 
ATOM   854  C  CB  . LYS A 1 108 ? 9.166   5.108   -5.047  1.00 42.15  ? 147 LYS A CB  1 
ATOM   855  C  CG  . LYS A 1 108 ? 10.140  4.188   -5.756  1.00 50.51  ? 147 LYS A CG  1 
ATOM   856  C  CD  . LYS A 1 108 ? 10.909  4.861   -6.855  1.00 56.64  ? 147 LYS A CD  1 
ATOM   857  C  CE  . LYS A 1 108 ? 12.394  4.884   -6.595  1.00 60.21  ? 147 LYS A CE  1 
ATOM   858  N  NZ  . LYS A 1 108 ? 13.134  5.157   -7.846  1.00 60.75  ? 147 LYS A NZ  1 
ATOM   859  N  N   . LEU A 1 109 ? 7.627   5.293   -2.049  1.00 40.25  ? 148 LEU A N   1 
ATOM   860  C  CA  . LEU A 1 109 ? 6.969   6.164   -1.040  1.00 38.26  ? 148 LEU A CA  1 
ATOM   861  C  C   . LEU A 1 109 ? 7.912   7.324   -0.728  1.00 42.27  ? 148 LEU A C   1 
ATOM   862  O  O   . LEU A 1 109 ? 9.069   7.051   -0.360  1.00 40.39  ? 148 LEU A O   1 
ATOM   863  C  CB  . LEU A 1 109 ? 6.687   5.314   0.194   1.00 35.82  ? 148 LEU A CB  1 
ATOM   864  C  CG  . LEU A 1 109 ? 5.847   4.059   -0.063  1.00 35.14  ? 148 LEU A CG  1 
ATOM   865  C  CD1 . LEU A 1 109 ? 5.487   3.350   1.236   1.00 33.74  ? 148 LEU A CD1 1 
ATOM   866  C  CD2 . LEU A 1 109 ? 4.612   4.426   -0.883  1.00 38.65  ? 148 LEU A CD2 1 
ATOM   867  N  N   . THR A 1 110 ? 7.446   8.562   -0.876  1.00 39.00  ? 149 THR A N   1 
ATOM   868  C  CA  . THR A 1 110 ? 8.282   9.756   -0.612  1.00 43.07  ? 149 THR A CA  1 
ATOM   869  C  C   . THR A 1 110 ? 7.635   10.601  0.483   1.00 43.98  ? 149 THR A C   1 
ATOM   870  O  O   . THR A 1 110 ? 6.428   10.371  0.800   1.00 43.74  ? 149 THR A O   1 
ATOM   871  C  CB  . THR A 1 110 ? 8.576   10.561  -1.893  1.00 42.20  ? 149 THR A CB  1 
ATOM   872  O  OG1 . THR A 1 110 ? 9.403   11.665  -1.528  1.00 46.34  ? 149 THR A OG1 1 
ATOM   873  C  CG2 . THR A 1 110 ? 7.370   11.108  -2.620  1.00 39.86  ? 149 THR A CG2 1 
ATOM   874  N  N   . ASN A 1 111 ? 8.406   11.570  0.990   1.00 44.27  ? 150 ASN A N   1 
ATOM   875  C  CA  . ASN A 1 111 ? 7.913   12.687  1.844   1.00 50.65  ? 150 ASN A CA  1 
ATOM   876  C  C   . ASN A 1 111 ? 7.947   14.023  1.085   1.00 54.94  ? 150 ASN A C   1 
ATOM   877  O  O   . ASN A 1 111 ? 7.740   15.035  1.741   1.00 58.88  ? 150 ASN A O   1 
ATOM   878  C  CB  . ASN A 1 111 ? 8.667   12.775  3.181   1.00 53.75  ? 150 ASN A CB  1 
ATOM   879  C  CG  . ASN A 1 111 ? 10.183  12.703  3.080   1.00 49.10  ? 150 ASN A CG  1 
ATOM   880  O  OD1 . ASN A 1 111 ? 10.849  12.549  4.095   1.00 62.31  ? 150 ASN A OD1 1 
ATOM   881  N  ND2 . ASN A 1 111 ? 10.739  12.807  1.889   1.00 48.95  ? 150 ASN A ND2 1 
ATOM   882  N  N   . LYS A 1 112 ? 8.144   14.054  -0.240  1.00 62.22  ? 151 LYS A N   1 
ATOM   883  C  CA  . LYS A 1 112 ? 8.296   15.334  -0.997  1.00 69.67  ? 151 LYS A CA  1 
ATOM   884  C  C   . LYS A 1 112 ? 7.574   15.243  -2.346  1.00 74.17  ? 151 LYS A C   1 
ATOM   885  O  O   . LYS A 1 112 ? 7.818   14.263  -3.074  1.00 74.39  ? 151 LYS A O   1 
ATOM   886  C  CB  . LYS A 1 112 ? 9.780   15.666  -1.217  1.00 78.32  ? 151 LYS A CB  1 
ATOM   887  C  CG  . LYS A 1 112 ? 10.664  15.671  0.031   1.00 81.65  ? 151 LYS A CG  1 
ATOM   888  C  CD  . LYS A 1 112 ? 10.894  17.040  0.662   1.00 85.74  ? 151 LYS A CD  1 
ATOM   889  C  CE  . LYS A 1 112 ? 11.871  16.997  1.821   1.00 85.40  ? 151 LYS A CE  1 
ATOM   890  N  NZ  . LYS A 1 112 ? 11.817  18.241  2.625   1.00 85.68  ? 151 LYS A NZ  1 
ATOM   891  N  N   . LEU A 1 113 ? 6.728   16.230  -2.669  1.00 82.89  ? 152 LEU A N   1 
ATOM   892  C  CA  . LEU A 1 113 ? 6.094   16.361  -4.013  1.00 85.43  ? 152 LEU A CA  1 
ATOM   893  C  C   . LEU A 1 113 ? 7.209   16.280  -5.067  1.00 93.34  ? 152 LEU A C   1 
ATOM   894  O  O   . LEU A 1 113 ? 8.214   17.008  -4.930  1.00 94.03  ? 152 LEU A O   1 
ATOM   895  C  CB  . LEU A 1 113 ? 5.237   17.634  -4.139  1.00 84.96  ? 152 LEU A CB  1 
ATOM   896  C  CG  . LEU A 1 113 ? 5.652   18.924  -3.411  1.00 85.21  ? 152 LEU A CG  1 
ATOM   897  C  CD1 . LEU A 1 113 ? 5.127   18.974  -1.980  1.00 83.87  ? 152 LEU A CD1 1 
ATOM   898  C  CD2 . LEU A 1 113 ? 7.155   19.184  -3.450  1.00 88.35  ? 152 LEU A CD2 1 
ATOM   899  N  N   . ASN A 1 114 ? 7.073   15.370  -6.035  1.00 101.54 ? 153 ASN A N   1 
ATOM   900  C  CA  . ASN A 1 114 ? 8.200   14.895  -6.884  1.00 108.66 ? 153 ASN A CA  1 
ATOM   901  C  C   . ASN A 1 114 ? 7.725   14.644  -8.322  1.00 106.78 ? 153 ASN A C   1 
ATOM   902  O  O   . ASN A 1 114 ? 6.500   14.481  -8.522  1.00 111.78 ? 153 ASN A O   1 
ATOM   903  C  CB  . ASN A 1 114 ? 8.843   13.634  -6.296  1.00 111.68 ? 153 ASN A CB  1 
ATOM   904  C  CG  . ASN A 1 114 ? 9.705   13.897  -5.075  1.00 111.63 ? 153 ASN A CG  1 
ATOM   905  O  OD1 . ASN A 1 114 ? 10.353  14.939  -4.963  1.00 107.79 ? 153 ASN A OD1 1 
ATOM   906  N  ND2 . ASN A 1 114 ? 9.721   12.948  -4.153  1.00 107.56 ? 153 ASN A ND2 1 
ATOM   907  N  N   . GLY A 1 115 ? 8.684   14.596  -9.261  1.00 104.43 ? 154 GLY A N   1 
ATOM   908  C  CA  . GLY A 1 115 ? 8.484   14.443  -10.720 1.00 102.98 ? 154 GLY A CA  1 
ATOM   909  C  C   . GLY A 1 115 ? 7.197   13.709  -11.057 1.00 96.07  ? 154 GLY A C   1 
ATOM   910  O  O   . GLY A 1 115 ? 6.271   14.336  -11.593 1.00 87.70  ? 154 GLY A O   1 
ATOM   911  N  N   . GLY A 1 116 ? 7.129   12.420  -10.740 1.00 94.21  ? 155 GLY A N   1 
ATOM   912  C  CA  . GLY A 1 116 ? 5.917   11.608  -10.947 1.00 89.01  ? 155 GLY A CA  1 
ATOM   913  C  C   . GLY A 1 116 ? 6.176   10.170  -10.574 1.00 82.73  ? 155 GLY A C   1 
ATOM   914  O  O   . GLY A 1 116 ? 7.342   9.816   -10.350 1.00 83.34  ? 155 GLY A O   1 
ATOM   915  N  N   . GLY A 1 117 ? 5.130   9.360   -10.519 1.00 83.26  ? 156 GLY A N   1 
ATOM   916  C  CA  . GLY A 1 117 ? 5.245   7.959   -10.089 1.00 81.37  ? 156 GLY A CA  1 
ATOM   917  C  C   . GLY A 1 117 ? 5.244   7.891   -8.579  1.00 71.02  ? 156 GLY A C   1 
ATOM   918  O  O   . GLY A 1 117 ? 4.259   7.377   -8.045  1.00 78.74  ? 156 GLY A O   1 
ATOM   919  N  N   . GLN A 1 118 ? 6.276   8.436   -7.919  1.00 64.62  ? 157 GLN A N   1 
ATOM   920  C  CA  . GLN A 1 118 ? 6.410   8.399   -6.434  1.00 61.23  ? 157 GLN A CA  1 
ATOM   921  C  C   . GLN A 1 118 ? 5.098   8.856   -5.798  1.00 51.50  ? 157 GLN A C   1 
ATOM   922  O  O   . GLN A 1 118 ? 4.479   9.784   -6.305  1.00 48.57  ? 157 GLN A O   1 
ATOM   923  C  CB  . GLN A 1 118 ? 7.493   9.317   -5.866  1.00 61.47  ? 157 GLN A CB  1 
ATOM   924  C  CG  . GLN A 1 118 ? 8.909   8.913   -6.209  1.00 63.92  ? 157 GLN A CG  1 
ATOM   925  C  CD  . GLN A 1 118 ? 9.572   9.993   -7.025  1.00 70.05  ? 157 GLN A CD  1 
ATOM   926  O  OE1 . GLN A 1 118 ? 10.651  10.468  -6.685  1.00 75.15  ? 157 GLN A OE1 1 
ATOM   927  N  NE2 . GLN A 1 118 ? 8.917   10.411  -8.096  1.00 66.76  ? 157 GLN A NE2 1 
ATOM   928  N  N   . ILE A 1 119 ? 4.717   8.213   -4.704  1.00 45.71  ? 158 ILE A N   1 
ATOM   929  C  CA  . ILE A 1 119 ? 3.520   8.582   -3.908  1.00 43.05  ? 158 ILE A CA  1 
ATOM   930  C  C   . ILE A 1 119 ? 4.022   9.289   -2.649  1.00 41.21  ? 158 ILE A C   1 
ATOM   931  O  O   . ILE A 1 119 ? 4.788   8.675   -1.904  1.00 39.92  ? 158 ILE A O   1 
ATOM   932  C  CB  . ILE A 1 119 ? 2.699   7.323   -3.597  1.00 44.36  ? 158 ILE A CB  1 
ATOM   933  C  CG1 . ILE A 1 119 ? 2.179   6.686   -4.890  1.00 44.46  ? 158 ILE A CG1 1 
ATOM   934  C  CG2 . ILE A 1 119 ? 1.606   7.615   -2.587  1.00 43.66  ? 158 ILE A CG2 1 
ATOM   935  C  CD1 . ILE A 1 119 ? 1.501   7.663   -5.838  1.00 47.39  ? 158 ILE A CD1 1 
ATOM   936  N  N   . MET A 1 120 ? 3.589   10.533  -2.457  1.00 44.70  ? 159 MET A N   1 
ATOM   937  C  CA  . MET A 1 120 ? 3.925   11.349  -1.268  1.00 46.97  ? 159 MET A CA  1 
ATOM   938  C  C   . MET A 1 120 ? 3.029   10.936  -0.103  1.00 41.76  ? 159 MET A C   1 
ATOM   939  O  O   . MET A 1 120 ? 1.797   10.962  -0.230  1.00 42.46  ? 159 MET A O   1 
ATOM   940  C  CB  . MET A 1 120 ? 3.744   12.840  -1.539  1.00 54.58  ? 159 MET A CB  1 
ATOM   941  C  CG  . MET A 1 120 ? 4.361   13.718  -0.459  1.00 61.72  ? 159 MET A CG  1 
ATOM   942  S  SD  . MET A 1 120 ? 4.078   15.455  -0.830  1.00 74.29  ? 159 MET A SD  1 
ATOM   943  C  CE  . MET A 1 120 ? 2.369   15.607  -0.298  1.00 76.98  ? 159 MET A CE  1 
ATOM   944  N  N   . LEU A 1 121 ? 3.647   10.539  0.996   1.00 37.60  ? 160 LEU A N   1 
ATOM   945  C  CA  . LEU A 1 121 ? 2.958   10.289  2.272   1.00 37.82  ? 160 LEU A CA  1 
ATOM   946  C  C   . LEU A 1 121 ? 3.484   11.302  3.285   1.00 43.95  ? 160 LEU A C   1 
ATOM   947  O  O   . LEU A 1 121 ? 4.619   11.765  3.099   1.00 45.27  ? 160 LEU A O   1 
ATOM   948  C  CB  . LEU A 1 121 ? 3.243   8.852   2.711   1.00 38.52  ? 160 LEU A CB  1 
ATOM   949  C  CG  . LEU A 1 121 ? 2.833   7.750   1.743   1.00 35.46  ? 160 LEU A CG  1 
ATOM   950  C  CD1 . LEU A 1 121 ? 3.193   6.390   2.309   1.00 33.81  ? 160 LEU A CD1 1 
ATOM   951  C  CD2 . LEU A 1 121 ? 1.336   7.799   1.441   1.00 39.05  ? 160 LEU A CD2 1 
ATOM   952  N  N   . ASN A 1 122 ? 2.699   11.583  4.327   1.00 45.98  ? 161 ASN A N   1 
ATOM   953  C  CA  . ASN A 1 122 ? 3.126   12.376  5.508   1.00 47.37  ? 161 ASN A CA  1 
ATOM   954  C  C   . ASN A 1 122 ? 3.859   11.450  6.473   1.00 50.35  ? 161 ASN A C   1 
ATOM   955  O  O   . ASN A 1 122 ? 3.262   10.432  6.947   1.00 41.48  ? 161 ASN A O   1 
ATOM   956  C  CB  . ASN A 1 122 ? 1.955   13.033  6.237   1.00 51.05  ? 161 ASN A CB  1 
ATOM   957  C  CG  . ASN A 1 122 ? 1.244   14.061  5.394   1.00 51.39  ? 161 ASN A CG  1 
ATOM   958  O  OD1 . ASN A 1 122 ? 1.896   14.887  4.766   1.00 54.37  ? 161 ASN A OD1 1 
ATOM   959  N  ND2 . ASN A 1 122 ? -0.082  14.007  5.368   1.00 58.98  ? 161 ASN A ND2 1 
ATOM   960  N  N   . SER A 1 123 ? 5.096   11.795  6.806   1.00 42.25  ? 162 SER A N   1 
ATOM   961  C  CA  . SER A 1 123 ? 5.870   11.016  7.793   1.00 47.23  ? 162 SER A CA  1 
ATOM   962  C  C   . SER A 1 123 ? 5.113   10.965  9.127   1.00 41.17  ? 162 SER A C   1 
ATOM   963  O  O   . SER A 1 123 ? 4.430   11.943  9.456   1.00 40.20  ? 162 SER A O   1 
ATOM   964  C  CB  . SER A 1 123 ? 7.250   11.578  7.956   1.00 49.93  ? 162 SER A CB  1 
ATOM   965  O  OG  . SER A 1 123 ? 8.067   10.577  8.520   1.00 57.17  ? 162 SER A OG  1 
ATOM   966  N  N   . LEU A 1 124 ? 5.260   9.862   9.866   1.00 40.05  ? 163 LEU A N   1 
ATOM   967  C  CA  . LEU A 1 124 ? 4.657   9.598   11.202  1.00 39.13  ? 163 LEU A CA  1 
ATOM   968  C  C   . LEU A 1 124 ? 3.116   9.593   11.153  1.00 39.46  ? 163 LEU A C   1 
ATOM   969  O  O   . LEU A 1 124 ? 2.488   9.757   12.232  1.00 36.89  ? 163 LEU A O   1 
ATOM   970  C  CB  . LEU A 1 124 ? 5.190   10.630  12.200  1.00 45.80  ? 163 LEU A CB  1 
ATOM   971  C  CG  . LEU A 1 124 ? 6.716   10.656  12.364  1.00 46.77  ? 163 LEU A CG  1 
ATOM   972  C  CD1 . LEU A 1 124 ? 7.122   11.529  13.540  1.00 49.02  ? 163 LEU A CD1 1 
ATOM   973  C  CD2 . LEU A 1 124 ? 7.273   9.257   12.549  1.00 43.54  ? 163 LEU A CD2 1 
ATOM   974  N  N   . HIS A 1 125 ? 2.525   9.383   9.973   1.00 37.54  ? 164 HIS A N   1 
ATOM   975  C  CA  . HIS A 1 125 ? 1.086   9.048   9.798   1.00 38.14  ? 164 HIS A CA  1 
ATOM   976  C  C   . HIS A 1 125 ? 0.967   7.551   9.494   1.00 39.28  ? 164 HIS A C   1 
ATOM   977  O  O   . HIS A 1 125 ? 1.891   6.934   8.855   1.00 31.12  ? 164 HIS A O   1 
ATOM   978  C  CB  . HIS A 1 125 ? 0.430   9.975   8.771   1.00 40.54  ? 164 HIS A CB  1 
ATOM   979  C  CG  . HIS A 1 125 ? 0.321   11.355  9.317   1.00 49.05  ? 164 HIS A CG  1 
ATOM   980  N  ND1 . HIS A 1 125 ? 1.445   12.103  9.632   1.00 56.18  ? 164 HIS A ND1 1 
ATOM   981  C  CD2 . HIS A 1 125 ? -0.744  12.080  9.719   1.00 49.48  ? 164 HIS A CD2 1 
ATOM   982  C  CE1 . HIS A 1 125 ? 1.069   13.262  10.154  1.00 56.42  ? 164 HIS A CE1 1 
ATOM   983  N  NE2 . HIS A 1 125 ? -0.269  13.278  10.204  1.00 53.17  ? 164 HIS A NE2 1 
ATOM   984  N  N   . LYS A 1 126 ? -0.140  6.993   9.951   1.00 32.24  ? 165 LYS A N   1 
ATOM   985  C  CA  . LYS A 1 126 ? -0.468  5.569   9.804   1.00 34.22  ? 165 LYS A CA  1 
ATOM   986  C  C   . LYS A 1 126 ? -1.337  5.427   8.545   1.00 36.18  ? 165 LYS A C   1 
ATOM   987  O  O   . LYS A 1 126 ? -2.323  6.208   8.386   1.00 33.15  ? 165 LYS A O   1 
ATOM   988  C  CB  . LYS A 1 126 ? -1.125  5.099   11.088  1.00 35.34  ? 165 LYS A CB  1 
ATOM   989  C  CG  . LYS A 1 126 ? -1.508  3.632   11.081  1.00 42.85  ? 165 LYS A CG  1 
ATOM   990  C  CD  . LYS A 1 126 ? -2.015  3.159   12.400  1.00 43.55  ? 165 LYS A CD  1 
ATOM   991  C  CE  . LYS A 1 126 ? -0.896  2.826   13.360  1.00 45.57  ? 165 LYS A CE  1 
ATOM   992  N  NZ  . LYS A 1 126 ? -1.409  2.023   14.496  1.00 43.39  ? 165 LYS A NZ  1 
ATOM   993  N  N   . TYR A 1 127 ? -1.027  4.440   7.712   1.00 30.15  ? 166 TYR A N   1 
ATOM   994  C  CA  . TYR A 1 127 ? -1.626  4.309   6.356   1.00 29.59  ? 166 TYR A CA  1 
ATOM   995  C  C   . TYR A 1 127 ? -2.147  2.897   6.197   1.00 30.07  ? 166 TYR A C   1 
ATOM   996  O  O   . TYR A 1 127 ? -1.539  1.977   6.754   1.00 29.57  ? 166 TYR A O   1 
ATOM   997  C  CB  . TYR A 1 127 ? -0.636  4.704   5.252   1.00 30.93  ? 166 TYR A CB  1 
ATOM   998  C  CG  . TYR A 1 127 ? -0.407  6.191   5.152   1.00 31.45  ? 166 TYR A CG  1 
ATOM   999  C  CD1 . TYR A 1 127 ? -1.320  7.049   4.563   1.00 30.68  ? 166 TYR A CD1 1 
ATOM   1000 C  CD2 . TYR A 1 127 ? 0.719   6.747   5.712   1.00 34.77  ? 166 TYR A CD2 1 
ATOM   1001 C  CE1 . TYR A 1 127 ? -1.097  8.419   4.498   1.00 33.90  ? 166 TYR A CE1 1 
ATOM   1002 C  CE2 . TYR A 1 127 ? 0.952   8.106   5.664   1.00 33.64  ? 166 TYR A CE2 1 
ATOM   1003 C  CZ  . TYR A 1 127 ? 0.044   8.946   5.078   1.00 36.50  ? 166 TYR A CZ  1 
ATOM   1004 O  OH  . TYR A 1 127 ? 0.373   10.272  5.069   1.00 44.44  ? 166 TYR A OH  1 
ATOM   1005 N  N   . GLU A 1 128 ? -3.256  2.786   5.454   1.00 30.58  ? 167 GLU A N   1 
ATOM   1006 C  CA  . GLU A 1 128 ? -3.877  1.503   5.063   1.00 31.71  ? 167 GLU A CA  1 
ATOM   1007 C  C   . GLU A 1 128 ? -3.855  1.432   3.544   1.00 30.74  ? 167 GLU A C   1 
ATOM   1008 O  O   . GLU A 1 128 ? -4.605  2.135   2.882   1.00 31.50  ? 167 GLU A O   1 
ATOM   1009 C  CB  . GLU A 1 128 ? -5.334  1.394   5.540   1.00 29.87  ? 167 GLU A CB  1 
ATOM   1010 C  CG  . GLU A 1 128 ? -5.882  0.006   5.339   1.00 30.75  ? 167 GLU A CG  1 
ATOM   1011 C  CD  . GLU A 1 128 ? -7.127  -0.229  6.175   1.00 29.98  ? 167 GLU A CD  1 
ATOM   1012 O  OE1 . GLU A 1 128 ? -8.178  0.249   5.719   1.00 31.79  ? 167 GLU A OE1 1 
ATOM   1013 O  OE2 . GLU A 1 128 ? -6.996  -0.818  7.259   1.00 27.79  ? 167 GLU A OE2 1 
ATOM   1014 N  N   . PRO A 1 129 ? -2.967  0.615   2.947   1.00 28.72  ? 168 PRO A N   1 
ATOM   1015 C  CA  . PRO A 1 129 ? -3.021  0.405   1.508   1.00 30.02  ? 168 PRO A CA  1 
ATOM   1016 C  C   . PRO A 1 129 ? -4.426  -0.030  1.023   1.00 27.88  ? 168 PRO A C   1 
ATOM   1017 O  O   . PRO A 1 129 ? -5.105  -0.806  1.682   1.00 29.43  ? 168 PRO A O   1 
ATOM   1018 C  CB  . PRO A 1 129 ? -2.032  -0.732  1.265   1.00 28.44  ? 168 PRO A CB  1 
ATOM   1019 C  CG  . PRO A 1 129 ? -1.029  -0.542  2.435   1.00 29.52  ? 168 PRO A CG  1 
ATOM   1020 C  CD  . PRO A 1 129 ? -1.893  -0.133  3.619   1.00 29.83  ? 168 PRO A CD  1 
ATOM   1021 N  N   . ARG A 1 130 ? -4.755  0.433   -0.173  1.00 28.30  ? 169 ARG A N   1 
ATOM   1022 C  CA  . ARG A 1 130 ? -6.070  0.208   -0.807  1.00 31.05  ? 169 ARG A CA  1 
ATOM   1023 C  C   . ARG A 1 130 ? -5.868  0.096   -2.321  1.00 30.68  ? 169 ARG A C   1 
ATOM   1024 O  O   . ARG A 1 130 ? -5.144  0.907   -2.897  1.00 30.79  ? 169 ARG A O   1 
ATOM   1025 C  CB  . ARG A 1 130 ? -7.002  1.358   -0.407  1.00 32.44  ? 169 ARG A CB  1 
ATOM   1026 C  CG  . ARG A 1 130 ? -8.396  1.270   -1.020  1.00 32.92  ? 169 ARG A CG  1 
ATOM   1027 C  CD  . ARG A 1 130 ? -9.217  2.396   -0.437  1.00 31.39  ? 169 ARG A CD  1 
ATOM   1028 N  NE  . ARG A 1 130 ? -8.819  3.624   -1.072  1.00 30.18  ? 169 ARG A NE  1 
ATOM   1029 C  CZ  . ARG A 1 130 ? -9.422  4.771   -0.911  1.00 31.64  ? 169 ARG A CZ  1 
ATOM   1030 N  NH1 . ARG A 1 130 ? -10.446 4.857   -0.074  1.00 33.90  ? 169 ARG A NH1 1 
ATOM   1031 N  NH2 . ARG A 1 130 ? -9.003  5.820   -1.584  1.00 29.71  ? 169 ARG A NH2 1 
ATOM   1032 N  N   . ILE A 1 131 ? -6.512  -0.874  -2.954  1.00 29.64  ? 170 ILE A N   1 
ATOM   1033 C  CA  . ILE A 1 131 ? -6.465  -0.912  -4.431  1.00 31.72  ? 170 ILE A CA  1 
ATOM   1034 C  C   . ILE A 1 131 ? -7.851  -0.586  -4.989  1.00 35.62  ? 170 ILE A C   1 
ATOM   1035 O  O   . ILE A 1 131 ? -8.862  -0.698  -4.261  1.00 31.23  ? 170 ILE A O   1 
ATOM   1036 C  CB  . ILE A 1 131 ? -5.922  -2.255  -4.939  1.00 33.73  ? 170 ILE A CB  1 
ATOM   1037 C  CG1 . ILE A 1 131 ? -6.811  -3.397  -4.470  1.00 36.41  ? 170 ILE A CG1 1 
ATOM   1038 C  CG2 . ILE A 1 131 ? -4.471  -2.447  -4.544  1.00 32.01  ? 170 ILE A CG2 1 
ATOM   1039 C  CD1 . ILE A 1 131 ? -6.717  -4.627  -5.309  1.00 41.12  ? 170 ILE A CD1 1 
ATOM   1040 N  N   . HIS A 1 132 ? -7.851  -0.147  -6.235  1.00 34.35  ? 171 HIS A N   1 
ATOM   1041 C  CA  . HIS A 1 132 ? -9.038  0.013   -7.091  1.00 33.79  ? 171 HIS A CA  1 
ATOM   1042 C  C   . HIS A 1 132 ? -8.789  -0.778  -8.368  1.00 35.04  ? 171 HIS A C   1 
ATOM   1043 O  O   . HIS A 1 132 ? -7.705  -0.578  -8.999  1.00 34.51  ? 171 HIS A O   1 
ATOM   1044 C  CB  . HIS A 1 132 ? -9.253  1.470   -7.424  1.00 32.77  ? 171 HIS A CB  1 
ATOM   1045 C  CG  . HIS A 1 132 ? -9.164  2.367   -6.248  1.00 39.77  ? 171 HIS A CG  1 
ATOM   1046 N  ND1 . HIS A 1 132 ? -10.190 2.452   -5.311  1.00 38.45  ? 171 HIS A ND1 1 
ATOM   1047 C  CD2 . HIS A 1 132 ? -8.218  3.260   -5.877  1.00 38.15  ? 171 HIS A CD2 1 
ATOM   1048 C  CE1 . HIS A 1 132 ? -9.845  3.337   -4.393  1.00 36.03  ? 171 HIS A CE1 1 
ATOM   1049 N  NE2 . HIS A 1 132 ? -8.631  3.841   -4.715  1.00 38.23  ? 171 HIS A NE2 1 
ATOM   1050 N  N   . ILE A 1 133 ? -9.715  -1.666  -8.697  1.00 35.81  ? 172 ILE A N   1 
ATOM   1051 C  CA  . ILE A 1 133 ? -9.729  -2.383  -10.003 1.00 36.25  ? 172 ILE A CA  1 
ATOM   1052 C  C   . ILE A 1 133 ? -10.767 -1.700  -10.871 1.00 40.01  ? 172 ILE A C   1 
ATOM   1053 O  O   . ILE A 1 133 ? -11.980 -1.694  -10.492 1.00 36.40  ? 172 ILE A O   1 
ATOM   1054 C  CB  . ILE A 1 133 ? -10.004 -3.880  -9.834  1.00 37.47  ? 172 ILE A CB  1 
ATOM   1055 C  CG1 . ILE A 1 133 ? -9.042  -4.482  -8.828  1.00 36.34  ? 172 ILE A CG1 1 
ATOM   1056 C  CG2 . ILE A 1 133 ? -9.933  -4.571  -11.186 1.00 37.61  ? 172 ILE A CG2 1 
ATOM   1057 C  CD1 . ILE A 1 133 ? -9.365  -5.901  -8.426  1.00 38.24  ? 172 ILE A CD1 1 
ATOM   1058 N  N   . VAL A 1 134 ? -10.274 -1.031  -11.915 1.00 40.18  ? 173 VAL A N   1 
ATOM   1059 C  CA  . VAL A 1 134 ? -11.070 -0.133  -12.795 1.00 36.62  ? 173 VAL A CA  1 
ATOM   1060 C  C   . VAL A 1 134 ? -11.232 -0.847  -14.145 1.00 41.61  ? 173 VAL A C   1 
ATOM   1061 O  O   . VAL A 1 134 ? -10.195 -1.101  -14.821 1.00 40.41  ? 173 VAL A O   1 
ATOM   1062 C  CB  . VAL A 1 134 ? -10.403 1.239   -12.951 1.00 36.61  ? 173 VAL A CB  1 
ATOM   1063 C  CG1 . VAL A 1 134 ? -11.296 2.193   -13.736 1.00 39.22  ? 173 VAL A CG1 1 
ATOM   1064 C  CG2 . VAL A 1 134 ? -10.031 1.850   -11.590 1.00 39.56  ? 173 VAL A CG2 1 
ATOM   1065 N  N   . ARG A 1 135 ? -12.463 -1.220  -14.477 1.00 43.12  ? 174 ARG A N   1 
ATOM   1066 C  CA  . ARG A 1 135 ? -12.819 -1.745  -15.820 1.00 48.88  ? 174 ARG A CA  1 
ATOM   1067 C  C   . ARG A 1 135 ? -12.775 -0.569  -16.782 1.00 48.47  ? 174 ARG A C   1 
ATOM   1068 O  O   . ARG A 1 135 ? -13.565 0.377   -16.592 1.00 53.89  ? 174 ARG A O   1 
ATOM   1069 C  CB  . ARG A 1 135 ? -14.194 -2.414  -15.824 1.00 56.53  ? 174 ARG A CB  1 
ATOM   1070 C  CG  . ARG A 1 135 ? -14.429 -3.285  -17.046 1.00 57.46  ? 174 ARG A CG  1 
ATOM   1071 C  CD  . ARG A 1 135 ? -15.651 -4.149  -16.874 1.00 64.29  ? 174 ARG A CD  1 
ATOM   1072 N  NE  . ARG A 1 135 ? -15.978 -4.796  -18.137 1.00 71.15  ? 174 ARG A NE  1 
ATOM   1073 C  CZ  . ARG A 1 135 ? -16.812 -5.824  -18.270 1.00 72.69  ? 174 ARG A CZ  1 
ATOM   1074 N  NH1 . ARG A 1 135 ? -17.424 -6.345  -17.220 1.00 73.37  ? 174 ARG A NH1 1 
ATOM   1075 N  NH2 . ARG A 1 135 ? -17.021 -6.346  -19.461 1.00 76.94  ? 174 ARG A NH2 1 
ATOM   1076 N  N   . VAL A 1 136 ? -11.886 -0.658  -17.772 1.00 51.80  ? 175 VAL A N   1 
ATOM   1077 C  CA  . VAL A 1 136 ? -11.578 0.443   -18.726 1.00 52.89  ? 175 VAL A CA  1 
ATOM   1078 C  C   . VAL A 1 136 ? -11.948 -0.009  -20.151 1.00 65.30  ? 175 VAL A C   1 
ATOM   1079 O  O   . VAL A 1 136 ? -12.073 -1.239  -20.400 1.00 59.01  ? 175 VAL A O   1 
ATOM   1080 C  CB  . VAL A 1 136 ? -10.092 0.842   -18.608 1.00 52.39  ? 175 VAL A CB  1 
ATOM   1081 C  CG1 . VAL A 1 136 ? -9.765  1.476   -17.257 1.00 55.85  ? 175 VAL A CG1 1 
ATOM   1082 C  CG2 . VAL A 1 136 ? -9.146  -0.323  -18.873 1.00 53.78  ? 175 VAL A CG2 1 
ATOM   1083 N  N   . GLY A 1 137 ? -12.110 0.941   -21.072 1.00 71.44  ? 176 GLY A N   1 
ATOM   1084 C  CA  . GLY A 1 137 ? -12.365 0.656   -22.498 1.00 82.21  ? 176 GLY A CA  1 
ATOM   1085 C  C   . GLY A 1 137 ? -13.783 0.167   -22.738 1.00 89.90  ? 176 GLY A C   1 
ATOM   1086 O  O   . GLY A 1 137 ? -14.395 0.606   -23.744 1.00 91.41  ? 176 GLY A O   1 
ATOM   1087 N  N   . GLY A 1 138 ? -14.277 -0.713  -21.854 1.00 89.64  ? 177 GLY A N   1 
ATOM   1088 C  CA  . GLY A 1 138 ? -15.620 -1.318  -21.904 1.00 90.34  ? 177 GLY A CA  1 
ATOM   1089 C  C   . GLY A 1 138 ? -16.718 -0.265  -22.034 1.00 93.96  ? 177 GLY A C   1 
ATOM   1090 O  O   . GLY A 1 138 ? -16.476 0.936   -21.888 1.00 78.31  ? 177 GLY A O   1 
ATOM   1091 N  N   . PRO A 1 139 ? -17.966 -0.688  -22.320 1.00 100.09 ? 178 PRO A N   1 
ATOM   1092 C  CA  . PRO A 1 139 ? -19.073 0.261   -22.412 1.00 99.10  ? 178 PRO A CA  1 
ATOM   1093 C  C   . PRO A 1 139 ? -19.262 0.910   -21.034 1.00 96.54  ? 178 PRO A C   1 
ATOM   1094 O  O   . PRO A 1 139 ? -19.153 2.123   -20.939 1.00 81.75  ? 178 PRO A O   1 
ATOM   1095 C  CB  . PRO A 1 139 ? -20.286 -0.581  -22.851 1.00 101.77 ? 178 PRO A CB  1 
ATOM   1096 C  CG  . PRO A 1 139 ? -19.884 -2.044  -22.647 1.00 98.28  ? 178 PRO A CG  1 
ATOM   1097 C  CD  . PRO A 1 139 ? -18.373 -2.087  -22.529 1.00 97.00  ? 178 PRO A CD  1 
ATOM   1098 N  N   . GLN A 1 140 ? -19.470 0.058   -20.020 1.00 95.36  ? 179 GLN A N   1 
ATOM   1099 C  CA  . GLN A 1 140 ? -19.736 0.410   -18.601 1.00 96.18  ? 179 GLN A CA  1 
ATOM   1100 C  C   . GLN A 1 140 ? -18.398 0.471   -17.853 1.00 81.73  ? 179 GLN A C   1 
ATOM   1101 O  O   . GLN A 1 140 ? -17.788 -0.591  -17.618 1.00 71.47  ? 179 GLN A O   1 
ATOM   1102 C  CB  . GLN A 1 140 ? -20.712 -0.604  -17.982 1.00 102.97 ? 179 GLN A CB  1 
ATOM   1103 C  CG  . GLN A 1 140 ? -20.096 -1.972  -17.673 1.00 116.00 ? 179 GLN A CG  1 
ATOM   1104 C  CD  . GLN A 1 140 ? -20.783 -3.145  -18.334 1.00 122.88 ? 179 GLN A CD  1 
ATOM   1105 O  OE1 . GLN A 1 140 ? -21.611 -3.834  -17.734 1.00 117.66 ? 179 GLN A OE1 1 
ATOM   1106 N  NE2 . GLN A 1 140 ? -20.409 -3.407  -19.578 1.00 119.23 ? 179 GLN A NE2 1 
ATOM   1107 N  N   . ARG A 1 141 ? -17.942 1.674   -17.503 1.00 71.22  ? 180 ARG A N   1 
ATOM   1108 C  CA  . ARG A 1 141 ? -16.879 1.846   -16.482 1.00 67.18  ? 180 ARG A CA  1 
ATOM   1109 C  C   . ARG A 1 141 ? -17.406 1.204   -15.180 1.00 60.97  ? 180 ARG A C   1 
ATOM   1110 O  O   . ARG A 1 141 ? -18.635 1.307   -14.937 1.00 48.43  ? 180 ARG A O   1 
ATOM   1111 C  CB  . ARG A 1 141 ? -16.500 3.327   -16.383 1.00 74.68  ? 180 ARG A CB  1 
ATOM   1112 C  CG  . ARG A 1 141 ? -15.933 3.723   -15.028 1.00 85.66  ? 180 ARG A CG  1 
ATOM   1113 C  CD  . ARG A 1 141 ? -14.915 4.843   -15.034 1.00 87.11  ? 180 ARG A CD  1 
ATOM   1114 N  NE  . ARG A 1 141 ? -13.657 4.357   -15.568 1.00 96.86  ? 180 ARG A NE  1 
ATOM   1115 C  CZ  . ARG A 1 141 ? -13.226 4.556   -16.807 1.00 97.05  ? 180 ARG A CZ  1 
ATOM   1116 N  NH1 . ARG A 1 141 ? -12.062 4.055   -17.182 1.00 92.63  ? 180 ARG A NH1 1 
ATOM   1117 N  NH2 . ARG A 1 141 ? -13.942 5.264   -17.663 1.00 100.63 ? 180 ARG A NH2 1 
ATOM   1118 N  N   . MET A 1 142 ? -16.543 0.481   -14.438 1.00 50.18  ? 181 MET A N   1 
ATOM   1119 C  CA  . MET A 1 142 ? -16.821 -0.106  -13.095 1.00 44.67  ? 181 MET A CA  1 
ATOM   1120 C  C   . MET A 1 142 ? -15.543 -0.039  -12.245 1.00 44.28  ? 181 MET A C   1 
ATOM   1121 O  O   . MET A 1 142 ? -14.409 -0.215  -12.802 1.00 36.07  ? 181 MET A O   1 
ATOM   1122 C  CB  . MET A 1 142 ? -17.305 -1.558  -13.166 1.00 44.00  ? 181 MET A CB  1 
ATOM   1123 C  CG  . MET A 1 142 ? -17.775 -2.154  -11.826 1.00 47.04  ? 181 MET A CG  1 
ATOM   1124 S  SD  . MET A 1 142 ? -18.909 -1.125  -10.828 1.00 49.13  ? 181 MET A SD  1 
ATOM   1125 C  CE  . MET A 1 142 ? -18.881 -2.023  -9.274  1.00 56.03  ? 181 MET A CE  1 
ATOM   1126 N  N   . ILE A 1 143 ? -15.714 0.218   -10.949 1.00 40.77  ? 182 ILE A N   1 
ATOM   1127 C  CA  . ILE A 1 143 ? -14.601 0.230   -9.950  1.00 37.24  ? 182 ILE A CA  1 
ATOM   1128 C  C   . ILE A 1 143 ? -14.943 -0.742  -8.819  1.00 39.11  ? 182 ILE A C   1 
ATOM   1129 O  O   . ILE A 1 143 ? -16.087 -0.682  -8.285  1.00 37.44  ? 182 ILE A O   1 
ATOM   1130 C  CB  . ILE A 1 143 ? -14.332 1.655   -9.445  1.00 36.76  ? 182 ILE A CB  1 
ATOM   1131 C  CG1 . ILE A 1 143 ? -13.896 2.546   -10.603 1.00 37.12  ? 182 ILE A CG1 1 
ATOM   1132 C  CG2 . ILE A 1 143 ? -13.309 1.648   -8.289  1.00 37.49  ? 182 ILE A CG2 1 
ATOM   1133 C  CD1 . ILE A 1 143 ? -13.989 4.010   -10.320 1.00 42.47  ? 182 ILE A CD1 1 
ATOM   1134 N  N   . THR A 1 144 ? -13.994 -1.597  -8.447  1.00 37.29  ? 183 THR A N   1 
ATOM   1135 C  CA  . THR A 1 144 ? -14.060 -2.372  -7.182  1.00 40.74  ? 183 THR A CA  1 
ATOM   1136 C  C   . THR A 1 144 ? -12.847 -1.980  -6.340  1.00 38.50  ? 183 THR A C   1 
ATOM   1137 O  O   . THR A 1 144 ? -11.716 -1.948  -6.890  1.00 34.76  ? 183 THR A O   1 
ATOM   1138 C  CB  . THR A 1 144 ? -14.213 -3.875  -7.418  1.00 40.73  ? 183 THR A CB  1 
ATOM   1139 O  OG1 . THR A 1 144 ? -12.970 -4.388  -7.876  1.00 68.85  ? 183 THR A OG1 1 
ATOM   1140 C  CG2 . THR A 1 144 ? -15.282 -4.212  -8.429  1.00 42.31  ? 183 THR A CG2 1 
ATOM   1141 N  N   . SER A 1 145 ? -13.088 -1.660  -5.070  1.00 36.56  ? 184 SER A N   1 
ATOM   1142 C  CA  . SER A 1 145 ? -12.041 -1.200  -4.136  1.00 32.69  ? 184 SER A CA  1 
ATOM   1143 C  C   . SER A 1 145 ? -11.847 -2.240  -3.056  1.00 36.76  ? 184 SER A C   1 
ATOM   1144 O  O   . SER A 1 145 ? -12.800 -2.876  -2.618  1.00 36.91  ? 184 SER A O   1 
ATOM   1145 C  CB  . SER A 1 145 ? -12.357 0.137   -3.612  1.00 33.48  ? 184 SER A CB  1 
ATOM   1146 O  OG  . SER A 1 145 ? -12.359 1.059   -4.704  1.00 33.80  ? 184 SER A OG  1 
ATOM   1147 N  N   . HIS A 1 146 ? -10.612 -2.378  -2.610  1.00 33.77  ? 185 HIS A N   1 
ATOM   1148 C  CA  . HIS A 1 146 ? -10.288 -3.291  -1.512  1.00 32.40  ? 185 HIS A CA  1 
ATOM   1149 C  C   . HIS A 1 146 ? -9.164  -2.713  -0.653  1.00 32.05  ? 185 HIS A C   1 
ATOM   1150 O  O   . HIS A 1 146 ? -8.076  -2.350  -1.182  1.00 35.46  ? 185 HIS A O   1 
ATOM   1151 C  CB  . HIS A 1 146 ? -9.961  -4.671  -2.073  1.00 33.30  ? 185 HIS A CB  1 
ATOM   1152 C  CG  . HIS A 1 146 ? -10.139 -5.740  -1.056  1.00 37.93  ? 185 HIS A CG  1 
ATOM   1153 N  ND1 . HIS A 1 146 ? -9.114  -6.139  -0.196  1.00 44.52  ? 185 HIS A ND1 1 
ATOM   1154 C  CD2 . HIS A 1 146 ? -11.222 -6.459  -0.718  1.00 38.42  ? 185 HIS A CD2 1 
ATOM   1155 C  CE1 . HIS A 1 146 ? -9.565  -7.066  0.611   1.00 39.67  ? 185 HIS A CE1 1 
ATOM   1156 N  NE2 . HIS A 1 146 ? -10.851 -7.281  0.307   1.00 43.28  ? 185 HIS A NE2 1 
ATOM   1157 N  N   A CYS A 1 147 ? -9.417  -2.717  0.658   0.25 33.19  ? 186 CYS A N   1 
ATOM   1158 N  N   B CYS A 1 147 ? -9.368  -2.628  0.661   0.25 31.44  ? 186 CYS A N   1 
ATOM   1159 C  CA  A CYS A 1 147 ? -8.489  -2.315  1.748   0.25 32.63  ? 186 CYS A CA  1 
ATOM   1160 C  CA  B CYS A 1 147 ? -8.310  -2.161  1.600   0.25 29.14  ? 186 CYS A CA  1 
ATOM   1161 C  C   A CYS A 1 147 ? -7.686  -3.508  2.234   0.25 32.03  ? 186 CYS A C   1 
ATOM   1162 C  C   B CYS A 1 147 ? -7.762  -3.362  2.379   0.25 29.55  ? 186 CYS A C   1 
ATOM   1163 O  O   A CYS A 1 147 ? -8.190  -4.636  2.115   0.25 32.33  ? 186 CYS A O   1 
ATOM   1164 O  O   B CYS A 1 147 ? -8.483  -4.355  2.551   0.25 30.47  ? 186 CYS A O   1 
ATOM   1165 C  CB  A CYS A 1 147 ? -9.298  -1.809  2.928   0.25 33.62  ? 186 CYS A CB  1 
ATOM   1166 C  CB  B CYS A 1 147 ? -8.840  -1.029  2.474   0.25 28.86  ? 186 CYS A CB  1 
ATOM   1167 S  SG  A CYS A 1 147 ? -9.876  -0.127  2.647   0.25 28.93  ? 186 CYS A SG  1 
ATOM   1168 S  SG  B CYS A 1 147 ? -10.243 -1.494  3.526   0.25 23.06  ? 186 CYS A SG  1 
ATOM   1169 N  N   . PHE A 1 148 ? -6.495  -3.272  2.796   1.00 35.40  ? 187 PHE A N   1 
ATOM   1170 C  CA  . PHE A 1 148 ? -5.691  -4.393  3.333   1.00 33.22  ? 187 PHE A CA  1 
ATOM   1171 C  C   . PHE A 1 148 ? -5.230  -4.046  4.742   1.00 35.40  ? 187 PHE A C   1 
ATOM   1172 O  O   . PHE A 1 148 ? -4.092  -3.629  4.948   1.00 33.05  ? 187 PHE A O   1 
ATOM   1173 C  CB  . PHE A 1 148 ? -4.539  -4.674  2.370   1.00 34.63  ? 187 PHE A CB  1 
ATOM   1174 C  CG  . PHE A 1 148 ? -4.966  -5.195  1.022   1.00 31.75  ? 187 PHE A CG  1 
ATOM   1175 C  CD1 . PHE A 1 148 ? -5.260  -6.548  0.845   1.00 36.46  ? 187 PHE A CD1 1 
ATOM   1176 C  CD2 . PHE A 1 148 ? -5.132  -4.327  -0.042  1.00 32.64  ? 187 PHE A CD2 1 
ATOM   1177 C  CE1 . PHE A 1 148 ? -5.679  -7.021  -0.396  1.00 36.40  ? 187 PHE A CE1 1 
ATOM   1178 C  CE2 . PHE A 1 148 ? -5.519  -4.808  -1.291  1.00 35.07  ? 187 PHE A CE2 1 
ATOM   1179 C  CZ  . PHE A 1 148 ? -5.786  -6.152  -1.465  1.00 33.18  ? 187 PHE A CZ  1 
ATOM   1180 N  N   . PRO A 1 149 ? -6.118  -4.173  5.753   1.00 34.62  ? 188 PRO A N   1 
ATOM   1181 C  CA  . PRO A 1 149 ? -5.730  -3.930  7.140   1.00 32.78  ? 188 PRO A CA  1 
ATOM   1182 C  C   . PRO A 1 149 ? -4.382  -4.530  7.569   1.00 33.65  ? 188 PRO A C   1 
ATOM   1183 O  O   . PRO A 1 149 ? -3.705  -3.930  8.355   1.00 32.32  ? 188 PRO A O   1 
ATOM   1184 C  CB  . PRO A 1 149 ? -6.874  -4.615  7.915   1.00 34.76  ? 188 PRO A CB  1 
ATOM   1185 C  CG  . PRO A 1 149 ? -8.088  -4.493  7.015   1.00 37.37  ? 188 PRO A CG  1 
ATOM   1186 C  CD  . PRO A 1 149 ? -7.554  -4.435  5.601   1.00 35.77  ? 188 PRO A CD  1 
ATOM   1187 N  N   . GLU A 1 150 ? -4.111  -5.763  7.123   1.00 34.06  ? 189 GLU A N   1 
ATOM   1188 C  CA  . GLU A 1 150 ? -2.905  -6.565  7.440   1.00 37.05  ? 189 GLU A CA  1 
ATOM   1189 C  C   . GLU A 1 150 ? -1.635  -5.799  7.049   1.00 34.53  ? 189 GLU A C   1 
ATOM   1190 O  O   . GLU A 1 150 ? -0.558  -6.164  7.579   1.00 32.50  ? 189 GLU A O   1 
ATOM   1191 C  CB  . GLU A 1 150 ? -3.063  -7.919  6.736   1.00 41.64  ? 189 GLU A CB  1 
ATOM   1192 C  CG  . GLU A 1 150 ? -4.509  -8.425  6.763   1.00 46.28  ? 189 GLU A CG  1 
ATOM   1193 C  CD  . GLU A 1 150 ? -5.324  -8.471  5.460   1.00 45.43  ? 189 GLU A CD  1 
ATOM   1194 O  OE1 . GLU A 1 150 ? -5.716  -9.621  5.138   1.00 61.02  ? 189 GLU A OE1 1 
ATOM   1195 O  OE2 . GLU A 1 150 ? -5.584  -7.412  4.754   1.00 28.33  ? 189 GLU A OE2 1 
ATOM   1196 N  N   . THR A 1 151 ? -1.751  -4.781  6.182   1.00 33.38  ? 190 THR A N   1 
ATOM   1197 C  CA  . THR A 1 151 ? -0.624  -4.095  5.491   1.00 32.56  ? 190 THR A CA  1 
ATOM   1198 C  C   . THR A 1 151 ? -0.477  -2.670  6.002   1.00 30.82  ? 190 THR A C   1 
ATOM   1199 O  O   . THR A 1 151 ? 0.315   -1.935  5.413   1.00 31.17  ? 190 THR A O   1 
ATOM   1200 C  CB  . THR A 1 151 ? -0.764  -4.107  3.956   1.00 32.49  ? 190 THR A CB  1 
ATOM   1201 O  OG1 . THR A 1 151 ? -1.826  -3.252  3.510   1.00 31.12  ? 190 THR A OG1 1 
ATOM   1202 C  CG2 . THR A 1 151 ? -0.930  -5.523  3.448   1.00 33.46  ? 190 THR A CG2 1 
ATOM   1203 N  N   . GLN A 1 152 ? -1.253  -2.291  7.032   1.00 26.38  ? 191 GLN A N   1 
ATOM   1204 C  CA  . GLN A 1 152 ? -1.093  -0.984  7.698   1.00 28.22  ? 191 GLN A CA  1 
ATOM   1205 C  C   . GLN A 1 152 ? 0.362   -0.781  8.118   1.00 30.65  ? 191 GLN A C   1 
ATOM   1206 O  O   . GLN A 1 152 ? 0.992   -1.743  8.613   1.00 33.44  ? 191 GLN A O   1 
ATOM   1207 C  CB  . GLN A 1 152 ? -1.977  -0.918  8.940   1.00 31.19  ? 191 GLN A CB  1 
ATOM   1208 C  CG  . GLN A 1 152 ? -3.444  -0.782  8.537   1.00 36.73  ? 191 GLN A CG  1 
ATOM   1209 C  CD  . GLN A 1 152 ? -4.267  -0.393  9.730   1.00 45.96  ? 191 GLN A CD  1 
ATOM   1210 O  OE1 . GLN A 1 152 ? -3.701  -0.134  10.792  1.00 45.58  ? 191 GLN A OE1 1 
ATOM   1211 N  NE2 . GLN A 1 152 ? -5.584  -0.337  9.545   1.00 52.83  ? 191 GLN A NE2 1 
ATOM   1212 N  N   . PHE A 1 153 ? 0.806   0.459   8.021   1.00 32.84  ? 192 PHE A N   1 
ATOM   1213 C  CA  . PHE A 1 153 ? 2.129   0.867   8.498   1.00 33.17  ? 192 PHE A CA  1 
ATOM   1214 C  C   . PHE A 1 153 ? 2.121   2.350   8.829   1.00 33.90  ? 192 PHE A C   1 
ATOM   1215 O  O   . PHE A 1 153 ? 1.266   3.114   8.389   1.00 31.44  ? 192 PHE A O   1 
ATOM   1216 C  CB  . PHE A 1 153 ? 3.160   0.568   7.400   1.00 32.05  ? 192 PHE A CB  1 
ATOM   1217 C  CG  . PHE A 1 153 ? 2.939   1.335   6.137   1.00 29.61  ? 192 PHE A CG  1 
ATOM   1218 C  CD1 . PHE A 1 153 ? 3.430   2.613   6.003   1.00 30.80  ? 192 PHE A CD1 1 
ATOM   1219 C  CD2 . PHE A 1 153 ? 2.165   0.808   5.114   1.00 29.39  ? 192 PHE A CD2 1 
ATOM   1220 C  CE1 . PHE A 1 153 ? 3.194   3.342   4.851   1.00 31.10  ? 192 PHE A CE1 1 
ATOM   1221 C  CE2 . PHE A 1 153 ? 1.935   1.537   3.967   1.00 28.25  ? 192 PHE A CE2 1 
ATOM   1222 C  CZ  . PHE A 1 153 ? 2.467   2.790   3.827   1.00 31.88  ? 192 PHE A CZ  1 
ATOM   1223 N  N   . ILE A 1 154 ? 3.147   2.747   9.572   1.00 31.22  ? 193 ILE A N   1 
ATOM   1224 C  CA  . ILE A 1 154 ? 3.478   4.168   9.832   1.00 31.96  ? 193 ILE A CA  1 
ATOM   1225 C  C   . ILE A 1 154 ? 4.641   4.487   8.924   1.00 33.56  ? 193 ILE A C   1 
ATOM   1226 O  O   . ILE A 1 154 ? 5.554   3.624   8.893   1.00 36.24  ? 193 ILE A O   1 
ATOM   1227 C  CB  . ILE A 1 154 ? 3.841   4.342   11.316  1.00 35.58  ? 193 ILE A CB  1 
ATOM   1228 C  CG1 . ILE A 1 154 ? 2.669   3.887   12.190  1.00 38.30  ? 193 ILE A CG1 1 
ATOM   1229 C  CG2 . ILE A 1 154 ? 4.303   5.772   11.582  1.00 35.66  ? 193 ILE A CG2 1 
ATOM   1230 C  CD1 . ILE A 1 154 ? 2.909   3.973   13.685  1.00 43.58  ? 193 ILE A CD1 1 
ATOM   1231 N  N   . ALA A 1 155 ? 4.536   5.598   8.201   1.00 33.64  ? 194 ALA A N   1 
ATOM   1232 C  CA  . ALA A 1 155 ? 5.579   6.166   7.337   1.00 37.68  ? 194 ALA A CA  1 
ATOM   1233 C  C   . ALA A 1 155 ? 6.634   6.787   8.260   1.00 39.52  ? 194 ALA A C   1 
ATOM   1234 O  O   . ALA A 1 155 ? 6.246   7.524   9.181   1.00 38.47  ? 194 ALA A O   1 
ATOM   1235 C  CB  . ALA A 1 155 ? 4.964   7.171   6.402   1.00 39.94  ? 194 ALA A CB  1 
ATOM   1236 N  N   . VAL A 1 156 ? 7.900   6.423   8.068   1.00 39.10  ? 195 VAL A N   1 
ATOM   1237 C  CA  . VAL A 1 156 ? 9.059   6.852   8.920   1.00 38.64  ? 195 VAL A CA  1 
ATOM   1238 C  C   . VAL A 1 156 ? 10.229  7.211   8.007   1.00 39.13  ? 195 VAL A C   1 
ATOM   1239 O  O   . VAL A 1 156 ? 10.344  6.597   6.940   1.00 36.61  ? 195 VAL A O   1 
ATOM   1240 C  CB  . VAL A 1 156 ? 9.462   5.779   9.950   1.00 35.93  ? 195 VAL A CB  1 
ATOM   1241 C  CG1 . VAL A 1 156 ? 8.297   5.463   10.880  1.00 35.18  ? 195 VAL A CG1 1 
ATOM   1242 C  CG2 . VAL A 1 156 ? 10.029  4.514   9.307   1.00 36.08  ? 195 VAL A CG2 1 
ATOM   1243 N  N   . THR A 1 157 ? 11.031  8.214   8.375   1.00 40.17  ? 196 THR A N   1 
ATOM   1244 C  CA  . THR A 1 157 ? 12.298  8.521   7.655   1.00 45.43  ? 196 THR A CA  1 
ATOM   1245 C  C   . THR A 1 157 ? 13.410  7.573   8.111   1.00 40.17  ? 196 THR A C   1 
ATOM   1246 O  O   . THR A 1 157 ? 14.371  7.492   7.367   1.00 37.29  ? 196 THR A O   1 
ATOM   1247 C  CB  . THR A 1 157 ? 12.759  9.972   7.834   1.00 44.47  ? 196 THR A CB  1 
ATOM   1248 O  OG1 . THR A 1 157 ? 12.871  10.203  9.233   1.00 46.97  ? 196 THR A OG1 1 
ATOM   1249 C  CG2 . THR A 1 157 ? 11.796  10.957  7.225   1.00 43.50  ? 196 THR A CG2 1 
ATOM   1250 N  N   . ALA A 1 158 ? 13.257  6.841   9.223   1.00 40.81  ? 197 ALA A N   1 
ATOM   1251 C  CA  . ALA A 1 158 ? 14.188  5.771   9.665   1.00 42.56  ? 197 ALA A CA  1 
ATOM   1252 C  C   . ALA A 1 158 ? 13.457  4.835   10.621  1.00 36.27  ? 197 ALA A C   1 
ATOM   1253 O  O   . ALA A 1 158 ? 12.570  5.315   11.320  1.00 40.02  ? 197 ALA A O   1 
ATOM   1254 C  CB  . ALA A 1 158 ? 15.424  6.370   10.313  1.00 43.60  ? 197 ALA A CB  1 
ATOM   1255 N  N   . TYR A 1 159 ? 13.797  3.543   10.661  1.00 35.82  ? 198 TYR A N   1 
ATOM   1256 C  CA  . TYR A 1 159 ? 13.088  2.586   11.537  1.00 37.86  ? 198 TYR A CA  1 
ATOM   1257 C  C   . TYR A 1 159 ? 13.276  2.961   13.016  1.00 43.70  ? 198 TYR A C   1 
ATOM   1258 O  O   . TYR A 1 159 ? 14.385  3.286   13.429  1.00 38.55  ? 198 TYR A O   1 
ATOM   1259 C  CB  . TYR A 1 159 ? 13.509  1.140   11.268  1.00 38.63  ? 198 TYR A CB  1 
ATOM   1260 C  CG  . TYR A 1 159 ? 13.150  0.655   9.890   1.00 36.77  ? 198 TYR A CG  1 
ATOM   1261 C  CD1 . TYR A 1 159 ? 11.858  0.800   9.401   1.00 39.30  ? 198 TYR A CD1 1 
ATOM   1262 C  CD2 . TYR A 1 159 ? 14.108  0.124   9.046   1.00 38.21  ? 198 TYR A CD2 1 
ATOM   1263 C  CE1 . TYR A 1 159 ? 11.523  0.397   8.120   1.00 40.58  ? 198 TYR A CE1 1 
ATOM   1264 C  CE2 . TYR A 1 159 ? 13.790  -0.297  7.767   1.00 41.69  ? 198 TYR A CE2 1 
ATOM   1265 C  CZ  . TYR A 1 159 ? 12.489  -0.173  7.311   1.00 44.04  ? 198 TYR A CZ  1 
ATOM   1266 O  OH  . TYR A 1 159 ? 12.149  -0.570  6.066   1.00 45.01  ? 198 TYR A OH  1 
ATOM   1267 N  N   . GLN A 1 160 ? 12.201  2.861   13.813  1.00 37.22  ? 199 GLN A N   1 
ATOM   1268 C  CA  . GLN A 1 160 ? 12.211  3.162   15.263  1.00 34.89  ? 199 GLN A CA  1 
ATOM   1269 C  C   . GLN A 1 160 ? 12.271  1.866   16.050  1.00 40.16  ? 199 GLN A C   1 
ATOM   1270 O  O   . GLN A 1 160 ? 13.033  1.767   17.027  1.00 38.68  ? 199 GLN A O   1 
ATOM   1271 C  CB  . GLN A 1 160 ? 10.955  3.948   15.612  1.00 38.61  ? 199 GLN A CB  1 
ATOM   1272 C  CG  . GLN A 1 160 ? 10.821  5.229   14.818  1.00 42.29  ? 199 GLN A CG  1 
ATOM   1273 C  CD  . GLN A 1 160 ? 11.997  6.121   15.084  1.00 45.25  ? 199 GLN A CD  1 
ATOM   1274 O  OE1 . GLN A 1 160 ? 12.261  6.473   16.227  1.00 53.47  ? 199 GLN A OE1 1 
ATOM   1275 N  NE2 . GLN A 1 160 ? 12.715  6.470   14.029  1.00 41.73  ? 199 GLN A NE2 1 
ATOM   1276 N  N   . ASN A 1 161 ? 11.496  0.885   15.618  1.00 35.35  ? 200 ASN A N   1 
ATOM   1277 C  CA  . ASN A 1 161 ? 11.428  -0.403  16.323  1.00 38.05  ? 200 ASN A CA  1 
ATOM   1278 C  C   . ASN A 1 161 ? 12.411  -1.331  15.612  1.00 40.35  ? 200 ASN A C   1 
ATOM   1279 O  O   . ASN A 1 161 ? 12.153  -1.693  14.461  1.00 37.74  ? 200 ASN A O   1 
ATOM   1280 C  CB  . ASN A 1 161 ? 9.995   -0.893  16.348  1.00 38.26  ? 200 ASN A CB  1 
ATOM   1281 C  CG  . ASN A 1 161 ? 9.823   -2.232  17.006  1.00 37.60  ? 200 ASN A CG  1 
ATOM   1282 O  OD1 . ASN A 1 161 ? 10.748  -2.780  17.588  1.00 38.23  ? 200 ASN A OD1 1 
ATOM   1283 N  ND2 . ASN A 1 161 ? 8.617   -2.766  16.905  1.00 38.09  ? 200 ASN A ND2 1 
ATOM   1284 N  N   . GLU A 1 162 ? 13.484  -1.710  16.302  1.00 37.02  ? 201 GLU A N   1 
ATOM   1285 C  CA  . GLU A 1 162 ? 14.576  -2.534  15.724  1.00 38.00  ? 201 GLU A CA  1 
ATOM   1286 C  C   . GLU A 1 162 ? 14.015  -3.935  15.426  1.00 34.93  ? 201 GLU A C   1 
ATOM   1287 O  O   . GLU A 1 162 ? 14.564  -4.630  14.567  1.00 39.17  ? 201 GLU A O   1 
ATOM   1288 C  CB  . GLU A 1 162 ? 15.769  -2.511  16.698  1.00 41.93  ? 201 GLU A CB  1 
ATOM   1289 C  CG  . GLU A 1 162 ? 15.739  -3.636  17.703  1.00 52.21  ? 201 GLU A CG  1 
ATOM   1290 C  CD  . GLU A 1 162 ? 16.549  -3.459  18.983  1.00 65.81  ? 201 GLU A CD  1 
ATOM   1291 O  OE1 . GLU A 1 162 ? 16.914  -4.505  19.604  1.00 57.48  ? 201 GLU A OE1 1 
ATOM   1292 O  OE2 . GLU A 1 162 ? 16.770  -2.291  19.391  1.00 82.85  ? 201 GLU A OE2 1 
ATOM   1293 N  N   . GLU A 1 163 ? 12.925  -4.342  16.082  1.00 36.55  ? 202 GLU A N   1 
ATOM   1294 C  CA  . GLU A 1 163 ? 12.280  -5.649  15.802  1.00 41.21  ? 202 GLU A CA  1 
ATOM   1295 C  C   . GLU A 1 163 ? 11.798  -5.649  14.348  1.00 35.42  ? 202 GLU A C   1 
ATOM   1296 O  O   . GLU A 1 163 ? 11.819  -6.719  13.717  1.00 34.89  ? 202 GLU A O   1 
ATOM   1297 C  CB  . GLU A 1 163 ? 11.087  -5.925  16.723  1.00 42.35  ? 202 GLU A CB  1 
ATOM   1298 C  CG  . GLU A 1 163 ? 11.422  -6.120  18.185  1.00 46.87  ? 202 GLU A CG  1 
ATOM   1299 C  CD  . GLU A 1 163 ? 10.169  -6.080  19.061  1.00 58.03  ? 202 GLU A CD  1 
ATOM   1300 O  OE1 . GLU A 1 163 ? 9.977   -7.014  19.872  1.00 62.32  ? 202 GLU A OE1 1 
ATOM   1301 O  OE2 . GLU A 1 163 ? 9.355   -5.138  18.887  1.00 65.70  ? 202 GLU A OE2 1 
ATOM   1302 N  N   . ILE A 1 164 ? 11.384  -4.482  13.848  1.00 32.97  ? 203 ILE A N   1 
ATOM   1303 C  CA  . ILE A 1 164 ? 10.947  -4.282  12.436  1.00 35.54  ? 203 ILE A CA  1 
ATOM   1304 C  C   . ILE A 1 164 ? 12.208  -4.338  11.560  1.00 33.24  ? 203 ILE A C   1 
ATOM   1305 O  O   . ILE A 1 164 ? 12.205  -4.971  10.527  1.00 33.48  ? 203 ILE A O   1 
ATOM   1306 C  CB  . ILE A 1 164 ? 10.186  -2.946  12.288  1.00 34.48  ? 203 ILE A CB  1 
ATOM   1307 C  CG1 . ILE A 1 164 ? 8.800   -2.999  12.943  1.00 34.41  ? 203 ILE A CG1 1 
ATOM   1308 C  CG2 . ILE A 1 164 ? 10.112  -2.500  10.831  1.00 38.64  ? 203 ILE A CG2 1 
ATOM   1309 C  CD1 . ILE A 1 164 ? 7.824   -3.940  12.216  1.00 38.78  ? 203 ILE A CD1 1 
ATOM   1310 N  N   . THR A 1 165 ? 13.244  -3.610  11.940  1.00 37.67  ? 204 THR A N   1 
ATOM   1311 C  CA  . THR A 1 165 ? 14.519  -3.621  11.189  1.00 35.17  ? 204 THR A CA  1 
ATOM   1312 C  C   . THR A 1 165 ? 14.910  -5.079  10.992  1.00 31.49  ? 204 THR A C   1 
ATOM   1313 O  O   . THR A 1 165 ? 15.117  -5.449  9.855   1.00 36.75  ? 204 THR A O   1 
ATOM   1314 C  CB  . THR A 1 165 ? 15.576  -2.769  11.877  1.00 35.98  ? 204 THR A CB  1 
ATOM   1315 O  OG1 . THR A 1 165 ? 14.914  -1.568  12.286  1.00 34.28  ? 204 THR A OG1 1 
ATOM   1316 C  CG2 . THR A 1 165 ? 16.747  -2.492  10.964  1.00 37.76  ? 204 THR A CG2 1 
ATOM   1317 N  N   . ALA A 1 166 ? 14.893  -5.888  12.048  1.00 37.32  ? 205 ALA A N   1 
ATOM   1318 C  CA  . ALA A 1 166 ? 15.369  -7.288  11.993  1.00 37.94  ? 205 ALA A CA  1 
ATOM   1319 C  C   . ALA A 1 166 ? 14.442  -8.090  11.076  1.00 38.51  ? 205 ALA A C   1 
ATOM   1320 O  O   . ALA A 1 166 ? 14.937  -8.924  10.286  1.00 32.92  ? 205 ALA A O   1 
ATOM   1321 C  CB  . ALA A 1 166 ? 15.445  -7.899  13.366  1.00 41.26  ? 205 ALA A CB  1 
ATOM   1322 N  N   . LEU A 1 167 ? 13.116  -7.909  11.198  1.00 38.28  ? 206 LEU A N   1 
ATOM   1323 C  CA  . LEU A 1 167 ? 12.182  -8.706  10.368  1.00 35.79  ? 206 LEU A CA  1 
ATOM   1324 C  C   . LEU A 1 167 ? 12.422  -8.390  8.899   1.00 30.80  ? 206 LEU A C   1 
ATOM   1325 O  O   . LEU A 1 167 ? 12.365  -9.326  8.089   1.00 33.02  ? 206 LEU A O   1 
ATOM   1326 C  CB  . LEU A 1 167 ? 10.731  -8.376  10.735  1.00 39.00  ? 206 LEU A CB  1 
ATOM   1327 C  CG  . LEU A 1 167 ? 9.911   -9.437  11.453  1.00 49.14  ? 206 LEU A CG  1 
ATOM   1328 C  CD1 . LEU A 1 167 ? 8.433   -9.281  11.059  1.00 45.76  ? 206 LEU A CD1 1 
ATOM   1329 C  CD2 . LEU A 1 167 ? 10.387  -10.863 11.178  1.00 51.44  ? 206 LEU A CD2 1 
ATOM   1330 N  N   . LYS A 1 168 ? 12.562  -7.105  8.565   1.00 29.40  ? 207 LYS A N   1 
ATOM   1331 C  CA  . LYS A 1 168 ? 12.776  -6.640  7.174   1.00 32.69  ? 207 LYS A CA  1 
ATOM   1332 C  C   . LYS A 1 168 ? 14.001  -7.363  6.586   1.00 40.47  ? 207 LYS A C   1 
ATOM   1333 O  O   . LYS A 1 168 ? 13.926  -7.912  5.447   1.00 37.88  ? 207 LYS A O   1 
ATOM   1334 C  CB  . LYS A 1 168 ? 12.990  -5.127  7.126   1.00 35.38  ? 207 LYS A CB  1 
ATOM   1335 C  CG  . LYS A 1 168 ? 11.809  -4.287  7.600   1.00 40.29  ? 207 LYS A CG  1 
ATOM   1336 C  CD  . LYS A 1 168 ? 10.914  -3.767  6.510   1.00 40.00  ? 207 LYS A CD  1 
ATOM   1337 C  CE  . LYS A 1 168 ? 9.737   -2.998  7.085   1.00 38.96  ? 207 LYS A CE  1 
ATOM   1338 N  NZ  . LYS A 1 168 ? 9.165   -2.089  6.083   1.00 39.20  ? 207 LYS A NZ  1 
ATOM   1339 N  N   . ILE A 1 169 ? 15.111  -7.358  7.329   1.00 34.67  ? 208 ILE A N   1 
ATOM   1340 C  CA  . ILE A 1 169 ? 16.377  -7.967  6.830   1.00 33.36  ? 208 ILE A CA  1 
ATOM   1341 C  C   . ILE A 1 169 ? 16.148  -9.483  6.752   1.00 34.86  ? 208 ILE A C   1 
ATOM   1342 O  O   . ILE A 1 169 ? 16.500  -10.102 5.725   1.00 36.00  ? 208 ILE A O   1 
ATOM   1343 C  CB  . ILE A 1 169 ? 17.537  -7.544  7.760   1.00 34.07  ? 208 ILE A CB  1 
ATOM   1344 C  CG1 . ILE A 1 169 ? 17.836  -6.051  7.592   1.00 31.47  ? 208 ILE A CG1 1 
ATOM   1345 C  CG2 . ILE A 1 169 ? 18.772  -8.417  7.532   1.00 37.31  ? 208 ILE A CG2 1 
ATOM   1346 C  CD1 . ILE A 1 169 ? 18.569  -5.450  8.730   1.00 37.33  ? 208 ILE A CD1 1 
ATOM   1347 N  N   . LYS A 1 170 ? 15.536  -10.080 7.764   1.00 35.08  ? 209 LYS A N   1 
ATOM   1348 C  CA  . LYS A 1 170 ? 15.406  -11.565 7.815   1.00 38.13  ? 209 LYS A CA  1 
ATOM   1349 C  C   . LYS A 1 170 ? 14.696  -12.047 6.550   1.00 37.72  ? 209 LYS A C   1 
ATOM   1350 O  O   . LYS A 1 170 ? 15.110  -13.099 5.995   1.00 37.20  ? 209 LYS A O   1 
ATOM   1351 C  CB  . LYS A 1 170 ? 14.673  -12.020 9.077   1.00 36.05  ? 209 LYS A CB  1 
ATOM   1352 C  CG  . LYS A 1 170 ? 14.686  -13.520 9.352   1.00 41.83  ? 209 LYS A CG  1 
ATOM   1353 C  CD  . LYS A 1 170 ? 14.161  -13.849 10.767  1.00 44.46  ? 209 LYS A CD  1 
ATOM   1354 C  CE  . LYS A 1 170 ? 14.401  -15.280 11.223  1.00 48.13  ? 209 LYS A CE  1 
ATOM   1355 N  NZ  . LYS A 1 170 ? 13.449  -16.207 10.567  1.00 50.96  ? 209 LYS A NZ  1 
ATOM   1356 N  N   . TYR A 1 171 ? 13.688  -11.304 6.085   1.00 37.13  ? 210 TYR A N   1 
ATOM   1357 C  CA  . TYR A 1 171 ? 12.773  -11.780 5.015   1.00 38.99  ? 210 TYR A CA  1 
ATOM   1358 C  C   . TYR A 1 171 ? 13.080  -11.137 3.665   1.00 41.25  ? 210 TYR A C   1 
ATOM   1359 O  O   . TYR A 1 171 ? 12.515  -11.615 2.683   1.00 41.08  ? 210 TYR A O   1 
ATOM   1360 C  CB  . TYR A 1 171 ? 11.326  -11.677 5.512   1.00 37.92  ? 210 TYR A CB  1 
ATOM   1361 C  CG  . TYR A 1 171 ? 11.090  -12.760 6.534   1.00 36.84  ? 210 TYR A CG  1 
ATOM   1362 C  CD1 . TYR A 1 171 ? 11.143  -14.090 6.149   1.00 43.09  ? 210 TYR A CD1 1 
ATOM   1363 C  CD2 . TYR A 1 171 ? 10.964  -12.486 7.883   1.00 37.45  ? 210 TYR A CD2 1 
ATOM   1364 C  CE1 . TYR A 1 171 ? 10.983  -15.114 7.071   1.00 44.01  ? 210 TYR A CE1 1 
ATOM   1365 C  CE2 . TYR A 1 171 ? 10.842  -13.494 8.833   1.00 39.13  ? 210 TYR A CE2 1 
ATOM   1366 C  CZ  . TYR A 1 171 ? 10.847  -14.817 8.414   1.00 43.95  ? 210 TYR A CZ  1 
ATOM   1367 O  OH  . TYR A 1 171 ? 10.725  -15.854 9.295   1.00 45.47  ? 210 TYR A OH  1 
ATOM   1368 N  N   . ASN A 1 172 ? 13.972  -10.152 3.576   1.00 39.38  ? 211 ASN A N   1 
ATOM   1369 C  CA  . ASN A 1 172 ? 14.313  -9.571  2.255   1.00 49.11  ? 211 ASN A CA  1 
ATOM   1370 C  C   . ASN A 1 172 ? 15.369  -10.482 1.605   1.00 64.48  ? 211 ASN A C   1 
ATOM   1371 O  O   . ASN A 1 172 ? 15.932  -11.360 2.274   1.00 61.52  ? 211 ASN A O   1 
ATOM   1372 C  CB  . ASN A 1 172 ? 14.628  -8.075  2.357   1.00 52.98  ? 211 ASN A CB  1 
ATOM   1373 C  CG  . ASN A 1 172 ? 15.988  -7.717  2.933   1.00 56.80  ? 211 ASN A CG  1 
ATOM   1374 O  OD1 . ASN A 1 172 ? 16.230  -6.549  3.271   1.00 53.13  ? 211 ASN A OD1 1 
ATOM   1375 N  ND2 . ASN A 1 172 ? 16.878  -8.691  3.045   1.00 50.03  ? 211 ASN A ND2 1 
HETATM 1376 CD CD  . CD  B 2 .   ? -10.533 0.536   4.858   0.50 30.44  ? 301 CD  A CD  1 
HETATM 1377 CD CD  . CD  C 2 .   ? -9.136  -0.437  8.073   1.00 31.80  ? 302 CD  A CD  1 
HETATM 1378 CD CD  . CD  D 2 .   ? 1.096   13.073  -6.834  1.00 85.40  ? 303 CD  A CD  1 
HETATM 1379 CD CD  . CD  E 2 .   ? -8.810  11.251  16.685  1.00 40.50  ? 304 CD  A CD  1 
HETATM 1380 CD CD  . CD  F 2 .   ? -2.621  13.335  -7.632  1.00 81.97  ? 305 CD  A CD  1 
HETATM 1381 N  N1  . NZJ G 3 .   ? -3.714  4.594   -17.418 0.72 45.41  ? 306 NZJ A N1  1 
HETATM 1382 C  C4  . NZJ G 3 .   ? -7.596  4.243   -14.803 0.72 42.81  ? 306 NZJ A C4  1 
HETATM 1383 C  C5  . NZJ G 3 .   ? -6.327  3.888   -15.215 0.72 45.41  ? 306 NZJ A C5  1 
HETATM 1384 C  C6  . NZJ G 3 .   ? -5.950  4.075   -16.536 0.72 47.28  ? 306 NZJ A C6  1 
HETATM 1385 C  C7  . NZJ G 3 .   ? -6.878  4.623   -17.432 0.72 47.42  ? 306 NZJ A C7  1 
HETATM 1386 C  C8  . NZJ G 3 .   ? -4.578  3.662   -16.992 0.72 46.37  ? 306 NZJ A C8  1 
HETATM 1387 C  C10 . NZJ G 3 .   ? -2.985  6.928   -17.438 0.72 49.42  ? 306 NZJ A C10 1 
HETATM 1388 C  C13 . NZJ G 3 .   ? -2.279  4.315   -17.521 0.72 49.11  ? 306 NZJ A C13 1 
HETATM 1389 C  C1  . NZJ G 3 .   ? -9.135  5.589   -18.002 0.72 51.56  ? 306 NZJ A C1  1 
HETATM 1390 C  C11 . NZJ G 3 .   ? -1.747  6.659   -18.295 0.72 52.24  ? 306 NZJ A C11 1 
HETATM 1391 C  C12 . NZJ G 3 .   ? -1.629  5.160   -18.584 0.72 50.15  ? 306 NZJ A C12 1 
HETATM 1392 C  C14 . NZJ G 3 .   ? -0.492  7.197   -17.624 0.72 55.93  ? 306 NZJ A C14 1 
HETATM 1393 C  C2  . NZJ G 3 .   ? -8.152  4.993   -17.025 0.72 49.22  ? 306 NZJ A C2  1 
HETATM 1394 C  C3  . NZJ G 3 .   ? -8.494  4.789   -15.700 0.72 43.14  ? 306 NZJ A C3  1 
HETATM 1395 C  C9  . NZJ G 3 .   ? -4.090  5.963   -17.783 0.72 48.23  ? 306 NZJ A C9  1 
HETATM 1396 N  N2  . NZJ G 3 .   ? -0.018  8.337   -18.115 0.72 56.17  ? 306 NZJ A N2  1 
HETATM 1397 O  O1  . NZJ G 3 .   ? -4.285  2.471   -16.937 0.72 41.88  ? 306 NZJ A O1  1 
HETATM 1398 O  O2  . NZJ G 3 .   ? 0.042   6.610   -16.674 0.72 59.99  ? 306 NZJ A O2  1 
HETATM 1399 O  O   . HOH H 4 .   ? 6.168   1.910   -11.549 1.00 38.31  ? 401 HOH A O   1 
HETATM 1400 O  O   . HOH H 4 .   ? 12.171  -8.795  14.826  1.00 45.43  ? 402 HOH A O   1 
HETATM 1401 O  O   . HOH H 4 .   ? -15.381 -7.472  -14.314 1.00 48.34  ? 403 HOH A O   1 
HETATM 1402 O  O   . HOH H 4 .   ? 1.656   -9.521  -0.322  1.00 39.17  ? 404 HOH A O   1 
HETATM 1403 O  O   . HOH H 4 .   ? -0.099  -10.888 -20.367 1.00 42.75  ? 405 HOH A O   1 
HETATM 1404 O  O   . HOH H 4 .   ? 15.247  11.980  1.546   1.00 62.95  ? 406 HOH A O   1 
HETATM 1405 O  O   . HOH H 4 .   ? -1.880  8.922   11.030  1.00 35.80  ? 407 HOH A O   1 
HETATM 1406 O  O   . HOH H 4 .   ? 3.253   -8.959  -14.851 1.00 44.81  ? 408 HOH A O   1 
HETATM 1407 O  O   . HOH H 4 .   ? -6.361  -15.716 -10.322 1.00 56.23  ? 409 HOH A O   1 
HETATM 1408 O  O   . HOH H 4 .   ? -0.639  -3.086  -21.173 0.50 61.61  ? 410 HOH A O   1 
HETATM 1409 O  O   . HOH H 4 .   ? -14.852 1.821   -4.557  1.00 32.96  ? 411 HOH A O   1 
HETATM 1410 O  O   . HOH H 4 .   ? 4.541   -9.821  -0.348  1.00 45.46  ? 412 HOH A O   1 
HETATM 1411 O  O   . HOH H 4 .   ? 6.086   14.095  5.983   1.00 50.83  ? 413 HOH A O   1 
HETATM 1412 O  O   . HOH H 4 .   ? 7.251   -0.496  15.110  1.00 32.13  ? 414 HOH A O   1 
HETATM 1413 O  O   . HOH H 4 .   ? 7.341   -1.049  -3.786  1.00 33.52  ? 415 HOH A O   1 
HETATM 1414 O  O   . HOH H 4 .   ? 8.968   2.236   1.544   1.00 39.69  ? 416 HOH A O   1 
HETATM 1415 O  O   . HOH H 4 .   ? -1.941  -9.556  -21.683 1.00 50.42  ? 417 HOH A O   1 
HETATM 1416 O  O   . HOH H 4 .   ? -16.674 0.155   -5.752  1.00 45.05  ? 418 HOH A O   1 
HETATM 1417 O  O   . HOH H 4 .   ? 1.608   -4.379  8.218   1.00 31.17  ? 419 HOH A O   1 
HETATM 1418 O  O   . HOH H 4 .   ? -14.594 -3.303  -0.586  1.00 51.05  ? 420 HOH A O   1 
HETATM 1419 O  O   . HOH H 4 .   ? 6.021   5.362   -7.428  1.00 41.84  ? 421 HOH A O   1 
HETATM 1420 O  O   . HOH H 4 .   ? 0.557   11.257  -2.669  1.00 52.64  ? 422 HOH A O   1 
HETATM 1421 O  O   . HOH H 4 .   ? 1.089   -2.213  11.331  1.00 38.03  ? 423 HOH A O   1 
HETATM 1422 O  O   . HOH H 4 .   ? -4.205  -12.486 -9.400  1.00 43.48  ? 424 HOH A O   1 
HETATM 1423 O  O   . HOH H 4 .   ? -6.752  8.340   -3.656  1.00 44.03  ? 425 HOH A O   1 
HETATM 1424 O  O   . HOH H 4 .   ? -10.726 -5.451  3.823   1.00 53.75  ? 426 HOH A O   1 
HETATM 1425 O  O   . HOH H 4 .   ? -15.726 -1.918  -4.146  1.00 38.71  ? 427 HOH A O   1 
HETATM 1426 O  O   . HOH H 4 .   ? 4.708   -1.837  -9.071  1.00 31.31  ? 428 HOH A O   1 
HETATM 1427 O  O   . HOH H 4 .   ? -0.718  -10.661 -12.820 1.00 38.95  ? 429 HOH A O   1 
HETATM 1428 O  O   . HOH H 4 .   ? 2.596   -8.169  -10.900 1.00 39.24  ? 430 HOH A O   1 
HETATM 1429 O  O   . HOH H 4 .   ? 16.181  2.752   9.337   1.00 41.19  ? 431 HOH A O   1 
HETATM 1430 O  O   . HOH H 4 .   ? 16.702  5.932   6.910   1.00 49.87  ? 432 HOH A O   1 
HETATM 1431 O  O   . HOH H 4 .   ? 5.434   -6.032  -14.064 1.00 37.53  ? 433 HOH A O   1 
HETATM 1432 O  O   . HOH H 4 .   ? 4.074   -2.696  -2.541  1.00 34.42  ? 434 HOH A O   1 
HETATM 1433 O  O   . HOH H 4 .   ? 1.091   -1.012  -19.833 1.00 44.75  ? 435 HOH A O   1 
HETATM 1434 O  O   . HOH H 4 .   ? 16.267  -15.660 6.551   1.00 38.17  ? 436 HOH A O   1 
HETATM 1435 O  O   . HOH H 4 .   ? 13.807  1.922   -3.301  1.00 48.30  ? 437 HOH A O   1 
HETATM 1436 O  O   . HOH H 4 .   ? 4.275   0.239   19.746  1.00 44.20  ? 438 HOH A O   1 
HETATM 1437 O  O   . HOH H 4 .   ? -11.883 2.849   1.521   1.00 27.85  ? 439 HOH A O   1 
HETATM 1438 O  O   . HOH H 4 .   ? -1.690  -15.260 1.966   1.00 52.61  ? 440 HOH A O   1 
HETATM 1439 O  O   . HOH H 4 .   ? 13.836  -0.418  18.957  1.00 47.16  ? 441 HOH A O   1 
HETATM 1440 O  O   . HOH H 4 .   ? -14.227 -3.561  -11.193 1.00 49.35  ? 442 HOH A O   1 
HETATM 1441 O  O   . HOH H 4 .   ? 0.004   -16.537 4.058   1.00 46.26  ? 443 HOH A O   1 
HETATM 1442 O  O   . HOH H 4 .   ? -12.976 -9.674  -2.262  1.00 48.58  ? 444 HOH A O   1 
HETATM 1443 O  O   . HOH H 4 .   ? 0.614   -8.082  -12.636 1.00 42.42  ? 445 HOH A O   1 
HETATM 1444 O  O   . HOH H 4 .   ? 13.271  -0.306  -11.620 1.00 47.33  ? 446 HOH A O   1 
HETATM 1445 O  O   . HOH H 4 .   ? 2.017   10.500  -8.041  1.00 52.82  ? 447 HOH A O   1 
HETATM 1446 O  O   . HOH H 4 .   ? 10.437  9.581   11.134  1.00 49.68  ? 448 HOH A O   1 
HETATM 1447 O  O   . HOH H 4 .   ? -1.907  14.236  16.588  1.00 41.54  ? 449 HOH A O   1 
HETATM 1448 O  O   . HOH H 4 .   ? 16.350  1.548   -7.671  1.00 70.88  ? 450 HOH A O   1 
HETATM 1449 O  O   . HOH H 4 .   ? 7.496   -9.203  -0.330  1.00 40.81  ? 451 HOH A O   1 
HETATM 1450 O  O   . HOH H 4 .   ? 2.367   12.222  -4.870  1.00 46.04  ? 452 HOH A O   1 
HETATM 1451 O  O   . HOH H 4 .   ? 5.303   -4.017  -10.957 1.00 41.00  ? 453 HOH A O   1 
HETATM 1452 O  O   . HOH H 4 .   ? -3.381  10.909  -8.342  1.00 43.62  ? 454 HOH A O   1 
HETATM 1453 O  O   . HOH H 4 .   ? -12.435 -3.248  1.684   1.00 22.48  ? 455 HOH A O   1 
HETATM 1454 O  O   . HOH H 4 .   ? 4.752   -6.500  -11.640 1.00 42.09  ? 456 HOH A O   1 
HETATM 1455 O  O   . HOH H 4 .   ? -10.559 2.655   5.353   0.50 20.01  ? 457 HOH A O   1 
HETATM 1456 O  O   . HOH H 4 .   ? -4.931  -7.669  10.413  1.00 54.40  ? 458 HOH A O   1 
HETATM 1457 O  O   . HOH H 4 .   ? -8.928  9.099   16.090  1.00 27.23  ? 459 HOH A O   1 
HETATM 1458 O  O   . HOH H 4 .   ? -9.731  12.514  15.301  1.00 37.77  ? 460 HOH A O   1 
HETATM 1459 O  O   . HOH H 4 .   ? -9.329  11.864  19.013  1.00 28.49  ? 461 HOH A O   1 
HETATM 1460 O  O   . HOH H 4 .   ? -8.778  1.430   9.512   1.00 24.28  ? 462 HOH A O   1 
HETATM 1461 O  O   . HOH H 4 .   ? 16.108  -2.912  7.414   1.00 60.32  ? 463 HOH A O   1 
HETATM 1462 O  O   . HOH H 4 .   ? 13.385  -11.061 13.180  1.00 45.11  ? 464 HOH A O   1 
HETATM 1463 O  O   . HOH H 4 .   ? -3.817  -11.516 -21.362 1.00 47.24  ? 465 HOH A O   1 
HETATM 1464 O  O   . HOH H 4 .   ? 18.775  -12.290 8.608   1.00 37.79  ? 466 HOH A O   1 
HETATM 1465 O  O   . HOH H 4 .   ? 12.608  -9.998  19.220  1.00 40.11  ? 467 HOH A O   1 
HETATM 1466 O  O   . HOH H 4 .   ? 7.831   0.533   -13.375 1.00 41.36  ? 468 HOH A O   1 
HETATM 1467 O  O   . HOH H 4 .   ? -15.664 -5.035  -12.808 1.00 41.97  ? 469 HOH A O   1 
HETATM 1468 O  O   . HOH H 4 .   ? -7.039  6.911   -14.731 1.00 89.93  ? 470 HOH A O   1 
HETATM 1469 O  O   . HOH H 4 .   ? 17.822  -1.264  8.130   1.00 59.52  ? 471 HOH A O   1 
HETATM 1470 O  O   . HOH H 4 .   ? -0.225  13.846  -9.360  1.00 53.85  ? 472 HOH A O   1 
HETATM 1471 O  O   . HOH H 4 .   ? -1.759  15.952  -7.495  1.00 65.17  ? 473 HOH A O   1 
# 
